data_8CHF
#
_entry.id   8CHF
#
_cell.length_a   1.00
_cell.length_b   1.00
_cell.length_c   1.00
_cell.angle_alpha   90.00
_cell.angle_beta   90.00
_cell.angle_gamma   90.00
#
_symmetry.space_group_name_H-M   'P 1'
#
loop_
_entity.id
_entity.type
_entity.pdbx_description
1 polymer 'RAF proto-oncogene serine/threonine-protein kinase'
2 polymer '14-3-3 protein zeta isoform X1'
3 polymer 'Dual specificity mitogen-activated protein kinase kinase 1'
4 non-polymer 2-{4-[(1E)-1-(hydroxyimino)-2,3-dihydro-1H-inden-5-yl]-3-(pyridin-4-yl)-1H-pyrazol-1-yl}ethanol
#
loop_
_entity_poly.entity_id
_entity_poly.type
_entity_poly.pdbx_seq_one_letter_code
_entity_poly.pdbx_strand_id
1 'polypeptide(L)'
;MEHIQGAWKTISNGFGFKDAVFDGSSCISPTIVQQFGYQRRASDDGKLTDPSKTSNTIRVFLPNKQRTVVNVRNGMSLHD
CLMKALKVRGLQPECCAVFRLLHEHKGKKARLDWNTDAASLIGEELQVDFLDHVPLTTHNFARKTFLKLAFCDICQKFLL
NGFRCQTCGYKFHEHCSTKVPTMCVDWSNIRQLLLFPNSTIGDSGVPALPSLTMRRMRESVSRMPVSSQHRYSTPHAFTF
NTSSPSSEGSLSQRQRSTSTPNVHMVSTTLPVDSRMIEDAIRSHSESASPSALSSSPNNLSPTGWSQPKTPVPAQRERAP
VSGTQEKNKIRPRGQRDSSYDWEIEASEVMLSTRIGSGSFGTVYKGKWHGDVAVKILKVVDPTPEQFQAFRNEVAVLRKT
RHVNILLFMGYMTKDNLAIVTQWCEGSSLYKHLHVQETKFQMFQLIDIARQTAQGMDYLHAKNIIHRDMKSNNIFLHEGL
TVKIGDFGLATVKSRWSGSQQVEQPTGSVLWMAPEVIRMQDNNPFSFQSDVYSYGIVLYELMTGELPYSHINNRDQIIFM
VGRGYASPDLSKLYKNCPKAMKRLVADCVKKVKEERPLFPQILSSIELLQHSLPKINRSA(SEP)EPSLHRAAHTEDINA
CTLTTSPRLPVF
;
A,B
2 'polypeptide(L)'
;MSVDKEELVQRAKLAEQAERYDDMAAAMKEVTETGVELSNEERNLLSVAYKNVVGARRSSWRVISSIEQKTEGSERKQQM
AKEYRVKVEKELREICYDVLGLLDKHLIPKASNPESKVFYLKMKGDYYRYLAEVATGETRNSVVEDSQKAYQDAFEISKA
KMQPTHPIRLGLALNFSVFYYEILNSPDKACQLAKQAFDDAIAELDTLNEDSYKDSTLIMQLLRDNLTLWTSDTQGDGDE
PAEGGDN
;
C,D
3 'polypeptide(L)'
;MPKKKPTPIQLNPAPDGSAVNGTSSAETNLEALQKKLEELELDEQQRKRLEAFLTQKQKVGELKDDDFEKISELGAGNGG
VVFKVSHKPSGLVMARKLIHLEIKPAIRNQIIRELQVLHECNSPYIVGFYGAFYSDGEISICMEHMDGGSLDQVLKKAGR
IPEQILGKVSIAVIKGLTYLREKHKIMHRDVKPSNILVNSRGEIKLCDFGVSGQLIDAMANAFVGTRSYMSPERLQGTHY
SVQSDIWSMGLSLVEMAVGRYPIPPPDAKELELMFGCQVEGDAAETPPRPRTPGRPLSSYGMDSRPPMAIFELLDYIVNE
PPPKLPSGVFSLEFQDFVNKCLIKNPAERADLKQLMVHAFIKRSDAEEVDFAGWLCSTIGLNQPSTPTHAAGV
;
E,F
#
loop_
_chem_comp.id
_chem_comp.type
_chem_comp.name
_chem_comp.formula
29L non-polymer 2-{4-[(1E)-1-(hydroxyimino)-2,3-dihydro-1H-inden-5-yl]-3-(pyridin-4-yl)-1H-pyrazol-1-yl}ethanol 'C19 H18 N4 O2'
#
# COMPACT_ATOMS: atom_id res chain seq x y z
N ASP A 341 12.35 23.06 -16.20
CA ASP A 341 12.40 22.32 -14.92
C ASP A 341 11.12 21.46 -14.79
N TRP A 342 10.14 21.95 -14.02
CA TRP A 342 8.88 21.19 -13.82
C TRP A 342 7.75 21.84 -14.62
N GLU A 343 8.10 22.74 -15.55
CA GLU A 343 7.08 23.39 -16.41
C GLU A 343 6.14 22.33 -16.98
N ILE A 344 4.88 22.68 -17.23
CA ILE A 344 3.90 21.72 -17.73
C ILE A 344 3.09 22.39 -18.82
N GLU A 345 3.03 21.75 -19.98
CA GLU A 345 2.26 22.29 -21.09
C GLU A 345 0.77 22.13 -20.83
N ALA A 346 -0.01 23.08 -21.31
CA ALA A 346 -1.43 23.14 -20.96
C ALA A 346 -2.22 21.99 -21.58
N SER A 347 -1.89 21.62 -22.82
CA SER A 347 -2.73 20.66 -23.54
C SER A 347 -2.59 19.24 -23.00
N GLU A 348 -1.42 18.88 -22.49
CA GLU A 348 -1.17 17.48 -22.12
C GLU A 348 -2.04 17.04 -20.96
N VAL A 349 -2.25 17.92 -19.97
CA VAL A 349 -2.96 17.54 -18.76
C VAL A 349 -4.43 17.32 -19.09
N MET A 350 -4.98 16.21 -18.63
CA MET A 350 -6.36 15.83 -18.90
C MET A 350 -7.13 15.89 -17.58
N LEU A 351 -7.62 17.08 -17.26
CA LEU A 351 -8.39 17.26 -16.03
C LEU A 351 -9.69 16.48 -16.12
N SER A 352 -10.07 15.83 -15.02
CA SER A 352 -11.21 14.94 -15.03
C SER A 352 -12.37 15.42 -14.16
N THR A 353 -12.15 15.63 -12.87
CA THR A 353 -13.27 15.82 -11.97
C THR A 353 -12.87 16.78 -10.85
N ARG A 354 -13.83 17.55 -10.37
CA ARG A 354 -13.63 18.42 -9.22
C ARG A 354 -13.85 17.61 -7.95
N ILE A 355 -12.75 17.14 -7.35
CA ILE A 355 -12.87 16.38 -6.11
C ILE A 355 -13.25 17.30 -4.96
N GLY A 356 -12.56 18.42 -4.84
CA GLY A 356 -12.81 19.34 -3.76
C GLY A 356 -12.22 20.69 -4.09
N SER A 357 -11.90 21.46 -3.05
CA SER A 357 -11.35 22.79 -3.23
C SER A 357 -10.56 23.17 -2.00
N GLY A 358 -10.12 24.43 -1.97
CA GLY A 358 -9.48 24.98 -0.80
C GLY A 358 -8.03 25.37 -1.02
N SER A 359 -7.54 26.29 -0.20
CA SER A 359 -6.13 26.71 -0.19
C SER A 359 -5.69 27.25 -1.54
N PHE A 360 -6.25 28.40 -1.94
CA PHE A 360 -5.86 29.07 -3.17
C PHE A 360 -6.06 28.20 -4.40
N GLY A 361 -7.21 27.55 -4.49
CA GLY A 361 -7.50 26.83 -5.71
C GLY A 361 -8.49 25.73 -5.47
N THR A 362 -8.55 24.83 -6.44
CA THR A 362 -9.50 23.74 -6.52
C THR A 362 -8.75 22.55 -7.09
N VAL A 363 -9.15 21.34 -6.71
CA VAL A 363 -8.38 20.15 -7.01
C VAL A 363 -9.11 19.32 -8.06
N TYR A 364 -8.36 18.90 -9.07
CA TYR A 364 -8.88 18.12 -10.18
C TYR A 364 -8.06 16.84 -10.32
N LYS A 365 -8.69 15.77 -10.77
CA LYS A 365 -7.99 14.49 -10.96
C LYS A 365 -7.51 14.39 -12.40
N GLY A 366 -6.48 15.17 -12.70
CA GLY A 366 -5.92 15.20 -14.04
C GLY A 366 -5.34 13.86 -14.46
N LYS A 367 -4.70 13.87 -15.63
CA LYS A 367 -4.06 12.69 -16.18
C LYS A 367 -2.79 13.14 -16.90
N TRP A 368 -1.65 12.95 -16.25
CA TRP A 368 -0.34 13.25 -16.85
C TRP A 368 0.61 12.15 -16.42
N HIS A 369 0.85 11.19 -17.31
CA HIS A 369 1.59 9.98 -17.00
C HIS A 369 0.94 9.24 -15.83
N GLY A 370 -0.33 8.93 -15.98
CA GLY A 370 -1.06 8.29 -14.92
C GLY A 370 -1.71 9.30 -14.01
N ASP A 371 -2.35 8.77 -12.97
CA ASP A 371 -3.16 9.58 -12.08
C ASP A 371 -2.33 10.68 -11.42
N VAL A 372 -2.88 11.88 -11.40
CA VAL A 372 -2.29 13.02 -10.72
C VAL A 372 -3.40 13.76 -9.99
N ALA A 373 -3.03 14.89 -9.40
CA ALA A 373 -3.99 15.83 -8.84
C ALA A 373 -3.48 17.24 -9.14
N VAL A 374 -4.38 18.11 -9.55
CA VAL A 374 -4.03 19.45 -9.99
C VAL A 374 -4.71 20.46 -9.07
N LYS A 375 -3.91 21.30 -8.43
CA LYS A 375 -4.40 22.44 -7.70
C LYS A 375 -4.38 23.65 -8.65
N ILE A 376 -5.54 24.26 -8.85
CA ILE A 376 -5.73 25.25 -9.90
C ILE A 376 -6.44 26.47 -9.33
N LEU A 377 -6.02 27.65 -9.75
CA LEU A 377 -6.67 28.88 -9.35
C LEU A 377 -7.96 29.07 -10.15
N LYS A 378 -9.06 29.31 -9.45
CA LYS A 378 -10.35 29.46 -10.13
C LYS A 378 -10.36 30.68 -11.04
N VAL A 379 -9.80 31.79 -10.58
CA VAL A 379 -9.75 33.01 -11.38
C VAL A 379 -8.57 32.91 -12.32
N VAL A 380 -8.82 33.24 -13.60
CA VAL A 380 -7.79 33.12 -14.62
C VAL A 380 -6.68 34.14 -14.41
N ASP A 381 -6.99 35.28 -13.80
CA ASP A 381 -6.04 36.38 -13.78
C ASP A 381 -4.77 36.03 -12.99
N PRO A 382 -3.63 36.61 -13.38
CA PRO A 382 -2.38 36.44 -12.61
C PRO A 382 -2.17 37.57 -11.60
N THR A 383 -2.95 37.56 -10.53
CA THR A 383 -2.80 38.57 -9.50
C THR A 383 -1.40 38.49 -8.90
N PRO A 384 -0.68 39.60 -8.77
CA PRO A 384 0.72 39.52 -8.34
C PRO A 384 0.92 38.84 -7.00
N GLU A 385 0.01 39.05 -6.05
CA GLU A 385 0.18 38.43 -4.74
C GLU A 385 -0.01 36.92 -4.83
N GLN A 386 -1.05 36.47 -5.52
CA GLN A 386 -1.25 35.04 -5.69
C GLN A 386 -0.16 34.44 -6.58
N PHE A 387 0.33 35.20 -7.54
CA PHE A 387 1.48 34.76 -8.33
C PHE A 387 2.70 34.53 -7.45
N GLN A 388 2.98 35.46 -6.54
CA GLN A 388 4.15 35.31 -5.68
C GLN A 388 3.97 34.15 -4.71
N ALA A 389 2.75 33.98 -4.20
CA ALA A 389 2.47 32.81 -3.36
C ALA A 389 2.68 31.52 -4.15
N PHE A 390 2.29 31.53 -5.42
CA PHE A 390 2.49 30.37 -6.28
C PHE A 390 3.98 30.09 -6.48
N ARG A 391 4.77 31.15 -6.69
CA ARG A 391 6.21 30.96 -6.85
C ARG A 391 6.84 30.39 -5.59
N ASN A 392 6.43 30.90 -4.42
CA ASN A 392 6.92 30.33 -3.17
C ASN A 392 6.50 28.89 -3.01
N GLU A 393 5.27 28.57 -3.42
CA GLU A 393 4.80 27.20 -3.37
C GLU A 393 5.68 26.30 -4.23
N VAL A 394 6.01 26.77 -5.44
CA VAL A 394 6.88 26.01 -6.33
C VAL A 394 8.23 25.78 -5.66
N ALA A 395 8.82 26.84 -5.11
CA ALA A 395 10.16 26.71 -4.53
C ALA A 395 10.17 25.75 -3.36
N VAL A 396 9.18 25.87 -2.47
CA VAL A 396 9.16 25.02 -1.28
C VAL A 396 8.88 23.57 -1.66
N LEU A 397 8.01 23.34 -2.65
CA LEU A 397 7.77 21.96 -3.07
C LEU A 397 9.01 21.37 -3.71
N ARG A 398 9.76 22.21 -4.43
CA ARG A 398 11.03 21.73 -5.04
C ARG A 398 12.04 21.45 -3.93
N LYS A 399 11.90 22.08 -2.76
CA LYS A 399 12.79 21.81 -1.64
C LYS A 399 12.56 20.46 -0.98
N THR A 400 11.48 19.75 -1.31
CA THR A 400 11.10 18.54 -0.57
C THR A 400 11.09 17.32 -1.49
N ARG A 401 11.59 16.18 -0.96
CA ARG A 401 11.58 14.96 -1.75
C ARG A 401 11.24 13.72 -0.93
N HIS A 402 10.66 13.87 0.25
CA HIS A 402 10.48 12.75 1.16
C HIS A 402 9.35 11.83 0.71
N VAL A 403 9.33 10.63 1.28
CA VAL A 403 8.29 9.67 0.95
C VAL A 403 6.96 10.08 1.57
N ASN A 404 6.96 10.58 2.80
CA ASN A 404 5.74 10.99 3.47
C ASN A 404 5.35 12.42 3.15
N ILE A 405 5.96 13.01 2.13
CA ILE A 405 5.67 14.38 1.73
C ILE A 405 5.18 14.38 0.29
N LEU A 406 4.12 15.14 0.04
CA LEU A 406 3.42 15.04 -1.23
C LEU A 406 4.40 15.27 -2.37
N LEU A 407 4.30 14.43 -3.40
CA LEU A 407 5.25 14.44 -4.51
C LEU A 407 4.80 15.42 -5.57
N PHE A 408 5.42 16.58 -5.56
CA PHE A 408 5.16 17.67 -6.50
C PHE A 408 5.74 17.32 -7.86
N MET A 409 4.89 16.92 -8.80
CA MET A 409 5.40 16.55 -10.12
C MET A 409 5.76 17.77 -10.97
N GLY A 410 4.99 18.85 -10.89
CA GLY A 410 5.32 20.00 -11.69
C GLY A 410 4.36 21.16 -11.44
N TYR A 411 4.69 22.28 -12.09
CA TYR A 411 3.87 23.50 -11.98
C TYR A 411 3.73 24.07 -13.39
N MET A 412 2.49 24.38 -13.79
CA MET A 412 2.21 24.88 -15.13
C MET A 412 1.74 26.32 -15.02
N THR A 413 2.32 27.19 -15.85
CA THR A 413 2.02 28.60 -15.82
C THR A 413 1.10 29.05 -16.94
N LYS A 414 1.08 28.31 -18.06
CA LYS A 414 0.23 28.69 -19.18
C LYS A 414 -1.24 28.53 -18.80
N ASP A 415 -2.06 29.38 -19.41
CA ASP A 415 -3.50 29.46 -19.09
C ASP A 415 -3.61 29.75 -17.59
N ASN A 416 -4.60 29.17 -16.92
CA ASN A 416 -4.71 29.25 -15.48
C ASN A 416 -3.63 28.43 -14.79
N LEU A 417 -2.88 29.08 -13.90
CA LEU A 417 -1.69 28.49 -13.30
C LEU A 417 -2.08 27.38 -12.32
N ALA A 418 -1.23 26.36 -12.23
CA ALA A 418 -1.61 25.19 -11.45
C ALA A 418 -0.37 24.43 -10.98
N ILE A 419 -0.60 23.54 -10.01
CA ILE A 419 0.37 22.59 -9.50
C ILE A 419 -0.16 21.19 -9.75
N VAL A 420 0.69 20.33 -10.29
CA VAL A 420 0.35 18.93 -10.51
C VAL A 420 1.21 18.08 -9.58
N THR A 421 0.57 17.24 -8.79
CA THR A 421 1.24 16.38 -7.83
C THR A 421 0.66 14.99 -7.94
N GLN A 422 1.21 14.08 -7.13
CA GLN A 422 0.71 12.71 -7.14
C GLN A 422 -0.76 12.65 -6.72
N TRP A 423 -1.53 11.83 -7.43
CA TRP A 423 -2.87 11.52 -6.99
C TRP A 423 -2.78 10.55 -5.83
N CYS A 424 -3.45 10.85 -4.74
CA CYS A 424 -3.41 10.02 -3.54
C CYS A 424 -4.70 9.22 -3.48
N GLU A 425 -4.56 7.89 -3.36
CA GLU A 425 -5.71 7.04 -3.15
C GLU A 425 -6.36 7.38 -1.82
N GLY A 426 -7.68 7.31 -1.79
CA GLY A 426 -8.43 7.73 -0.63
C GLY A 426 -8.38 9.24 -0.46
N SER A 427 -9.35 9.75 0.28
CA SER A 427 -9.46 11.18 0.49
C SER A 427 -8.47 11.62 1.56
N SER A 428 -8.60 12.87 2.01
CA SER A 428 -7.70 13.38 3.03
C SER A 428 -8.00 12.74 4.38
N LEU A 429 -7.12 13.01 5.35
CA LEU A 429 -7.31 12.45 6.68
C LEU A 429 -8.54 13.06 7.35
N TYR A 430 -8.84 14.32 7.06
CA TYR A 430 -10.05 14.91 7.62
C TYR A 430 -11.27 14.10 7.23
N LYS A 431 -11.35 13.66 5.97
CA LYS A 431 -12.46 12.82 5.54
C LYS A 431 -12.43 11.46 6.23
N HIS A 432 -11.25 10.85 6.33
CA HIS A 432 -11.15 9.54 6.96
C HIS A 432 -11.45 9.59 8.44
N LEU A 433 -11.49 10.77 9.04
CA LEU A 433 -11.81 10.91 10.46
C LEU A 433 -13.26 11.34 10.71
N HIS A 434 -13.72 12.39 10.02
CA HIS A 434 -15.01 12.98 10.32
C HIS A 434 -16.00 12.96 9.16
N VAL A 435 -15.68 12.29 8.06
CA VAL A 435 -16.61 12.09 6.96
C VAL A 435 -16.79 10.61 6.65
N GLN A 436 -15.69 9.87 6.59
CA GLN A 436 -15.80 8.43 6.48
C GLN A 436 -16.10 7.80 7.84
N GLU A 437 -15.56 8.39 8.91
CA GLU A 437 -15.67 7.84 10.26
C GLU A 437 -15.21 6.39 10.31
N THR A 438 -14.27 6.03 9.46
CA THR A 438 -13.70 4.69 9.54
C THR A 438 -12.85 4.58 10.79
N LYS A 439 -13.01 3.45 11.50
CA LYS A 439 -12.31 3.27 12.76
C LYS A 439 -10.82 3.13 12.52
N PHE A 440 -10.03 3.73 13.39
CA PHE A 440 -8.58 3.55 13.38
C PHE A 440 -8.16 2.88 14.67
N GLN A 441 -7.67 1.65 14.56
CA GLN A 441 -7.07 0.99 15.71
C GLN A 441 -5.83 1.76 16.13
N MET A 442 -5.55 1.73 17.44
CA MET A 442 -4.46 2.52 17.99
C MET A 442 -3.13 2.20 17.33
N PHE A 443 -2.93 0.95 16.91
CA PHE A 443 -1.76 0.64 16.09
C PHE A 443 -1.73 1.48 14.83
N GLN A 444 -2.81 1.45 14.06
CA GLN A 444 -2.84 2.22 12.81
C GLN A 444 -2.73 3.70 13.08
N LEU A 445 -3.41 4.18 14.11
CA LEU A 445 -3.41 5.61 14.39
C LEU A 445 -2.00 6.08 14.75
N ILE A 446 -1.31 5.32 15.60
CA ILE A 446 0.04 5.70 15.98
C ILE A 446 0.97 5.59 14.79
N ASP A 447 0.72 4.63 13.90
CA ASP A 447 1.51 4.58 12.67
C ASP A 447 1.32 5.84 11.85
N ILE A 448 0.08 6.31 11.73
CA ILE A 448 -0.18 7.53 10.97
C ILE A 448 0.57 8.71 11.60
N ALA A 449 0.51 8.79 12.92
CA ALA A 449 1.23 9.86 13.62
C ALA A 449 2.72 9.77 13.38
N ARG A 450 3.27 8.56 13.42
CA ARG A 450 4.71 8.39 13.21
C ARG A 450 5.11 8.85 11.82
N GLN A 451 4.36 8.43 10.81
CA GLN A 451 4.70 8.78 9.44
C GLN A 451 4.64 10.29 9.25
N THR A 452 3.54 10.90 9.68
CA THR A 452 3.42 12.35 9.50
C THR A 452 4.45 13.11 10.33
N ALA A 453 4.85 12.57 11.47
CA ALA A 453 5.91 13.20 12.24
C ALA A 453 7.23 13.16 11.49
N GLN A 454 7.52 12.02 10.87
CA GLN A 454 8.72 11.97 10.04
C GLN A 454 8.66 13.03 8.95
N GLY A 455 7.48 13.21 8.36
CA GLY A 455 7.34 14.22 7.33
C GLY A 455 7.62 15.62 7.85
N MET A 456 7.04 15.97 8.99
CA MET A 456 7.30 17.28 9.57
C MET A 456 8.76 17.45 9.93
N ASP A 457 9.39 16.41 10.46
CA ASP A 457 10.82 16.49 10.76
C ASP A 457 11.60 16.78 9.49
N TYR A 458 11.17 16.21 8.36
CA TYR A 458 11.85 16.48 7.11
C TYR A 458 11.68 17.94 6.70
N LEU A 459 10.45 18.46 6.76
CA LEU A 459 10.26 19.87 6.44
C LEU A 459 11.12 20.77 7.31
N HIS A 460 11.17 20.48 8.60
CA HIS A 460 11.95 21.30 9.49
C HIS A 460 13.44 21.16 9.25
N ALA A 461 13.89 19.99 8.81
CA ALA A 461 15.31 19.75 8.63
C ALA A 461 15.90 20.66 7.57
N LYS A 462 15.21 20.81 6.44
CA LYS A 462 15.64 21.72 5.39
C LYS A 462 15.18 23.15 5.67
N ASN A 463 14.76 23.43 6.90
CA ASN A 463 14.40 24.77 7.35
C ASN A 463 13.16 25.31 6.63
N ILE A 464 12.08 24.55 6.67
CA ILE A 464 10.78 24.99 6.15
C ILE A 464 9.77 24.94 7.28
N ILE A 465 8.98 25.98 7.41
CA ILE A 465 7.81 25.97 8.27
C ILE A 465 6.59 25.65 7.41
N HIS A 466 5.90 24.57 7.75
CA HIS A 466 4.65 24.26 7.05
C HIS A 466 3.62 25.36 7.26
N ARG A 467 3.51 25.84 8.50
CA ARG A 467 2.74 27.04 8.82
C ARG A 467 1.25 26.79 8.67
N ASP A 468 0.88 25.64 8.09
CA ASP A 468 -0.52 25.37 7.77
C ASP A 468 -0.93 23.95 8.07
N MET A 469 -0.22 23.26 8.96
CA MET A 469 -0.54 21.86 9.21
C MET A 469 -1.94 21.75 9.78
N LYS A 470 -2.74 20.85 9.17
CA LYS A 470 -4.12 20.65 9.56
C LYS A 470 -4.42 19.17 9.37
N SER A 471 -5.70 18.83 9.45
CA SER A 471 -6.13 17.49 9.11
C SER A 471 -6.62 17.38 7.68
N ASN A 472 -6.98 18.50 7.05
CA ASN A 472 -7.34 18.47 5.64
C ASN A 472 -6.13 18.20 4.77
N ASN A 473 -4.93 18.56 5.25
CA ASN A 473 -3.73 18.40 4.44
C ASN A 473 -3.27 16.96 4.39
N ILE A 474 -3.36 16.25 5.51
CA ILE A 474 -2.85 14.88 5.56
C ILE A 474 -3.64 14.00 4.61
N PHE A 475 -2.92 13.24 3.77
CA PHE A 475 -3.53 12.32 2.82
C PHE A 475 -3.09 10.90 3.13
N LEU A 476 -4.00 9.96 2.96
CA LEU A 476 -3.77 8.56 3.33
C LEU A 476 -3.77 7.70 2.08
N HIS A 477 -2.61 7.60 1.43
CA HIS A 477 -2.43 6.66 0.34
C HIS A 477 -2.60 5.24 0.84
N GLU A 478 -2.96 4.33 -0.06
CA GLU A 478 -3.36 2.99 0.34
C GLU A 478 -2.23 2.31 1.11
N GLY A 479 -2.60 1.32 1.91
CA GLY A 479 -1.64 0.69 2.78
C GLY A 479 -1.35 1.47 4.05
N LEU A 480 -2.24 2.38 4.43
CA LEU A 480 -2.13 3.16 5.65
C LEU A 480 -0.89 4.04 5.68
N THR A 481 -0.35 4.38 4.51
CA THR A 481 0.76 5.32 4.46
C THR A 481 0.24 6.75 4.35
N VAL A 482 1.12 7.70 4.64
CA VAL A 482 0.72 9.08 4.87
C VAL A 482 1.53 10.00 3.96
N LYS A 483 0.92 11.10 3.55
CA LYS A 483 1.62 12.15 2.83
C LYS A 483 1.13 13.51 3.32
N ILE A 484 2.06 14.40 3.63
CA ILE A 484 1.67 15.74 4.03
C ILE A 484 1.29 16.57 2.81
N GLY A 485 0.10 17.14 2.86
CA GLY A 485 -0.57 17.71 1.70
C GLY A 485 -0.02 19.06 1.31
N ASP A 486 -0.93 19.97 0.97
CA ASP A 486 -0.51 21.22 0.35
C ASP A 486 0.38 22.00 1.28
N PHE A 487 1.28 22.80 0.69
CA PHE A 487 2.14 23.70 1.51
C PHE A 487 1.93 25.12 1.00
N GLY A 488 0.67 25.51 0.74
CA GLY A 488 0.40 26.81 0.09
C GLY A 488 1.03 28.01 0.78
N LEU A 489 0.88 28.12 2.11
CA LEU A 489 1.60 29.24 2.79
C LEU A 489 2.81 28.68 3.53
N ALA A 490 3.10 27.39 3.36
CA ALA A 490 4.34 26.84 3.95
C ALA A 490 5.53 27.55 3.28
N THR A 491 6.48 28.04 4.07
CA THR A 491 7.60 28.82 3.48
C THR A 491 8.90 28.45 4.18
N VAL A 492 10.04 28.86 3.61
CA VAL A 492 11.35 28.59 4.24
C VAL A 492 11.55 29.65 5.31
N LYS A 493 12.69 29.66 5.98
CA LYS A 493 12.97 30.62 7.05
C LYS A 493 12.83 32.06 6.58
N SER A 494 13.51 32.42 5.49
CA SER A 494 13.49 33.78 4.95
C SER A 494 13.78 34.82 6.03
N ARG A 495 14.72 34.51 6.91
CA ARG A 495 15.01 35.39 8.04
C ARG A 495 15.79 36.62 7.59
N VAL A 502 5.67 37.04 6.36
CA VAL A 502 4.27 37.54 6.45
C VAL A 502 3.42 36.54 7.23
N GLU A 503 2.56 37.01 8.13
CA GLU A 503 1.66 36.09 8.88
C GLU A 503 0.23 36.29 8.36
N GLN A 504 -0.42 35.19 7.97
CA GLN A 504 -1.80 35.27 7.43
C GLN A 504 -2.71 34.32 8.23
N PRO A 505 -3.92 34.75 8.64
CA PRO A 505 -4.84 33.86 9.35
C PRO A 505 -5.19 32.66 8.45
N THR A 506 -5.01 32.80 7.14
CA THR A 506 -5.26 31.66 6.20
C THR A 506 -6.68 31.14 6.40
N GLY A 507 -7.47 31.77 7.28
CA GLY A 507 -8.87 31.36 7.48
C GLY A 507 -9.00 29.90 7.86
N SER A 508 -8.11 29.39 8.71
CA SER A 508 -8.19 27.98 9.17
C SER A 508 -8.07 27.91 10.70
N VAL A 509 -9.20 27.91 11.41
CA VAL A 509 -9.16 27.90 12.86
C VAL A 509 -9.34 26.47 13.35
N LEU A 510 -9.02 26.25 14.63
CA LEU A 510 -8.97 24.96 15.33
C LEU A 510 -7.65 24.23 15.08
N TRP A 511 -6.74 24.78 14.29
CA TRP A 511 -5.43 24.15 14.13
C TRP A 511 -4.36 25.19 14.33
N MET A 512 -4.73 26.45 14.17
CA MET A 512 -3.76 27.51 14.38
C MET A 512 -3.38 27.59 15.85
N ALA A 513 -2.14 27.95 16.09
CA ALA A 513 -1.61 28.00 17.43
C ALA A 513 -1.98 29.30 18.11
N PRO A 514 -2.14 29.29 19.43
CA PRO A 514 -2.55 30.53 20.11
C PRO A 514 -1.58 31.66 19.88
N GLU A 515 -0.28 31.40 19.98
CA GLU A 515 0.69 32.46 19.74
C GLU A 515 0.65 32.90 18.28
N VAL A 516 0.31 31.99 17.38
CA VAL A 516 0.07 32.38 15.99
C VAL A 516 -1.20 33.23 15.90
N ILE A 517 -2.18 32.90 16.73
CA ILE A 517 -3.42 33.68 16.75
C ILE A 517 -3.16 35.07 17.30
N ARG A 518 -2.36 35.17 18.36
CA ARG A 518 -2.20 36.44 19.06
C ARG A 518 -1.57 37.50 18.15
N MET A 519 -0.56 37.12 17.37
CA MET A 519 0.02 37.99 16.35
C MET A 519 0.54 39.29 16.97
N GLN A 520 1.56 39.13 17.82
CA GLN A 520 2.16 40.25 18.53
C GLN A 520 3.45 40.73 17.89
N ASP A 521 4.31 39.81 17.46
CA ASP A 521 5.65 40.16 16.99
C ASP A 521 5.73 40.37 15.48
N ASN A 522 4.63 40.17 14.76
CA ASN A 522 4.51 40.26 13.30
C ASN A 522 5.24 39.12 12.60
N ASN A 523 5.91 38.23 13.34
CA ASN A 523 6.54 37.04 12.75
C ASN A 523 6.42 35.86 13.71
N PRO A 524 5.18 35.51 14.11
CA PRO A 524 4.97 34.45 15.10
C PRO A 524 4.81 33.06 14.46
N PHE A 525 5.72 32.72 13.55
CA PHE A 525 5.70 31.42 12.88
C PHE A 525 7.00 30.71 13.22
N SER A 526 6.92 29.68 14.05
CA SER A 526 8.09 28.95 14.48
C SER A 526 7.85 27.47 14.30
N PHE A 527 8.93 26.69 14.47
CA PHE A 527 8.79 25.24 14.46
C PHE A 527 7.78 24.80 15.49
N GLN A 528 7.75 25.48 16.64
CA GLN A 528 6.80 25.12 17.69
C GLN A 528 5.37 25.39 17.26
N SER A 529 5.15 26.35 16.37
CA SER A 529 3.81 26.52 15.82
C SER A 529 3.40 25.26 15.06
N ASP A 530 4.30 24.74 14.23
CA ASP A 530 4.03 23.50 13.51
C ASP A 530 3.86 22.34 14.48
N VAL A 531 4.63 22.34 15.57
CA VAL A 531 4.51 21.29 16.57
C VAL A 531 3.12 21.33 17.19
N TYR A 532 2.63 22.52 17.49
CA TYR A 532 1.30 22.63 18.07
C TYR A 532 0.23 22.20 17.07
N SER A 533 0.43 22.51 15.80
CA SER A 533 -0.49 21.99 14.79
C SER A 533 -0.46 20.47 14.78
N TYR A 534 0.73 19.89 14.87
CA TYR A 534 0.86 18.45 14.97
C TYR A 534 0.11 17.91 16.17
N GLY A 535 0.24 18.60 17.30
CA GLY A 535 -0.45 18.14 18.50
C GLY A 535 -1.95 18.21 18.34
N ILE A 536 -2.44 19.23 17.65
CA ILE A 536 -3.87 19.34 17.41
C ILE A 536 -4.34 18.20 16.53
N VAL A 537 -3.53 17.85 15.52
CA VAL A 537 -3.89 16.73 14.65
C VAL A 537 -3.93 15.44 15.45
N LEU A 538 -2.93 15.23 16.31
CA LEU A 538 -2.96 14.07 17.19
C LEU A 538 -4.21 14.09 18.06
N TYR A 539 -4.58 15.26 18.55
CA TYR A 539 -5.73 15.38 19.43
C TYR A 539 -7.01 14.97 18.71
N GLU A 540 -7.19 15.46 17.48
CA GLU A 540 -8.41 15.10 16.75
C GLU A 540 -8.37 13.66 16.29
N LEU A 541 -7.17 13.12 16.03
CA LEU A 541 -7.06 11.71 15.70
C LEU A 541 -7.46 10.85 16.89
N MET A 542 -7.07 11.25 18.09
CA MET A 542 -7.28 10.45 19.28
C MET A 542 -8.47 10.91 20.12
N THR A 543 -9.32 11.79 19.58
CA THR A 543 -10.61 12.03 20.21
C THR A 543 -11.78 11.62 19.33
N GLY A 544 -11.58 11.53 18.02
CA GLY A 544 -12.64 11.19 17.11
C GLY A 544 -13.48 12.35 16.64
N GLU A 545 -13.21 13.57 17.12
CA GLU A 545 -13.97 14.74 16.71
C GLU A 545 -13.01 15.91 16.55
N LEU A 546 -13.54 17.04 16.13
CA LEU A 546 -12.73 18.24 16.00
C LEU A 546 -12.38 18.78 17.38
N PRO A 547 -11.29 19.53 17.49
CA PRO A 547 -10.93 20.09 18.79
C PRO A 547 -11.96 21.10 19.28
N TYR A 548 -12.15 21.12 20.59
CA TYR A 548 -13.05 22.07 21.26
C TYR A 548 -14.48 21.89 20.77
N SER A 549 -15.00 20.67 20.93
CA SER A 549 -16.36 20.35 20.42
C SER A 549 -17.43 21.23 21.09
N HIS A 550 -17.35 21.40 22.41
CA HIS A 550 -18.42 22.17 23.12
C HIS A 550 -18.45 23.61 22.59
N ILE A 551 -17.29 24.20 22.32
CA ILE A 551 -17.29 25.56 21.70
C ILE A 551 -17.88 25.43 20.29
N ASN A 552 -18.70 26.40 19.87
CA ASN A 552 -19.36 26.30 18.54
C ASN A 552 -18.92 27.47 17.64
N ASN A 553 -19.39 28.69 17.94
CA ASN A 553 -19.06 29.83 17.10
C ASN A 553 -17.57 29.90 16.81
N ARG A 554 -17.23 30.30 15.58
CA ARG A 554 -15.84 30.39 15.17
C ARG A 554 -15.13 31.55 15.89
N ASP A 555 -15.75 32.73 15.90
CA ASP A 555 -15.11 33.84 16.57
C ASP A 555 -15.17 33.69 18.08
N GLN A 556 -16.05 32.84 18.59
CA GLN A 556 -15.96 32.46 20.00
C GLN A 556 -14.73 31.62 20.26
N ILE A 557 -14.51 30.60 19.42
CA ILE A 557 -13.42 29.66 19.68
C ILE A 557 -12.07 30.33 19.46
N ILE A 558 -11.97 31.23 18.49
CA ILE A 558 -10.70 31.94 18.31
C ILE A 558 -10.34 32.72 19.56
N PHE A 559 -11.32 33.38 20.18
CA PHE A 559 -11.03 34.12 21.39
C PHE A 559 -10.72 33.19 22.55
N MET A 560 -11.47 32.09 22.65
CA MET A 560 -11.30 31.17 23.78
C MET A 560 -9.92 30.53 23.76
N VAL A 561 -9.45 30.11 22.58
CA VAL A 561 -8.12 29.53 22.52
C VAL A 561 -7.04 30.59 22.56
N GLY A 562 -7.36 31.81 22.11
CA GLY A 562 -6.36 32.86 22.09
C GLY A 562 -6.01 33.38 23.46
N ARG A 563 -7.02 33.82 24.22
CA ARG A 563 -6.76 34.26 25.57
C ARG A 563 -6.35 33.12 26.49
N GLY A 564 -6.49 31.88 26.02
CA GLY A 564 -6.12 30.73 26.80
C GLY A 564 -7.16 30.26 27.78
N TYR A 565 -8.32 30.92 27.84
CA TYR A 565 -9.36 30.50 28.76
C TYR A 565 -9.76 29.06 28.48
N ALA A 566 -9.82 28.68 27.22
CA ALA A 566 -10.17 27.32 26.83
C ALA A 566 -8.91 26.52 26.54
N SER A 567 -8.99 25.22 26.80
CA SER A 567 -7.93 24.26 26.51
C SER A 567 -8.57 22.98 26.02
N PRO A 568 -7.85 22.18 25.23
CA PRO A 568 -8.39 20.88 24.81
C PRO A 568 -8.63 19.98 26.00
N ASP A 569 -9.77 19.30 25.98
CA ASP A 569 -10.18 18.41 27.08
C ASP A 569 -9.52 17.06 26.87
N LEU A 570 -8.44 16.81 27.62
CA LEU A 570 -7.69 15.57 27.44
C LEU A 570 -8.51 14.35 27.80
N SER A 571 -9.43 14.50 28.76
CA SER A 571 -10.29 13.38 29.14
C SER A 571 -11.16 12.92 27.99
N LYS A 572 -11.35 13.76 26.97
CA LYS A 572 -12.18 13.39 25.83
C LYS A 572 -11.50 12.40 24.90
N LEU A 573 -10.22 12.13 25.09
CA LEU A 573 -9.49 11.21 24.24
C LEU A 573 -10.08 9.80 24.36
N TYR A 574 -9.64 8.91 23.47
CA TYR A 574 -10.06 7.53 23.55
C TYR A 574 -9.61 6.90 24.87
N LYS A 575 -10.47 6.05 25.42
CA LYS A 575 -10.11 5.29 26.61
C LYS A 575 -8.95 4.36 26.34
N ASN A 576 -8.97 3.67 25.20
CA ASN A 576 -7.94 2.72 24.85
C ASN A 576 -6.87 3.45 24.04
N CYS A 577 -5.72 3.69 24.66
CA CYS A 577 -4.57 4.33 24.04
C CYS A 577 -3.41 4.24 25.01
N PRO A 578 -2.17 4.17 24.53
CA PRO A 578 -1.02 4.09 25.44
C PRO A 578 -0.81 5.39 26.20
N LYS A 579 -0.48 5.26 27.48
CA LYS A 579 -0.39 6.43 28.35
C LYS A 579 0.75 7.35 27.92
N ALA A 580 1.85 6.79 27.42
CA ALA A 580 2.94 7.62 26.92
C ALA A 580 2.47 8.49 25.78
N MET A 581 1.59 7.94 24.93
CA MET A 581 1.02 8.75 23.85
C MET A 581 0.17 9.89 24.40
N LYS A 582 -0.60 9.61 25.45
CA LYS A 582 -1.41 10.65 26.08
C LYS A 582 -0.54 11.78 26.62
N ARG A 583 0.54 11.41 27.32
CA ARG A 583 1.43 12.44 27.85
C ARG A 583 2.14 13.19 26.73
N LEU A 584 2.45 12.51 25.63
CA LEU A 584 3.06 13.21 24.49
C LEU A 584 2.10 14.20 23.87
N VAL A 585 0.82 13.82 23.74
CA VAL A 585 -0.18 14.75 23.21
C VAL A 585 -0.28 15.96 24.13
N ALA A 586 -0.33 15.72 25.44
CA ALA A 586 -0.45 16.81 26.39
C ALA A 586 0.76 17.74 26.33
N ASP A 587 1.96 17.16 26.23
CA ASP A 587 3.16 17.98 26.15
C ASP A 587 3.24 18.72 24.83
N CYS A 588 2.74 18.12 23.75
CA CYS A 588 2.75 18.76 22.45
C CYS A 588 1.70 19.85 22.34
N VAL A 589 0.66 19.81 23.16
CA VAL A 589 -0.41 20.79 23.09
C VAL A 589 -0.26 21.85 24.19
N LYS A 590 0.93 21.92 24.81
CA LYS A 590 1.16 22.91 25.85
C LYS A 590 0.96 24.32 25.31
N LYS A 591 0.21 25.13 26.04
CA LYS A 591 -0.09 26.47 25.59
C LYS A 591 1.18 27.30 25.45
N VAL A 592 2.16 27.03 26.30
CA VAL A 592 3.39 27.81 26.31
C VAL A 592 4.36 27.24 25.28
N LYS A 593 4.96 28.14 24.50
CA LYS A 593 5.69 27.70 23.31
C LYS A 593 6.90 26.86 23.66
N GLU A 594 7.77 27.34 24.55
CA GLU A 594 9.08 26.73 24.72
C GLU A 594 8.99 25.33 25.29
N GLU A 595 7.88 24.97 25.94
CA GLU A 595 7.74 23.64 26.52
C GLU A 595 7.11 22.64 25.55
N ARG A 596 6.73 23.07 24.36
CA ARG A 596 6.33 22.09 23.35
C ARG A 596 7.58 21.45 22.75
N PRO A 597 7.53 20.16 22.46
CA PRO A 597 8.75 19.44 22.05
C PRO A 597 9.08 19.66 20.58
N LEU A 598 10.36 19.89 20.33
CA LEU A 598 10.85 19.94 18.96
C LEU A 598 10.70 18.59 18.29
N PHE A 599 10.55 18.62 16.96
CA PHE A 599 10.11 17.42 16.24
C PHE A 599 11.01 16.21 16.37
N PRO A 600 12.34 16.31 16.34
CA PRO A 600 13.15 15.12 16.63
C PRO A 600 12.82 14.46 17.96
N GLN A 601 12.53 15.25 19.01
CA GLN A 601 12.22 14.64 20.29
C GLN A 601 10.87 13.93 20.27
N ILE A 602 9.85 14.54 19.66
CA ILE A 602 8.56 13.87 19.56
C ILE A 602 8.69 12.62 18.71
N LEU A 603 9.56 12.65 17.69
CA LEU A 603 9.80 11.48 16.89
C LEU A 603 10.44 10.38 17.72
N SER A 604 11.39 10.74 18.57
CA SER A 604 12.00 9.74 19.46
C SER A 604 10.98 9.13 20.40
N SER A 605 10.09 9.97 20.95
CA SER A 605 9.05 9.47 21.83
C SER A 605 8.12 8.52 21.09
N ILE A 606 7.77 8.85 19.86
CA ILE A 606 6.89 7.99 19.08
C ILE A 606 7.59 6.67 18.76
N GLU A 607 8.89 6.71 18.49
CA GLU A 607 9.62 5.47 18.23
C GLU A 607 9.65 4.59 19.47
N LEU A 608 9.86 5.19 20.64
CA LEU A 608 9.74 4.45 21.89
C LEU A 608 8.37 3.80 22.01
N LEU A 609 7.33 4.57 21.69
CA LEU A 609 5.97 4.04 21.72
C LEU A 609 5.83 2.83 20.80
N GLN A 610 6.40 2.93 19.60
CA GLN A 610 6.35 1.81 18.67
C GLN A 610 7.02 0.58 19.26
N HIS A 611 8.17 0.78 19.90
CA HIS A 611 8.87 -0.32 20.54
C HIS A 611 8.09 -0.91 21.70
N SER A 612 7.18 -0.15 22.29
CA SER A 612 6.34 -0.63 23.38
C SER A 612 4.87 -0.68 22.98
N LEU A 613 4.60 -1.11 21.76
CA LEU A 613 3.23 -1.13 21.26
C LEU A 613 2.60 -2.49 21.52
N PRO A 614 1.50 -2.59 22.31
CA PRO A 614 0.80 -3.86 22.46
C PRO A 614 -0.05 -4.04 21.20
N LYS A 615 0.50 -4.66 20.17
CA LYS A 615 -0.22 -4.77 18.87
C LYS A 615 -1.54 -5.53 19.06
N ILE A 616 -1.53 -6.61 19.84
CA ILE A 616 -2.77 -7.43 20.03
C ILE A 616 -3.23 -7.29 21.48
N ASN A 617 -4.47 -6.83 21.69
CA ASN A 617 -5.02 -6.71 23.06
C ASN A 617 -5.11 -8.10 23.69
N ARG A 618 -5.56 -9.10 22.92
CA ARG A 618 -5.67 -10.49 23.45
C ARG A 618 -4.31 -11.18 23.31
N SER A 619 -4.08 -12.24 24.09
CA SER A 619 -2.79 -12.99 24.00
C SER A 619 -2.94 -14.17 23.03
N ALA A 620 -2.40 -14.04 21.82
CA ALA A 620 -2.51 -15.12 20.80
C ALA A 620 -1.66 -16.31 21.25
N SEP A 621 -2.13 -17.53 20.98
CA SEP A 621 -1.40 -18.73 21.46
CB SEP A 621 -2.40 -19.64 22.11
OG SEP A 621 -3.48 -19.82 21.15
C SEP A 621 -0.70 -19.41 20.28
O SEP A 621 -0.30 -18.69 19.34
P SEP A 621 -4.90 -20.39 21.66
O1P SEP A 621 -4.61 -21.75 22.27
O2P SEP A 621 -5.78 -20.49 20.42
O3P SEP A 621 -5.42 -19.39 22.67
N GLU A 622 -0.56 -20.73 20.33
CA GLU A 622 0.02 -21.50 19.20
C GLU A 622 -0.88 -21.33 17.97
N PRO A 623 -0.39 -20.79 16.84
CA PRO A 623 -1.19 -20.67 15.62
C PRO A 623 -1.37 -22.00 14.90
N SER A 624 -2.45 -22.06 14.14
CA SER A 624 -2.73 -23.24 13.32
C SER A 624 -1.59 -23.44 12.33
N LEU A 625 -0.84 -24.51 12.52
CA LEU A 625 0.41 -24.72 11.79
C LEU A 625 0.18 -24.68 10.28
N HIS A 626 1.03 -23.93 9.58
CA HIS A 626 0.96 -23.73 8.14
C HIS A 626 -0.47 -23.56 7.63
N ASP B 341 21.68 21.84 -1.83
CA ASP B 341 20.56 21.16 -2.54
C ASP B 341 20.20 19.87 -1.81
N TRP B 342 20.70 18.73 -2.31
CA TRP B 342 20.39 17.41 -1.69
C TRP B 342 21.62 16.89 -0.95
N GLU B 343 22.60 17.77 -0.71
CA GLU B 343 23.83 17.37 0.04
C GLU B 343 23.41 16.65 1.33
N ILE B 344 24.23 15.72 1.81
CA ILE B 344 23.89 14.95 2.99
C ILE B 344 25.14 14.85 3.86
N GLU B 345 25.02 15.23 5.12
CA GLU B 345 26.14 15.15 6.05
C GLU B 345 26.40 13.71 6.43
N ALA B 346 27.68 13.40 6.66
CA ALA B 346 28.08 12.01 6.84
C ALA B 346 27.57 11.44 8.15
N SER B 347 27.56 12.24 9.23
CA SER B 347 27.25 11.70 10.54
C SER B 347 25.79 11.35 10.71
N GLU B 348 24.88 12.08 10.06
CA GLU B 348 23.46 11.91 10.31
C GLU B 348 22.97 10.54 9.87
N VAL B 349 23.45 10.05 8.74
CA VAL B 349 22.93 8.80 8.19
C VAL B 349 23.37 7.64 9.07
N MET B 350 22.41 6.78 9.40
CA MET B 350 22.65 5.64 10.27
C MET B 350 22.48 4.37 9.45
N LEU B 351 23.58 3.95 8.80
CA LEU B 351 23.56 2.76 7.99
C LEU B 351 23.35 1.54 8.89
N SER B 352 22.53 0.60 8.41
CA SER B 352 22.14 -0.53 9.25
C SER B 352 22.65 -1.86 8.71
N THR B 353 22.30 -2.24 7.49
CA THR B 353 22.53 -3.61 7.05
C THR B 353 22.85 -3.62 5.57
N ARG B 354 23.67 -4.57 5.15
CA ARG B 354 23.96 -4.79 3.74
C ARG B 354 22.88 -5.69 3.16
N ILE B 355 21.89 -5.09 2.51
CA ILE B 355 20.83 -5.88 1.89
C ILE B 355 21.35 -6.61 0.66
N GLY B 356 22.06 -5.89 -0.20
CA GLY B 356 22.57 -6.47 -1.41
C GLY B 356 23.67 -5.59 -1.98
N SER B 357 23.86 -5.68 -3.29
CA SER B 357 24.90 -4.91 -3.95
C SER B 357 24.54 -4.74 -5.41
N GLY B 358 25.48 -4.17 -6.17
CA GLY B 358 25.33 -4.07 -7.60
C GLY B 358 25.26 -2.64 -8.10
N SER B 359 25.61 -2.45 -9.39
CA SER B 359 25.50 -1.17 -10.07
C SER B 359 26.30 -0.08 -9.38
N PHE B 360 27.62 -0.20 -9.39
CA PHE B 360 28.51 0.81 -8.84
C PHE B 360 28.26 1.07 -7.36
N GLY B 361 28.10 0.01 -6.59
CA GLY B 361 28.00 0.21 -5.16
C GLY B 361 27.30 -0.94 -4.49
N THR B 362 26.87 -0.67 -3.26
CA THR B 362 26.26 -1.63 -2.36
C THR B 362 25.16 -0.89 -1.61
N VAL B 363 24.11 -1.61 -1.23
CA VAL B 363 22.92 -0.97 -0.69
C VAL B 363 22.80 -1.25 0.80
N TYR B 364 22.56 -0.19 1.56
CA TYR B 364 22.42 -0.25 3.00
C TYR B 364 21.08 0.34 3.41
N LYS B 365 20.53 -0.17 4.50
CA LYS B 365 19.25 0.34 5.00
C LYS B 365 19.49 1.41 6.06
N GLY B 366 19.92 2.57 5.57
CA GLY B 366 20.23 3.68 6.45
C GLY B 366 19.02 4.18 7.21
N LYS B 367 19.23 5.27 7.94
CA LYS B 367 18.17 5.91 8.71
C LYS B 367 18.38 7.42 8.64
N TRP B 368 17.59 8.09 7.80
CA TRP B 368 17.63 9.54 7.69
C TRP B 368 16.20 10.02 7.51
N HIS B 369 15.60 10.49 8.61
CA HIS B 369 14.18 10.81 8.65
C HIS B 369 13.34 9.59 8.26
N GLY B 370 13.55 8.50 8.98
CA GLY B 370 12.86 7.28 8.66
C GLY B 370 13.65 6.45 7.69
N ASP B 371 13.03 5.33 7.31
CA ASP B 371 13.70 4.32 6.49
C ASP B 371 14.15 4.91 5.16
N VAL B 372 15.38 4.60 4.77
CA VAL B 372 15.94 4.98 3.49
C VAL B 372 16.71 3.79 2.94
N ALA B 373 17.37 4.00 1.81
CA ALA B 373 18.31 3.05 1.26
C ALA B 373 19.47 3.85 0.67
N VAL B 374 20.69 3.39 0.92
CA VAL B 374 21.89 4.11 0.53
C VAL B 374 22.67 3.24 -0.44
N LYS B 375 22.91 3.76 -1.63
CA LYS B 375 23.83 3.17 -2.59
C LYS B 375 25.20 3.81 -2.39
N ILE B 376 26.19 2.98 -2.10
CA ILE B 376 27.49 3.46 -1.64
C ILE B 376 28.60 2.75 -2.40
N LEU B 377 29.64 3.51 -2.76
CA LEU B 377 30.79 2.92 -3.43
C LEU B 377 31.67 2.21 -2.42
N LYS B 378 32.00 0.96 -2.70
CA LYS B 378 32.81 0.16 -1.78
C LYS B 378 34.20 0.76 -1.60
N VAL B 379 34.81 1.20 -2.68
CA VAL B 379 36.14 1.80 -2.62
C VAL B 379 36.00 3.26 -2.20
N VAL B 380 36.81 3.68 -1.23
CA VAL B 380 36.72 5.03 -0.71
C VAL B 380 37.15 6.06 -1.75
N ASP B 381 38.05 5.69 -2.66
CA ASP B 381 38.68 6.67 -3.52
C ASP B 381 37.68 7.36 -4.45
N PRO B 382 37.92 8.63 -4.80
CA PRO B 382 37.09 9.34 -5.79
C PRO B 382 37.64 9.22 -7.20
N THR B 383 37.52 8.05 -7.79
CA THR B 383 38.00 7.85 -9.15
C THR B 383 37.24 8.78 -10.09
N PRO B 384 37.93 9.52 -10.97
CA PRO B 384 37.24 10.54 -11.77
C PRO B 384 36.10 9.99 -12.62
N GLU B 385 36.26 8.79 -13.16
CA GLU B 385 35.20 8.22 -14.00
C GLU B 385 33.97 7.88 -13.18
N GLN B 386 34.17 7.22 -12.04
CA GLN B 386 33.05 6.91 -11.16
C GLN B 386 32.47 8.18 -10.55
N PHE B 387 33.31 9.18 -10.29
CA PHE B 387 32.80 10.47 -9.84
C PHE B 387 31.88 11.09 -10.88
N GLN B 388 32.29 11.06 -12.15
CA GLN B 388 31.46 11.66 -13.20
C GLN B 388 30.16 10.88 -13.37
N ALA B 389 30.24 9.56 -13.28
CA ALA B 389 29.03 8.75 -13.33
C ALA B 389 28.11 9.09 -12.16
N PHE B 390 28.69 9.35 -11.00
CA PHE B 390 27.91 9.74 -9.83
C PHE B 390 27.24 11.08 -10.07
N ARG B 391 27.97 12.03 -10.65
CA ARG B 391 27.38 13.34 -10.95
C ARG B 391 26.22 13.22 -11.94
N ASN B 392 26.39 12.40 -12.98
CA ASN B 392 25.30 12.16 -13.91
C ASN B 392 24.12 11.50 -13.22
N GLU B 393 24.40 10.57 -12.30
CA GLU B 393 23.34 9.92 -11.54
C GLU B 393 22.57 10.95 -10.73
N VAL B 394 23.29 11.88 -10.09
CA VAL B 394 22.64 12.93 -9.32
C VAL B 394 21.75 13.77 -10.22
N ALA B 395 22.28 14.19 -11.37
CA ALA B 395 21.52 15.08 -12.25
C ALA B 395 20.26 14.39 -12.76
N VAL B 396 20.39 13.14 -13.20
CA VAL B 396 19.24 12.44 -13.76
C VAL B 396 18.21 12.15 -12.68
N LEU B 397 18.65 11.81 -11.47
CA LEU B 397 17.66 11.58 -10.41
C LEU B 397 16.96 12.87 -10.05
N ARG B 398 17.68 13.99 -10.12
CA ARG B 398 17.05 15.31 -9.84
C ARG B 398 16.07 15.64 -10.97
N LYS B 399 16.27 15.06 -12.16
CA LYS B 399 15.33 15.30 -13.25
C LYS B 399 14.00 14.57 -13.08
N THR B 400 13.85 13.67 -12.12
CA THR B 400 12.67 12.82 -12.02
C THR B 400 11.94 13.05 -10.71
N ARG B 401 10.59 13.06 -10.79
CA ARG B 401 9.80 13.24 -9.58
C ARG B 401 8.54 12.37 -9.55
N HIS B 402 8.46 11.33 -10.37
CA HIS B 402 7.22 10.60 -10.54
C HIS B 402 6.95 9.68 -9.35
N VAL B 403 5.71 9.21 -9.25
CA VAL B 403 5.34 8.30 -8.17
C VAL B 403 5.93 6.93 -8.40
N ASN B 404 5.94 6.44 -9.63
CA ASN B 404 6.47 5.12 -9.95
C ASN B 404 7.97 5.14 -10.21
N ILE B 405 8.64 6.24 -9.86
CA ILE B 405 10.07 6.39 -10.07
C ILE B 405 10.73 6.61 -8.72
N LEU B 406 11.85 5.92 -8.50
CA LEU B 406 12.44 5.89 -7.18
C LEU B 406 12.71 7.31 -6.69
N LEU B 407 12.38 7.56 -5.43
CA LEU B 407 12.45 8.90 -4.88
C LEU B 407 13.83 9.15 -4.31
N PHE B 408 14.64 9.87 -5.07
CA PHE B 408 16.01 10.24 -4.70
C PHE B 408 15.97 11.33 -3.65
N MET B 409 16.24 10.95 -2.38
CA MET B 409 16.22 11.96 -1.33
C MET B 409 17.45 12.84 -1.33
N GLY B 410 18.63 12.30 -1.62
CA GLY B 410 19.80 13.13 -1.62
C GLY B 410 21.04 12.36 -2.03
N TYR B 411 22.14 13.12 -2.14
CA TYR B 411 23.45 12.54 -2.50
C TYR B 411 24.49 13.15 -1.56
N MET B 412 25.32 12.31 -0.95
CA MET B 412 26.32 12.75 0.01
C MET B 412 27.70 12.52 -0.58
N THR B 413 28.55 13.54 -0.51
CA THR B 413 29.88 13.47 -1.08
C THR B 413 30.97 13.26 -0.05
N LYS B 414 30.73 13.64 1.20
CA LYS B 414 31.74 13.48 2.24
C LYS B 414 31.96 12.00 2.52
N ASP B 415 33.20 11.68 2.91
CA ASP B 415 33.63 10.30 3.12
C ASP B 415 33.41 9.55 1.80
N ASN B 416 33.00 8.29 1.87
CA ASN B 416 32.60 7.53 0.71
C ASN B 416 31.28 8.03 0.14
N LEU B 417 31.28 8.38 -1.14
CA LEU B 417 30.15 9.05 -1.79
C LEU B 417 28.97 8.09 -1.93
N ALA B 418 27.76 8.63 -1.82
CA ALA B 418 26.59 7.77 -1.79
C ALA B 418 25.35 8.51 -2.25
N ILE B 419 24.32 7.72 -2.55
CA ILE B 419 22.97 8.19 -2.87
C ILE B 419 22.01 7.63 -1.83
N VAL B 420 21.17 8.49 -1.29
CA VAL B 420 20.14 8.09 -0.34
C VAL B 420 18.78 8.28 -1.00
N THR B 421 17.99 7.22 -1.04
CA THR B 421 16.67 7.24 -1.66
C THR B 421 15.68 6.57 -0.72
N GLN B 422 14.43 6.53 -1.14
CA GLN B 422 13.39 5.89 -0.33
C GLN B 422 13.69 4.41 -0.13
N TRP B 423 13.50 3.95 1.09
CA TRP B 423 13.52 2.52 1.34
C TRP B 423 12.23 1.92 0.83
N CYS B 424 12.34 0.87 0.03
CA CYS B 424 11.19 0.22 -0.56
C CYS B 424 10.89 -1.05 0.19
N GLU B 425 9.64 -1.18 0.66
CA GLU B 425 9.21 -2.42 1.30
C GLU B 425 9.26 -3.55 0.29
N GLY B 426 9.64 -4.73 0.76
CA GLY B 426 9.86 -5.85 -0.13
C GLY B 426 11.10 -5.66 -0.98
N SER B 427 11.61 -6.77 -1.48
CA SER B 427 12.82 -6.75 -2.26
C SER B 427 12.50 -6.31 -3.69
N SER B 428 13.47 -6.44 -4.60
CA SER B 428 13.26 -6.06 -5.97
C SER B 428 12.32 -7.04 -6.67
N LEU B 429 11.92 -6.67 -7.89
CA LEU B 429 11.04 -7.54 -8.65
C LEU B 429 11.74 -8.83 -9.05
N TYR B 430 13.05 -8.77 -9.28
CA TYR B 430 13.78 -10.00 -9.59
C TYR B 430 13.61 -11.01 -8.47
N LYS B 431 13.70 -10.56 -7.22
CA LYS B 431 13.50 -11.46 -6.09
C LYS B 431 12.06 -11.95 -6.04
N HIS B 432 11.09 -11.06 -6.25
CA HIS B 432 9.69 -11.47 -6.19
C HIS B 432 9.31 -12.41 -7.30
N LEU B 433 10.15 -12.54 -8.33
CA LEU B 433 9.89 -13.46 -9.44
C LEU B 433 10.66 -14.76 -9.33
N HIS B 434 11.97 -14.70 -9.10
CA HIS B 434 12.83 -15.87 -9.16
C HIS B 434 13.55 -16.20 -7.86
N VAL B 435 13.24 -15.51 -6.76
CA VAL B 435 13.76 -15.84 -5.45
C VAL B 435 12.64 -16.08 -4.44
N GLN B 436 11.64 -15.20 -4.45
CA GLN B 436 10.46 -15.48 -3.65
C GLN B 436 9.54 -16.46 -4.36
N GLU B 437 9.50 -16.40 -5.70
CA GLU B 437 8.58 -17.20 -6.50
C GLU B 437 7.14 -17.05 -6.04
N THR B 438 6.79 -15.88 -5.51
CA THR B 438 5.42 -15.62 -5.15
C THR B 438 4.58 -15.49 -6.41
N LYS B 439 3.42 -16.11 -6.41
CA LYS B 439 2.58 -16.12 -7.60
C LYS B 439 2.03 -14.73 -7.85
N PHE B 440 1.98 -14.35 -9.13
CA PHE B 440 1.34 -13.11 -9.54
C PHE B 440 0.16 -13.44 -10.43
N GLN B 441 -1.04 -13.15 -9.94
CA GLN B 441 -2.22 -13.25 -10.78
C GLN B 441 -2.12 -12.24 -11.92
N MET B 442 -2.70 -12.62 -13.06
CA MET B 442 -2.57 -11.80 -14.27
C MET B 442 -3.06 -10.38 -14.04
N PHE B 443 -4.08 -10.20 -13.19
CA PHE B 443 -4.46 -8.84 -12.79
C PHE B 443 -3.30 -8.10 -12.16
N GLN B 444 -2.67 -8.69 -11.14
CA GLN B 444 -1.57 -8.04 -10.47
C GLN B 444 -0.41 -7.83 -11.41
N LEU B 445 -0.11 -8.84 -12.24
CA LEU B 445 1.03 -8.73 -13.14
C LEU B 445 0.84 -7.61 -14.13
N ILE B 446 -0.35 -7.52 -14.72
CA ILE B 446 -0.60 -6.46 -15.68
C ILE B 446 -0.60 -5.11 -14.98
N ASP B 447 -1.04 -5.05 -13.73
CA ASP B 447 -0.93 -3.81 -12.98
C ASP B 447 0.53 -3.40 -12.84
N ILE B 448 1.40 -4.36 -12.52
CA ILE B 448 2.82 -4.05 -12.37
C ILE B 448 3.37 -3.50 -13.69
N ALA B 449 3.01 -4.16 -14.78
CA ALA B 449 3.45 -3.70 -16.09
C ALA B 449 2.95 -2.29 -16.38
N ARG B 450 1.69 -2.01 -16.05
CA ARG B 450 1.13 -0.69 -16.30
C ARG B 450 1.89 0.38 -15.53
N GLN B 451 2.12 0.13 -14.24
CA GLN B 451 2.80 1.12 -13.41
C GLN B 451 4.21 1.37 -13.94
N THR B 452 4.96 0.30 -14.19
CA THR B 452 6.33 0.51 -14.66
C THR B 452 6.35 1.14 -16.05
N ALA B 453 5.34 0.88 -16.87
CA ALA B 453 5.27 1.54 -18.17
C ALA B 453 5.05 3.03 -18.00
N GLN B 454 4.18 3.41 -17.06
CA GLN B 454 4.01 4.83 -16.78
C GLN B 454 5.34 5.44 -16.37
N GLY B 455 6.10 4.71 -15.56
CA GLY B 455 7.40 5.22 -15.13
C GLY B 455 8.35 5.44 -16.30
N MET B 456 8.44 4.46 -17.19
CA MET B 456 9.29 4.61 -18.36
C MET B 456 8.83 5.75 -19.25
N ASP B 457 7.52 5.90 -19.42
CA ASP B 457 7.01 7.01 -20.19
C ASP B 457 7.44 8.33 -19.58
N TYR B 458 7.48 8.38 -18.25
CA TYR B 458 7.92 9.60 -17.59
C TYR B 458 9.40 9.87 -17.88
N LEU B 459 10.25 8.85 -17.73
CA LEU B 459 11.67 9.04 -18.04
C LEU B 459 11.85 9.52 -19.47
N HIS B 460 11.12 8.93 -20.41
CA HIS B 460 11.26 9.32 -21.80
C HIS B 460 10.72 10.72 -22.06
N ALA B 461 9.71 11.14 -21.30
CA ALA B 461 9.08 12.42 -21.56
C ALA B 461 10.06 13.57 -21.32
N LYS B 462 10.80 13.51 -20.22
CA LYS B 462 11.83 14.50 -19.94
C LYS B 462 13.13 14.20 -20.67
N ASN B 463 13.08 13.30 -21.66
CA ASN B 463 14.22 12.99 -22.52
C ASN B 463 15.35 12.32 -21.74
N ILE B 464 15.05 11.24 -21.04
CA ILE B 464 16.05 10.41 -20.38
C ILE B 464 15.95 9.00 -20.91
N ILE B 465 17.08 8.40 -21.22
CA ILE B 465 17.17 6.98 -21.51
C ILE B 465 17.60 6.27 -20.23
N HIS B 466 16.77 5.34 -19.77
CA HIS B 466 17.17 4.53 -18.61
C HIS B 466 18.40 3.71 -18.93
N ARG B 467 18.43 3.10 -20.13
CA ARG B 467 19.62 2.45 -20.67
C ARG B 467 19.96 1.19 -19.90
N ASP B 468 19.29 0.97 -18.78
CA ASP B 468 19.65 -0.15 -17.90
C ASP B 468 18.42 -0.87 -17.34
N MET B 469 17.27 -0.76 -17.99
CA MET B 469 16.07 -1.37 -17.44
C MET B 469 16.25 -2.88 -17.36
N LYS B 470 15.95 -3.42 -16.18
CA LYS B 470 16.10 -4.84 -15.92
C LYS B 470 14.98 -5.24 -14.97
N SER B 471 15.08 -6.45 -14.43
CA SER B 471 14.18 -6.88 -13.37
C SER B 471 14.75 -6.65 -11.99
N ASN B 472 16.07 -6.50 -11.87
CA ASN B 472 16.66 -6.18 -10.58
C ASN B 472 16.33 -4.75 -10.18
N ASN B 473 16.06 -3.88 -11.15
CA ASN B 473 15.80 -2.48 -10.84
C ASN B 473 14.40 -2.27 -10.28
N ILE B 474 13.42 -2.97 -10.83
CA ILE B 474 12.04 -2.76 -10.43
C ILE B 474 11.87 -3.15 -8.97
N PHE B 475 11.26 -2.25 -8.19
CA PHE B 475 10.99 -2.48 -6.78
C PHE B 475 9.50 -2.45 -6.52
N LEU B 476 9.04 -3.31 -5.62
CA LEU B 476 7.62 -3.49 -5.37
C LEU B 476 7.30 -3.04 -3.94
N HIS B 477 7.05 -1.75 -3.79
CA HIS B 477 6.55 -1.23 -2.53
C HIS B 477 5.19 -1.82 -2.22
N GLU B 478 4.84 -1.86 -0.93
CA GLU B 478 3.66 -2.59 -0.50
C GLU B 478 2.41 -2.06 -1.20
N GLY B 479 1.40 -2.91 -1.27
CA GLY B 479 0.21 -2.58 -2.03
C GLY B 479 0.35 -2.79 -3.51
N LEU B 480 1.31 -3.61 -3.94
CA LEU B 480 1.53 -3.95 -5.34
C LEU B 480 1.87 -2.75 -6.20
N THR B 481 2.40 -1.68 -5.59
CA THR B 481 2.86 -0.55 -6.38
C THR B 481 4.31 -0.74 -6.76
N VAL B 482 4.75 0.04 -7.74
CA VAL B 482 6.01 -0.20 -8.43
C VAL B 482 6.86 1.06 -8.40
N LYS B 483 8.18 0.89 -8.37
CA LYS B 483 9.11 2.00 -8.51
C LYS B 483 10.28 1.55 -9.36
N ILE B 484 10.64 2.35 -10.36
CA ILE B 484 11.80 2.03 -11.17
C ILE B 484 13.08 2.38 -10.42
N GLY B 485 13.96 1.41 -10.31
CA GLY B 485 15.09 1.44 -9.40
C GLY B 485 16.22 2.31 -9.90
N ASP B 486 17.45 1.82 -9.72
CA ASP B 486 18.61 2.66 -9.94
C ASP B 486 18.68 3.13 -11.38
N PHE B 487 19.27 4.30 -11.58
CA PHE B 487 19.48 4.81 -12.96
C PHE B 487 20.98 5.07 -13.13
N GLY B 488 21.82 4.16 -12.65
CA GLY B 488 23.28 4.42 -12.64
C GLY B 488 23.86 4.83 -13.97
N LEU B 489 23.55 4.11 -15.06
CA LEU B 489 24.04 4.58 -16.38
C LEU B 489 22.89 5.22 -17.16
N ALA B 490 21.72 5.36 -16.51
CA ALA B 490 20.62 6.09 -17.18
C ALA B 490 21.06 7.53 -17.37
N THR B 491 20.90 8.08 -18.58
CA THR B 491 21.42 9.45 -18.85
C THR B 491 20.40 10.21 -19.71
N VAL B 492 20.57 11.53 -19.83
CA VAL B 492 19.67 12.34 -20.68
C VAL B 492 20.17 12.17 -22.11
N LYS B 493 19.55 12.86 -23.07
CA LYS B 493 19.91 12.76 -24.47
C LYS B 493 21.39 13.08 -24.71
N SER B 494 21.85 14.22 -24.23
CA SER B 494 23.24 14.66 -24.41
C SER B 494 23.66 14.58 -25.87
N ARG B 495 22.78 14.95 -26.78
CA ARG B 495 23.05 14.82 -28.21
C ARG B 495 24.01 15.90 -28.69
N VAL B 502 28.23 7.68 -24.33
CA VAL B 502 29.11 6.49 -24.14
C VAL B 502 28.24 5.24 -24.00
N GLU B 503 28.63 4.15 -24.66
CA GLU B 503 27.88 2.87 -24.53
C GLU B 503 28.71 1.89 -23.70
N GLN B 504 28.11 1.34 -22.64
CA GLN B 504 28.83 0.39 -21.76
C GLN B 504 28.04 -0.91 -21.65
N PRO B 505 28.67 -2.10 -21.76
CA PRO B 505 27.96 -3.36 -21.59
C PRO B 505 27.34 -3.44 -20.19
N THR B 506 27.86 -2.65 -19.25
CA THR B 506 27.28 -2.61 -17.87
C THR B 506 27.23 -4.02 -17.29
N GLY B 507 27.74 -5.02 -18.03
CA GLY B 507 27.79 -6.40 -17.51
C GLY B 507 26.43 -6.91 -17.09
N SER B 508 25.38 -6.60 -17.86
CA SER B 508 24.01 -7.10 -17.56
C SER B 508 23.39 -7.72 -18.82
N VAL B 509 23.52 -9.03 -19.00
CA VAL B 509 22.98 -9.67 -20.19
C VAL B 509 21.62 -10.27 -19.86
N LEU B 510 20.87 -10.63 -20.91
CA LEU B 510 19.48 -11.08 -20.91
C LEU B 510 18.49 -9.93 -20.83
N TRP B 511 18.93 -8.69 -20.76
CA TRP B 511 18.00 -7.57 -20.79
C TRP B 511 18.48 -6.57 -21.81
N MET B 512 19.76 -6.62 -22.14
CA MET B 512 20.29 -5.72 -23.14
C MET B 512 19.71 -6.05 -24.51
N ALA B 513 19.52 -5.03 -25.31
CA ALA B 513 18.91 -5.17 -26.61
C ALA B 513 19.93 -5.62 -27.63
N PRO B 514 19.51 -6.37 -28.64
CA PRO B 514 20.50 -6.86 -29.63
C PRO B 514 21.24 -5.73 -30.30
N GLU B 515 20.53 -4.67 -30.71
CA GLU B 515 21.21 -3.54 -31.35
C GLU B 515 22.14 -2.85 -30.35
N VAL B 516 21.76 -2.87 -29.07
CA VAL B 516 22.68 -2.38 -28.04
C VAL B 516 23.88 -3.31 -27.93
N ILE B 517 23.63 -4.61 -28.10
CA ILE B 517 24.72 -5.58 -28.04
C ILE B 517 25.66 -5.39 -29.22
N ARG B 518 25.10 -5.17 -30.42
CA ARG B 518 25.91 -5.15 -31.62
C ARG B 518 26.94 -4.03 -31.60
N MET B 519 26.54 -2.85 -31.14
CA MET B 519 27.46 -1.73 -30.91
C MET B 519 28.20 -1.36 -32.21
N GLN B 520 27.42 -0.89 -33.18
CA GLN B 520 27.95 -0.53 -34.49
C GLN B 520 28.15 0.97 -34.64
N ASP B 521 27.21 1.78 -34.16
CA ASP B 521 27.23 3.22 -34.41
C ASP B 521 27.91 4.02 -33.30
N ASN B 522 28.37 3.36 -32.24
CA ASN B 522 29.00 3.94 -31.05
C ASN B 522 27.99 4.73 -30.22
N ASN B 523 26.73 4.84 -30.64
CA ASN B 523 25.70 5.49 -29.83
C ASN B 523 24.37 4.76 -30.03
N PRO B 524 24.34 3.44 -29.75
CA PRO B 524 23.14 2.64 -29.99
C PRO B 524 22.20 2.58 -28.78
N PHE B 525 21.91 3.73 -28.20
CA PHE B 525 21.02 3.83 -27.04
C PHE B 525 19.85 4.70 -27.45
N SER B 526 18.68 4.09 -27.62
CA SER B 526 17.50 4.82 -28.05
C SER B 526 16.34 4.46 -27.12
N PHE B 527 15.24 5.21 -27.28
CA PHE B 527 14.03 4.87 -26.55
C PHE B 527 13.63 3.43 -26.83
N GLN B 528 13.82 2.98 -28.07
CA GLN B 528 13.46 1.62 -28.42
C GLN B 528 14.33 0.60 -27.71
N SER B 529 15.56 0.97 -27.35
CA SER B 529 16.35 0.08 -26.50
C SER B 529 15.66 -0.11 -25.16
N ASP B 530 15.20 0.98 -24.56
CA ASP B 530 14.46 0.88 -23.31
C ASP B 530 13.16 0.11 -23.50
N VAL B 531 12.51 0.28 -24.65
CA VAL B 531 11.29 -0.45 -24.93
C VAL B 531 11.56 -1.94 -24.98
N TYR B 532 12.67 -2.33 -25.60
CA TYR B 532 13.01 -3.74 -25.65
C TYR B 532 13.34 -4.28 -24.27
N SER B 533 14.00 -3.47 -23.44
CA SER B 533 14.22 -3.88 -22.07
C SER B 533 12.88 -4.08 -21.36
N TYR B 534 11.94 -3.18 -21.58
CA TYR B 534 10.61 -3.32 -21.04
C TYR B 534 9.97 -4.62 -21.51
N GLY B 535 10.12 -4.93 -22.78
CA GLY B 535 9.54 -6.15 -23.31
C GLY B 535 10.16 -7.39 -22.69
N ILE B 536 11.46 -7.33 -22.42
CA ILE B 536 12.12 -8.46 -21.79
C ILE B 536 11.59 -8.63 -20.37
N VAL B 537 11.37 -7.52 -19.68
CA VAL B 537 10.81 -7.59 -18.33
C VAL B 537 9.42 -8.20 -18.36
N LEU B 538 8.60 -7.75 -19.31
CA LEU B 538 7.29 -8.37 -19.49
C LEU B 538 7.42 -9.85 -19.75
N TYR B 539 8.40 -10.22 -20.57
CA TYR B 539 8.59 -11.62 -20.94
C TYR B 539 8.91 -12.47 -19.72
N GLU B 540 9.83 -11.98 -18.88
CA GLU B 540 10.19 -12.75 -17.69
C GLU B 540 9.07 -12.73 -16.65
N LEU B 541 8.29 -11.65 -16.62
CA LEU B 541 7.14 -11.61 -15.74
C LEU B 541 6.10 -12.64 -16.17
N MET B 542 5.89 -12.80 -17.47
CA MET B 542 4.85 -13.65 -17.99
C MET B 542 5.36 -15.00 -18.47
N THR B 543 6.60 -15.37 -18.15
CA THR B 543 7.03 -16.74 -18.31
C THR B 543 7.39 -17.42 -17.00
N GLY B 544 7.68 -16.65 -15.95
CA GLY B 544 8.07 -17.22 -14.69
C GLY B 544 9.54 -17.55 -14.54
N GLU B 545 10.34 -17.36 -15.60
CA GLU B 545 11.76 -17.65 -15.54
C GLU B 545 12.51 -16.56 -16.29
N LEU B 546 13.83 -16.66 -16.28
CA LEU B 546 14.66 -15.71 -17.02
C LEU B 546 14.53 -15.96 -18.51
N PRO B 547 14.76 -14.94 -19.34
CA PRO B 547 14.68 -15.14 -20.78
C PRO B 547 15.74 -16.12 -21.28
N TYR B 548 15.37 -16.89 -22.30
CA TYR B 548 16.26 -17.83 -22.96
C TYR B 548 16.76 -18.89 -21.97
N SER B 549 15.81 -19.60 -21.36
CA SER B 549 16.17 -20.60 -20.32
C SER B 549 17.06 -21.70 -20.90
N HIS B 550 16.72 -22.23 -22.08
CA HIS B 550 17.50 -23.37 -22.64
C HIS B 550 18.95 -22.93 -22.86
N ILE B 551 19.18 -21.71 -23.32
CA ILE B 551 20.59 -21.21 -23.45
C ILE B 551 21.16 -21.10 -22.03
N ASN B 552 22.44 -21.47 -21.84
CA ASN B 552 23.05 -21.45 -20.49
C ASN B 552 24.23 -20.47 -20.46
N ASN B 553 25.34 -20.83 -21.10
CA ASN B 553 26.53 -19.98 -21.05
C ASN B 553 26.18 -18.54 -21.38
N ARG B 554 26.85 -17.62 -20.68
CA ARG B 554 26.61 -16.19 -20.88
C ARG B 554 27.12 -15.74 -22.25
N ASP B 555 28.35 -16.10 -22.58
CA ASP B 555 28.88 -15.68 -23.87
C ASP B 555 28.24 -16.46 -25.01
N GLN B 556 27.61 -17.59 -24.72
CA GLN B 556 26.76 -18.22 -25.72
C GLN B 556 25.52 -17.39 -25.97
N ILE B 557 24.84 -16.97 -24.90
CA ILE B 557 23.56 -16.28 -25.05
C ILE B 557 23.77 -14.90 -25.66
N ILE B 558 24.86 -14.22 -25.33
CA ILE B 558 25.12 -12.93 -25.95
C ILE B 558 25.23 -13.07 -27.46
N PHE B 559 25.93 -14.10 -27.92
CA PHE B 559 26.06 -14.31 -29.35
C PHE B 559 24.73 -14.71 -29.97
N MET B 560 23.98 -15.58 -29.28
CA MET B 560 22.73 -16.09 -29.84
C MET B 560 21.71 -14.98 -30.01
N VAL B 561 21.60 -14.09 -29.02
CA VAL B 561 20.65 -12.98 -29.17
C VAL B 561 21.21 -11.90 -30.07
N GLY B 562 22.54 -11.78 -30.16
CA GLY B 562 23.13 -10.73 -30.97
C GLY B 562 22.98 -10.98 -32.46
N ARG B 563 23.44 -12.15 -32.92
CA ARG B 563 23.26 -12.50 -34.32
C ARG B 563 21.80 -12.73 -34.67
N GLY B 564 20.94 -12.82 -33.68
CA GLY B 564 19.52 -13.02 -33.90
C GLY B 564 19.12 -14.47 -34.11
N TYR B 565 20.08 -15.40 -34.07
CA TYR B 565 19.74 -16.80 -34.26
C TYR B 565 18.71 -17.24 -33.24
N ALA B 566 18.85 -16.77 -32.00
CA ALA B 566 17.91 -17.10 -30.94
C ALA B 566 16.88 -15.99 -30.77
N SER B 567 15.70 -16.38 -30.35
CA SER B 567 14.60 -15.47 -30.05
C SER B 567 13.87 -15.99 -28.82
N PRO B 568 13.20 -15.12 -28.08
CA PRO B 568 12.41 -15.59 -26.94
C PRO B 568 11.27 -16.49 -27.40
N ASP B 569 11.07 -17.59 -26.67
CA ASP B 569 10.05 -18.58 -27.01
C ASP B 569 8.71 -18.11 -26.45
N LEU B 570 7.87 -17.54 -27.31
CA LEU B 570 6.60 -16.99 -26.86
C LEU B 570 5.68 -18.08 -26.31
N SER B 571 5.78 -19.30 -26.83
CA SER B 571 4.97 -20.39 -26.33
C SER B 571 5.27 -20.70 -24.86
N LYS B 572 6.42 -20.25 -24.36
CA LYS B 572 6.78 -20.52 -22.97
C LYS B 572 6.01 -19.65 -21.99
N LEU B 573 5.27 -18.65 -22.48
CA LEU B 573 4.52 -17.76 -21.60
C LEU B 573 3.45 -18.54 -20.85
N TYR B 574 2.84 -17.88 -19.86
CA TYR B 574 1.74 -18.50 -19.14
C TYR B 574 0.57 -18.81 -20.08
N LYS B 575 -0.07 -19.95 -19.84
CA LYS B 575 -1.27 -20.30 -20.58
C LYS B 575 -2.38 -19.29 -20.34
N ASN B 576 -2.57 -18.90 -19.08
CA ASN B 576 -3.63 -17.97 -18.71
C ASN B 576 -3.07 -16.56 -18.76
N CYS B 577 -3.46 -15.81 -19.79
CA CYS B 577 -3.08 -14.42 -19.99
C CYS B 577 -3.89 -13.86 -21.14
N PRO B 578 -4.19 -12.57 -21.15
CA PRO B 578 -4.98 -12.01 -22.25
C PRO B 578 -4.18 -11.98 -23.55
N LYS B 579 -4.86 -12.30 -24.65
CA LYS B 579 -4.17 -12.43 -25.93
C LYS B 579 -3.60 -11.11 -26.40
N ALA B 580 -4.30 -10.00 -26.13
CA ALA B 580 -3.76 -8.69 -26.48
C ALA B 580 -2.43 -8.45 -25.79
N MET B 581 -2.31 -8.89 -24.54
CA MET B 581 -1.05 -8.76 -23.84
C MET B 581 0.05 -9.60 -24.52
N LYS B 582 -0.30 -10.80 -24.97
CA LYS B 582 0.66 -11.64 -25.68
C LYS B 582 1.15 -10.95 -26.95
N ARG B 583 0.23 -10.39 -27.73
CA ARG B 583 0.65 -9.71 -28.94
C ARG B 583 1.46 -8.45 -28.63
N LEU B 584 1.14 -7.78 -27.53
CA LEU B 584 1.94 -6.62 -27.14
C LEU B 584 3.35 -7.02 -26.75
N VAL B 585 3.49 -8.13 -26.03
CA VAL B 585 4.82 -8.61 -25.69
C VAL B 585 5.60 -8.95 -26.95
N ALA B 586 4.94 -9.64 -27.88
CA ALA B 586 5.61 -10.01 -29.13
C ALA B 586 6.02 -8.77 -29.92
N ASP B 587 5.15 -7.78 -30.01
CA ASP B 587 5.49 -6.56 -30.73
C ASP B 587 6.58 -5.77 -30.03
N CYS B 588 6.60 -5.81 -28.70
CA CYS B 588 7.61 -5.10 -27.94
C CYS B 588 8.96 -5.80 -27.99
N VAL B 589 8.99 -7.09 -28.27
CA VAL B 589 10.23 -7.84 -28.30
C VAL B 589 10.71 -8.04 -29.73
N LYS B 590 10.15 -7.31 -30.68
CA LYS B 590 10.58 -7.44 -32.07
C LYS B 590 12.06 -7.14 -32.21
N LYS B 591 12.77 -8.01 -32.92
CA LYS B 591 14.20 -7.86 -33.07
C LYS B 591 14.54 -6.56 -33.78
N VAL B 592 13.68 -6.14 -34.70
CA VAL B 592 13.94 -4.94 -35.49
C VAL B 592 13.48 -3.71 -34.74
N LYS B 593 14.33 -2.69 -34.72
CA LYS B 593 14.12 -1.56 -33.81
C LYS B 593 12.85 -0.80 -34.13
N GLU B 594 12.67 -0.37 -35.38
CA GLU B 594 11.63 0.59 -35.69
C GLU B 594 10.23 0.04 -35.47
N GLU B 595 10.07 -1.27 -35.46
CA GLU B 595 8.76 -1.88 -35.26
C GLU B 595 8.43 -2.13 -33.79
N ARG B 596 9.36 -1.84 -32.88
CA ARG B 596 8.99 -1.87 -31.48
C ARG B 596 8.22 -0.60 -31.11
N PRO B 597 7.21 -0.71 -30.26
CA PRO B 597 6.32 0.43 -30.03
C PRO B 597 6.91 1.44 -29.06
N LEU B 598 6.77 2.71 -29.40
CA LEU B 598 7.13 3.78 -28.49
C LEU B 598 6.23 3.74 -27.26
N PHE B 599 6.77 4.23 -26.14
CA PHE B 599 6.13 4.00 -24.85
C PHE B 599 4.72 4.55 -24.71
N PRO B 600 4.37 5.74 -25.20
CA PRO B 600 2.96 6.13 -25.16
C PRO B 600 2.03 5.13 -25.83
N GLN B 601 2.44 4.51 -26.94
CA GLN B 601 1.57 3.54 -27.60
C GLN B 601 1.41 2.27 -26.78
N ILE B 602 2.50 1.76 -26.21
CA ILE B 602 2.39 0.58 -25.36
C ILE B 602 1.55 0.89 -24.13
N LEU B 603 1.65 2.12 -23.63
CA LEU B 603 0.82 2.53 -22.51
C LEU B 603 -0.65 2.54 -22.90
N SER B 604 -0.96 3.02 -24.10
CA SER B 604 -2.34 3.00 -24.57
C SER B 604 -2.86 1.58 -24.70
N SER B 605 -2.03 0.68 -25.23
CA SER B 605 -2.41 -0.72 -25.35
C SER B 605 -2.68 -1.34 -23.97
N ILE B 606 -1.83 -1.01 -23.01
CA ILE B 606 -2.02 -1.55 -21.66
C ILE B 606 -3.29 -1.00 -21.04
N GLU B 607 -3.60 0.27 -21.29
CA GLU B 607 -4.83 0.84 -20.77
C GLU B 607 -6.05 0.15 -21.38
N LEU B 608 -6.01 -0.11 -22.68
CA LEU B 608 -7.06 -0.90 -23.31
C LEU B 608 -7.20 -2.25 -22.62
N LEU B 609 -6.07 -2.90 -22.36
CA LEU B 609 -6.09 -4.19 -21.66
C LEU B 609 -6.77 -4.06 -20.30
N GLN B 610 -6.46 -2.99 -19.58
CA GLN B 610 -7.09 -2.78 -18.27
C GLN B 610 -8.60 -2.65 -18.43
N HIS B 611 -9.03 -1.92 -19.45
CA HIS B 611 -10.45 -1.77 -19.70
C HIS B 611 -11.11 -3.08 -20.10
N SER B 612 -10.34 -4.03 -20.61
CA SER B 612 -10.87 -5.34 -20.99
C SER B 612 -10.28 -6.44 -20.11
N LEU B 613 -10.12 -6.18 -18.82
CA LEU B 613 -9.51 -7.15 -17.94
C LEU B 613 -10.57 -8.03 -17.29
N PRO B 614 -10.57 -9.36 -17.51
CA PRO B 614 -11.50 -10.24 -16.80
C PRO B 614 -10.91 -10.44 -15.39
N LYS B 615 -11.29 -9.56 -14.44
CA LYS B 615 -10.68 -9.61 -13.09
C LYS B 615 -10.96 -10.97 -12.43
N ILE B 616 -12.18 -11.48 -12.56
CA ILE B 616 -12.54 -12.77 -11.90
C ILE B 616 -12.78 -13.83 -12.99
N ASN B 617 -12.04 -14.94 -12.94
CA ASN B 617 -12.22 -16.04 -13.92
C ASN B 617 -13.63 -16.62 -13.76
N ARG B 618 -14.08 -16.80 -12.52
CA ARG B 618 -15.44 -17.36 -12.26
C ARG B 618 -16.46 -16.21 -12.30
N SER B 619 -17.73 -16.53 -12.52
CA SER B 619 -18.79 -15.48 -12.56
C SER B 619 -19.43 -15.34 -11.18
N ALA B 620 -19.07 -14.28 -10.44
CA ALA B 620 -19.61 -14.07 -9.07
C ALA B 620 -21.10 -13.73 -9.18
N SEP B 621 -21.91 -14.20 -8.24
CA SEP B 621 -23.38 -13.95 -8.33
CB SEP B 621 -24.07 -15.28 -8.08
OG SEP B 621 -23.52 -15.80 -6.84
C SEP B 621 -23.79 -12.91 -7.29
O SEP B 621 -22.97 -12.02 -7.00
P SEP B 621 -23.72 -17.37 -6.48
O1P SEP B 621 -25.22 -17.59 -6.46
O2P SEP B 621 -23.07 -17.57 -5.12
O3P SEP B 621 -23.03 -18.13 -7.59
N GLU B 622 -25.01 -13.01 -6.77
CA GLU B 622 -25.49 -12.09 -5.71
C GLU B 622 -24.61 -12.29 -4.46
N PRO B 623 -23.90 -11.25 -3.96
CA PRO B 623 -23.10 -11.37 -2.75
C PRO B 623 -23.94 -11.39 -1.48
N SER B 624 -23.37 -12.00 -0.45
CA SER B 624 -24.00 -12.03 0.86
C SER B 624 -24.22 -10.62 1.35
N LEU B 625 -25.49 -10.21 1.43
CA LEU B 625 -25.83 -8.82 1.70
C LEU B 625 -25.18 -8.31 2.98
N HIS B 626 -24.58 -7.13 2.91
CA HIS B 626 -23.86 -6.49 4.01
C HIS B 626 -23.06 -7.49 4.85
N VAL C 3 -4.35 -50.31 4.86
CA VAL C 3 -5.16 -49.65 3.85
C VAL C 3 -6.03 -48.58 4.49
N ASP C 4 -6.57 -48.91 5.67
CA ASP C 4 -7.45 -47.98 6.37
C ASP C 4 -6.73 -46.69 6.73
N LYS C 5 -5.51 -46.80 7.27
CA LYS C 5 -4.83 -45.62 7.81
C LYS C 5 -4.47 -44.62 6.72
N GLU C 6 -3.81 -45.09 5.65
CA GLU C 6 -3.42 -44.16 4.60
C GLU C 6 -4.63 -43.61 3.86
N GLU C 7 -5.66 -44.43 3.65
CA GLU C 7 -6.87 -43.93 3.03
C GLU C 7 -7.51 -42.82 3.85
N LEU C 8 -7.63 -43.05 5.16
CA LEU C 8 -8.19 -42.03 6.03
C LEU C 8 -7.32 -40.78 6.04
N VAL C 9 -6.00 -40.95 5.98
CA VAL C 9 -5.11 -39.79 5.97
C VAL C 9 -5.30 -38.97 4.70
N GLN C 10 -5.42 -39.65 3.55
CA GLN C 10 -5.69 -38.94 2.31
C GLN C 10 -7.04 -38.23 2.39
N ARG C 11 -8.03 -38.88 3.02
CA ARG C 11 -9.31 -38.22 3.24
C ARG C 11 -9.14 -36.98 4.10
N ALA C 12 -8.28 -37.05 5.12
CA ALA C 12 -8.04 -35.89 5.97
C ALA C 12 -7.41 -34.75 5.18
N LYS C 13 -6.47 -35.07 4.29
CA LYS C 13 -5.86 -34.04 3.45
C LYS C 13 -6.90 -33.44 2.50
N LEU C 14 -7.75 -34.28 1.93
CA LEU C 14 -8.84 -33.81 1.07
C LEU C 14 -9.78 -32.90 1.85
N ALA C 15 -10.00 -33.20 3.12
CA ALA C 15 -10.88 -32.40 3.95
C ALA C 15 -10.25 -31.08 4.35
N GLU C 16 -8.94 -31.07 4.63
CA GLU C 16 -8.29 -29.81 4.97
C GLU C 16 -8.21 -28.91 3.75
N GLN C 17 -8.11 -29.49 2.55
CA GLN C 17 -8.28 -28.68 1.36
C GLN C 17 -9.74 -28.29 1.12
N ALA C 18 -10.66 -28.84 1.91
CA ALA C 18 -12.09 -28.56 1.77
C ALA C 18 -12.67 -27.78 2.94
N GLU C 19 -11.88 -27.56 4.00
CA GLU C 19 -12.26 -26.71 5.12
C GLU C 19 -13.39 -27.33 5.95
N ARG C 20 -14.02 -28.39 5.45
CA ARG C 20 -14.99 -29.11 6.24
C ARG C 20 -14.24 -29.93 7.27
N TYR C 21 -14.65 -29.83 8.54
CA TYR C 21 -13.82 -30.30 9.63
C TYR C 21 -14.35 -31.52 10.37
N ASP C 22 -15.66 -31.63 10.53
CA ASP C 22 -16.21 -32.79 11.24
C ASP C 22 -15.73 -34.09 10.59
N ASP C 23 -15.53 -34.07 9.28
CA ASP C 23 -15.17 -35.28 8.56
C ASP C 23 -13.80 -35.79 8.99
N MET C 24 -12.75 -34.94 8.96
CA MET C 24 -11.49 -35.54 9.39
C MET C 24 -11.43 -35.62 10.90
N ALA C 25 -12.30 -34.89 11.60
CA ALA C 25 -12.39 -35.11 13.04
C ALA C 25 -12.74 -36.57 13.32
N ALA C 26 -13.80 -37.06 12.70
CA ALA C 26 -14.17 -38.47 12.84
C ALA C 26 -13.09 -39.37 12.25
N ALA C 27 -12.53 -39.00 11.11
CA ALA C 27 -11.54 -39.86 10.46
C ALA C 27 -10.31 -40.04 11.34
N MET C 28 -9.82 -38.97 11.95
CA MET C 28 -8.65 -39.09 12.82
C MET C 28 -9.00 -39.74 14.14
N LYS C 29 -10.25 -39.59 14.60
CA LYS C 29 -10.69 -40.40 15.73
C LYS C 29 -10.53 -41.89 15.42
N GLU C 30 -11.00 -42.31 14.25
CA GLU C 30 -10.85 -43.70 13.86
C GLU C 30 -9.38 -44.07 13.63
N VAL C 31 -8.59 -43.10 13.17
CA VAL C 31 -7.17 -43.33 12.99
C VAL C 31 -6.50 -43.66 14.32
N THR C 32 -6.76 -42.84 15.33
CA THR C 32 -6.17 -43.04 16.64
C THR C 32 -6.66 -44.33 17.28
N GLU C 33 -7.96 -44.62 17.17
CA GLU C 33 -8.47 -45.83 17.81
C GLU C 33 -7.90 -47.10 17.19
N THR C 34 -7.36 -47.01 15.98
CA THR C 34 -6.81 -48.21 15.33
C THR C 34 -5.63 -48.77 16.13
N GLY C 35 -4.77 -47.89 16.64
CA GLY C 35 -3.64 -48.31 17.45
C GLY C 35 -2.29 -48.26 16.78
N VAL C 36 -2.17 -47.61 15.62
CA VAL C 36 -0.91 -47.50 14.90
C VAL C 36 -0.15 -46.28 15.41
N GLU C 37 1.17 -46.40 15.49
CA GLU C 37 2.01 -45.32 16.00
C GLU C 37 2.04 -44.18 14.99
N LEU C 38 1.43 -43.06 15.35
CA LEU C 38 1.31 -41.93 14.44
C LEU C 38 2.67 -41.29 14.18
N SER C 39 2.88 -40.89 12.93
CA SER C 39 4.11 -40.25 12.52
C SER C 39 3.98 -38.73 12.65
N ASN C 40 4.92 -38.00 12.07
CA ASN C 40 4.93 -36.55 12.19
C ASN C 40 3.78 -35.92 11.41
N GLU C 41 3.60 -36.34 10.17
CA GLU C 41 2.56 -35.75 9.32
C GLU C 41 1.16 -36.03 9.88
N GLU C 42 0.92 -37.25 10.35
CA GLU C 42 -0.39 -37.61 10.84
C GLU C 42 -0.73 -36.86 12.11
N ARG C 43 0.23 -36.76 13.03
CA ARG C 43 -0.01 -36.02 14.26
C ARG C 43 -0.15 -34.52 13.99
N ASN C 44 0.61 -33.99 13.03
CA ASN C 44 0.47 -32.59 12.68
C ASN C 44 -0.93 -32.31 12.12
N LEU C 45 -1.42 -33.20 11.27
CA LEU C 45 -2.77 -33.05 10.74
C LEU C 45 -3.80 -33.15 11.85
N LEU C 46 -3.60 -34.08 12.78
CA LEU C 46 -4.44 -34.15 13.96
C LEU C 46 -4.48 -32.81 14.68
N SER C 47 -3.31 -32.23 14.91
CA SER C 47 -3.22 -30.95 15.58
C SER C 47 -4.03 -29.89 14.86
N VAL C 48 -3.77 -29.74 13.56
CA VAL C 48 -4.42 -28.67 12.80
C VAL C 48 -5.92 -28.85 12.82
N ALA C 49 -6.38 -30.07 12.56
CA ALA C 49 -7.81 -30.33 12.47
C ALA C 49 -8.50 -30.04 13.79
N TYR C 50 -7.99 -30.62 14.88
CA TYR C 50 -8.66 -30.44 16.16
C TYR C 50 -8.58 -28.99 16.62
N LYS C 51 -7.44 -28.35 16.39
CA LYS C 51 -7.29 -26.96 16.80
C LYS C 51 -8.30 -26.07 16.11
N ASN C 52 -8.51 -26.27 14.80
CA ASN C 52 -9.45 -25.40 14.10
C ASN C 52 -10.89 -25.74 14.44
N VAL C 53 -11.22 -27.03 14.56
CA VAL C 53 -12.59 -27.41 14.89
C VAL C 53 -12.98 -26.91 16.27
N VAL C 54 -12.00 -26.75 17.17
CA VAL C 54 -12.34 -26.16 18.45
C VAL C 54 -12.24 -24.63 18.40
N GLY C 55 -11.38 -24.09 17.53
CA GLY C 55 -11.24 -22.64 17.46
C GLY C 55 -12.48 -21.94 16.95
N ALA C 56 -13.18 -22.55 16.00
CA ALA C 56 -14.41 -21.95 15.51
C ALA C 56 -15.40 -21.73 16.65
N ARG C 57 -15.65 -22.80 17.42
CA ARG C 57 -16.55 -22.69 18.54
C ARG C 57 -16.00 -21.77 19.63
N ARG C 58 -14.68 -21.75 19.79
CA ARG C 58 -14.08 -20.86 20.78
C ARG C 58 -14.36 -19.41 20.43
N SER C 59 -14.19 -19.05 19.16
CA SER C 59 -14.51 -17.70 18.71
C SER C 59 -16.00 -17.40 18.91
N SER C 60 -16.86 -18.38 18.63
CA SER C 60 -18.28 -18.17 18.85
C SER C 60 -18.56 -17.87 20.31
N TRP C 61 -17.96 -18.62 21.22
CA TRP C 61 -18.19 -18.36 22.63
C TRP C 61 -17.63 -17.00 23.04
N ARG C 62 -16.47 -16.63 22.50
CA ARG C 62 -15.90 -15.34 22.85
C ARG C 62 -16.82 -14.21 22.43
N VAL C 63 -17.35 -14.27 21.21
CA VAL C 63 -18.19 -13.18 20.74
C VAL C 63 -19.52 -13.15 21.49
N ILE C 64 -20.09 -14.31 21.80
CA ILE C 64 -21.35 -14.28 22.53
C ILE C 64 -21.13 -13.82 23.96
N SER C 65 -19.98 -14.10 24.55
CA SER C 65 -19.68 -13.61 25.88
C SER C 65 -19.49 -12.10 25.87
N SER C 66 -18.88 -11.57 24.81
CA SER C 66 -18.78 -10.12 24.67
C SER C 66 -20.16 -9.48 24.56
N ILE C 67 -21.05 -10.12 23.80
CA ILE C 67 -22.42 -9.63 23.70
C ILE C 67 -23.12 -9.69 25.07
N GLU C 68 -22.92 -10.79 25.80
CA GLU C 68 -23.51 -10.92 27.13
C GLU C 68 -23.03 -9.81 28.05
N GLN C 69 -21.73 -9.51 28.00
CA GLN C 69 -21.20 -8.37 28.74
C GLN C 69 -21.84 -7.07 28.27
N LYS C 70 -22.16 -6.97 26.97
CA LYS C 70 -22.92 -5.84 26.48
C LYS C 70 -24.39 -5.91 26.89
N THR C 71 -24.83 -7.04 27.45
CA THR C 71 -26.20 -7.21 27.94
C THR C 71 -27.25 -6.86 26.89
N GLU C 75 -33.58 -7.69 28.65
CA GLU C 75 -33.38 -8.72 29.65
C GLU C 75 -33.54 -10.12 29.03
N ARG C 76 -34.50 -10.25 28.13
CA ARG C 76 -34.75 -11.56 27.48
C ARG C 76 -33.51 -11.93 26.64
N LYS C 77 -32.93 -10.93 25.95
CA LYS C 77 -31.73 -11.18 25.17
C LYS C 77 -30.62 -11.77 26.03
N GLN C 78 -30.51 -11.32 27.28
CA GLN C 78 -29.52 -11.91 28.16
C GLN C 78 -29.80 -13.37 28.41
N GLN C 79 -31.06 -13.73 28.62
CA GLN C 79 -31.42 -15.13 28.81
C GLN C 79 -31.09 -15.96 27.58
N MET C 80 -31.40 -15.46 26.39
CA MET C 80 -31.12 -16.25 25.20
C MET C 80 -29.63 -16.35 24.90
N ALA C 81 -28.88 -15.29 25.19
CA ALA C 81 -27.43 -15.40 25.10
C ALA C 81 -26.91 -16.43 26.09
N LYS C 82 -27.48 -16.47 27.30
CA LYS C 82 -27.06 -17.45 28.29
C LYS C 82 -27.33 -18.87 27.82
N GLU C 83 -28.52 -19.12 27.27
CA GLU C 83 -28.85 -20.47 26.83
C GLU C 83 -27.99 -20.87 25.63
N TYR C 84 -27.70 -19.91 24.74
CA TYR C 84 -26.84 -20.23 23.61
C TYR C 84 -25.41 -20.49 24.09
N ARG C 85 -24.98 -19.78 25.14
CA ARG C 85 -23.71 -20.08 25.77
C ARG C 85 -23.69 -21.48 26.34
N VAL C 86 -24.81 -21.91 26.94
CA VAL C 86 -24.92 -23.28 27.41
C VAL C 86 -24.72 -24.24 26.24
N LYS C 87 -25.36 -23.96 25.11
CA LYS C 87 -25.22 -24.82 23.95
C LYS C 87 -23.76 -24.92 23.51
N VAL C 88 -23.10 -23.77 23.34
CA VAL C 88 -21.74 -23.79 22.81
C VAL C 88 -20.78 -24.42 23.81
N GLU C 89 -21.02 -24.22 25.11
CA GLU C 89 -20.19 -24.88 26.12
C GLU C 89 -20.38 -26.37 26.06
N LYS C 90 -21.62 -26.84 25.85
CA LYS C 90 -21.85 -28.27 25.70
C LYS C 90 -21.08 -28.81 24.51
N GLU C 91 -21.09 -28.06 23.40
CA GLU C 91 -20.38 -28.50 22.21
C GLU C 91 -18.88 -28.60 22.47
N LEU C 92 -18.30 -27.55 23.05
CA LEU C 92 -16.87 -27.56 23.35
C LEU C 92 -16.53 -28.69 24.30
N ARG C 93 -17.34 -28.89 25.34
CA ARG C 93 -17.07 -29.95 26.29
C ARG C 93 -17.09 -31.31 25.60
N GLU C 94 -18.10 -31.55 24.76
CA GLU C 94 -18.18 -32.83 24.07
C GLU C 94 -16.94 -33.06 23.21
N ILE C 95 -16.60 -32.09 22.37
CA ILE C 95 -15.52 -32.30 21.41
C ILE C 95 -14.18 -32.42 22.13
N CYS C 96 -13.93 -31.56 23.12
CA CYS C 96 -12.66 -31.61 23.84
C CYS C 96 -12.53 -32.87 24.68
N TYR C 97 -13.62 -33.31 25.28
CA TYR C 97 -13.59 -34.56 26.05
C TYR C 97 -13.28 -35.73 25.12
N ASP C 98 -13.85 -35.74 23.92
CA ASP C 98 -13.48 -36.75 22.95
C ASP C 98 -11.99 -36.69 22.64
N VAL C 99 -11.47 -35.48 22.43
CA VAL C 99 -10.07 -35.32 22.09
C VAL C 99 -9.19 -35.90 23.20
N LEU C 100 -9.45 -35.50 24.44
CA LEU C 100 -8.60 -35.93 25.55
C LEU C 100 -8.73 -37.41 25.81
N GLY C 101 -9.94 -37.96 25.66
CA GLY C 101 -10.10 -39.40 25.79
C GLY C 101 -9.30 -40.17 24.76
N LEU C 102 -9.32 -39.70 23.51
CA LEU C 102 -8.50 -40.33 22.48
C LEU C 102 -7.01 -40.22 22.84
N LEU C 103 -6.58 -39.04 23.29
CA LEU C 103 -5.19 -38.83 23.64
C LEU C 103 -4.73 -39.81 24.72
N ASP C 104 -5.48 -39.87 25.82
CA ASP C 104 -5.08 -40.72 26.94
C ASP C 104 -5.46 -42.18 26.73
N LYS C 105 -6.14 -42.50 25.63
CA LYS C 105 -6.45 -43.90 25.30
C LYS C 105 -5.40 -44.51 24.38
N HIS C 106 -5.17 -43.90 23.22
CA HIS C 106 -4.32 -44.51 22.20
C HIS C 106 -3.02 -43.76 21.95
N LEU C 107 -2.98 -42.45 22.21
CA LEU C 107 -1.82 -41.66 21.83
C LEU C 107 -0.79 -41.59 22.96
N ILE C 108 -1.19 -41.06 24.11
CA ILE C 108 -0.25 -40.90 25.22
C ILE C 108 0.33 -42.23 25.68
N PRO C 109 -0.47 -43.25 26.04
CA PRO C 109 0.12 -44.48 26.58
C PRO C 109 1.04 -45.19 25.60
N LYS C 110 0.76 -45.13 24.31
CA LYS C 110 1.58 -45.81 23.32
C LYS C 110 2.66 -44.92 22.71
N ALA C 111 2.74 -43.67 23.14
CA ALA C 111 3.74 -42.75 22.60
C ALA C 111 5.13 -43.16 23.11
N SER C 112 5.95 -43.69 22.22
CA SER C 112 7.28 -44.15 22.60
C SER C 112 8.33 -43.05 22.46
N ASN C 113 8.42 -42.45 21.28
CA ASN C 113 9.40 -41.40 21.05
C ASN C 113 9.07 -40.19 21.93
N PRO C 114 10.09 -39.52 22.48
CA PRO C 114 9.80 -38.40 23.39
C PRO C 114 9.03 -37.26 22.74
N GLU C 115 9.31 -36.96 21.47
CA GLU C 115 8.70 -35.80 20.83
C GLU C 115 7.19 -35.94 20.74
N SER C 116 6.71 -37.12 20.39
CA SER C 116 5.26 -37.33 20.33
C SER C 116 4.64 -37.25 21.72
N LYS C 117 5.35 -37.72 22.75
CA LYS C 117 4.87 -37.55 24.11
C LYS C 117 4.72 -36.08 24.46
N VAL C 118 5.73 -35.28 24.12
CA VAL C 118 5.67 -33.84 24.36
C VAL C 118 4.48 -33.23 23.63
N PHE C 119 4.30 -33.63 22.38
CA PHE C 119 3.21 -33.12 21.56
C PHE C 119 1.86 -33.42 22.21
N TYR C 120 1.67 -34.66 22.64
CA TYR C 120 0.40 -35.05 23.25
C TYR C 120 0.16 -34.32 24.56
N LEU C 121 1.20 -34.16 25.37
CA LEU C 121 1.04 -33.43 26.62
C LEU C 121 0.67 -31.98 26.33
N LYS C 122 1.26 -31.40 25.29
CA LYS C 122 0.91 -30.04 24.90
C LYS C 122 -0.55 -29.94 24.51
N MET C 123 -1.03 -30.88 23.68
CA MET C 123 -2.43 -30.85 23.29
C MET C 123 -3.34 -31.03 24.49
N LYS C 124 -2.99 -31.93 25.39
CA LYS C 124 -3.80 -32.17 26.57
C LYS C 124 -3.90 -30.91 27.43
N GLY C 125 -2.76 -30.25 27.64
CA GLY C 125 -2.80 -29.00 28.37
C GLY C 125 -3.65 -27.96 27.67
N ASP C 126 -3.57 -27.92 26.34
CA ASP C 126 -4.35 -26.95 25.58
C ASP C 126 -5.84 -27.15 25.82
N TYR C 127 -6.30 -28.40 25.76
CA TYR C 127 -7.73 -28.61 25.90
C TYR C 127 -8.18 -28.49 27.34
N TYR C 128 -7.33 -28.85 28.29
CA TYR C 128 -7.65 -28.55 29.68
C TYR C 128 -7.78 -27.05 29.89
N ARG C 129 -6.92 -26.27 29.22
CA ARG C 129 -7.03 -24.82 29.28
C ARG C 129 -8.34 -24.34 28.67
N TYR C 130 -8.74 -24.94 27.54
CA TYR C 130 -9.98 -24.54 26.91
C TYR C 130 -11.18 -24.82 27.81
N LEU C 131 -11.16 -25.95 28.52
CA LEU C 131 -12.17 -26.19 29.53
C LEU C 131 -12.10 -25.16 30.65
N ALA C 132 -10.90 -24.87 31.14
CA ALA C 132 -10.76 -23.88 32.20
C ALA C 132 -11.32 -22.53 31.78
N GLU C 133 -11.31 -22.25 30.48
CA GLU C 133 -11.90 -21.03 29.96
C GLU C 133 -13.35 -20.91 30.40
N VAL C 134 -14.05 -22.03 30.50
CA VAL C 134 -15.46 -22.02 30.90
C VAL C 134 -15.69 -22.66 32.26
N ALA C 135 -14.76 -23.47 32.76
CA ALA C 135 -15.00 -24.22 33.99
C ALA C 135 -14.99 -23.29 35.20
N THR C 136 -15.88 -23.58 36.15
CA THR C 136 -15.98 -22.81 37.37
C THR C 136 -16.20 -23.76 38.54
N GLY C 137 -15.92 -23.27 39.74
CA GLY C 137 -16.10 -24.08 40.93
C GLY C 137 -15.12 -25.23 40.96
N GLU C 138 -15.60 -26.38 41.46
CA GLU C 138 -14.74 -27.55 41.54
C GLU C 138 -14.31 -28.01 40.15
N THR C 139 -15.15 -27.76 39.15
CA THR C 139 -14.75 -28.04 37.77
C THR C 139 -13.50 -27.25 37.41
N ARG C 140 -13.51 -25.94 37.69
CA ARG C 140 -12.34 -25.11 37.40
C ARG C 140 -11.14 -25.57 38.20
N ASN C 141 -11.33 -25.89 39.48
CA ASN C 141 -10.23 -26.35 40.31
C ASN C 141 -9.57 -27.59 39.70
N SER C 142 -10.38 -28.60 39.39
CA SER C 142 -9.84 -29.86 38.90
C SER C 142 -9.17 -29.67 37.54
N VAL C 143 -9.82 -28.94 36.62
CA VAL C 143 -9.25 -28.79 35.30
C VAL C 143 -7.96 -27.97 35.36
N VAL C 144 -7.93 -26.95 36.23
CA VAL C 144 -6.72 -26.14 36.35
C VAL C 144 -5.58 -26.97 36.91
N GLU C 145 -5.85 -27.75 37.95
CA GLU C 145 -4.79 -28.60 38.51
C GLU C 145 -4.27 -29.59 37.48
N ASP C 146 -5.18 -30.24 36.76
CA ASP C 146 -4.75 -31.22 35.76
C ASP C 146 -3.96 -30.55 34.64
N SER C 147 -4.42 -29.38 34.20
CA SER C 147 -3.71 -28.66 33.15
C SER C 147 -2.31 -28.30 33.60
N GLN C 148 -2.17 -27.80 34.84
CA GLN C 148 -0.85 -27.46 35.33
C GLN C 148 0.04 -28.68 35.46
N LYS C 149 -0.52 -29.81 35.92
CA LYS C 149 0.29 -31.02 36.02
C LYS C 149 0.81 -31.46 34.66
N ALA C 150 -0.09 -31.52 33.67
CA ALA C 150 0.34 -31.88 32.33
C ALA C 150 1.35 -30.89 31.79
N TYR C 151 1.14 -29.60 32.06
CA TYR C 151 2.04 -28.57 31.58
C TYR C 151 3.44 -28.73 32.15
N GLN C 152 3.55 -28.85 33.47
CA GLN C 152 4.86 -29.01 34.09
C GLN C 152 5.51 -30.32 33.64
N ASP C 153 4.71 -31.36 33.41
CA ASP C 153 5.25 -32.61 32.87
C ASP C 153 5.87 -32.38 31.50
N ALA C 154 5.14 -31.70 30.61
CA ALA C 154 5.64 -31.46 29.27
C ALA C 154 6.90 -30.61 29.31
N PHE C 155 6.91 -29.56 30.13
CA PHE C 155 8.09 -28.72 30.19
C PHE C 155 9.28 -29.48 30.74
N GLU C 156 9.06 -30.33 31.75
CA GLU C 156 10.16 -31.11 32.30
C GLU C 156 10.73 -32.06 31.26
N ILE C 157 9.86 -32.77 30.54
CA ILE C 157 10.37 -33.73 29.56
C ILE C 157 11.07 -33.00 28.42
N SER C 158 10.58 -31.80 28.06
CA SER C 158 11.25 -31.02 27.04
C SER C 158 12.64 -30.60 27.48
N LYS C 159 12.74 -30.00 28.68
CA LYS C 159 14.03 -29.54 29.17
C LYS C 159 14.96 -30.70 29.47
N ALA C 160 14.42 -31.91 29.65
CA ALA C 160 15.28 -33.06 29.91
C ALA C 160 15.83 -33.64 28.63
N LYS C 161 14.97 -33.89 27.63
CA LYS C 161 15.42 -34.62 26.45
C LYS C 161 14.85 -34.02 25.17
N MET C 162 14.84 -32.69 25.05
CA MET C 162 14.31 -32.16 23.80
C MET C 162 15.04 -30.85 23.47
N GLN C 163 15.03 -30.49 22.19
CA GLN C 163 15.73 -29.30 21.71
C GLN C 163 15.08 -28.03 22.26
N PRO C 164 15.86 -27.12 22.86
CA PRO C 164 15.27 -25.86 23.33
C PRO C 164 14.70 -24.98 22.21
N THR C 165 15.35 -24.93 21.05
CA THR C 165 14.92 -24.03 19.98
C THR C 165 14.08 -24.74 18.92
N HIS C 166 13.66 -25.96 19.18
CA HIS C 166 12.74 -26.61 18.28
C HIS C 166 11.38 -25.92 18.32
N PRO C 167 10.65 -25.93 17.19
CA PRO C 167 9.32 -25.32 17.19
C PRO C 167 8.39 -25.82 18.28
N ILE C 168 8.42 -27.11 18.58
CA ILE C 168 7.46 -27.66 19.55
C ILE C 168 7.71 -27.08 20.94
N ARG C 169 8.98 -26.98 21.35
CA ARG C 169 9.27 -26.45 22.67
C ARG C 169 8.92 -24.97 22.77
N LEU C 170 9.18 -24.21 21.72
CA LEU C 170 8.85 -22.80 21.75
C LEU C 170 7.33 -22.60 21.82
N GLY C 171 6.58 -23.24 20.92
CA GLY C 171 5.14 -23.09 20.95
C GLY C 171 4.54 -23.62 22.25
N LEU C 172 5.11 -24.70 22.77
CA LEU C 172 4.93 -25.10 24.14
C LEU C 172 4.98 -23.89 25.07
N ALA C 173 6.11 -23.20 25.07
CA ALA C 173 6.28 -22.06 25.97
C ALA C 173 5.22 -20.99 25.72
N LEU C 174 4.88 -20.74 24.46
CA LEU C 174 3.81 -19.79 24.14
C LEU C 174 2.53 -20.16 24.87
N ASN C 175 2.18 -21.45 24.81
CA ASN C 175 0.92 -21.88 25.40
C ASN C 175 0.99 -21.87 26.92
N PHE C 176 2.15 -22.21 27.48
CA PHE C 176 2.37 -21.98 28.91
C PHE C 176 2.09 -20.55 29.32
N SER C 177 2.66 -19.60 28.58
CA SER C 177 2.49 -18.19 28.95
C SER C 177 1.04 -17.77 28.85
N VAL C 178 0.36 -18.17 27.78
CA VAL C 178 -1.03 -17.77 27.64
C VAL C 178 -1.88 -18.45 28.71
N PHE C 179 -1.52 -19.68 29.10
CA PHE C 179 -2.22 -20.36 30.18
C PHE C 179 -2.07 -19.60 31.47
N TYR C 180 -0.85 -19.16 31.78
CA TYR C 180 -0.61 -18.44 33.01
C TYR C 180 -1.39 -17.14 33.04
N TYR C 181 -1.48 -16.45 31.91
CA TYR C 181 -2.21 -15.18 31.91
C TYR C 181 -3.72 -15.41 31.97
N GLU C 182 -4.27 -16.17 31.02
CA GLU C 182 -5.71 -16.20 30.87
C GLU C 182 -6.37 -16.95 32.02
N ILE C 183 -5.74 -18.01 32.49
CA ILE C 183 -6.37 -18.92 33.45
C ILE C 183 -5.86 -18.70 34.86
N LEU C 184 -4.55 -18.83 35.04
CA LEU C 184 -3.96 -18.69 36.36
C LEU C 184 -4.04 -17.25 36.85
N ASN C 185 -4.31 -16.32 35.95
CA ASN C 185 -4.47 -14.91 36.27
C ASN C 185 -3.24 -14.34 36.96
N SER C 186 -2.09 -14.98 36.78
CA SER C 186 -0.84 -14.51 37.38
C SER C 186 0.05 -13.98 36.26
N PRO C 187 -0.15 -12.74 35.84
CA PRO C 187 0.61 -12.24 34.67
C PRO C 187 2.10 -12.25 34.88
N ASP C 188 2.56 -12.06 36.12
CA ASP C 188 3.99 -11.99 36.38
C ASP C 188 4.68 -13.31 36.04
N LYS C 189 4.12 -14.42 36.53
CA LYS C 189 4.71 -15.73 36.29
C LYS C 189 4.78 -16.01 34.79
N ALA C 190 3.70 -15.72 34.08
CA ALA C 190 3.72 -15.80 32.63
C ALA C 190 4.86 -14.97 32.06
N CYS C 191 5.03 -13.75 32.57
CA CYS C 191 6.05 -12.87 32.03
C CYS C 191 7.42 -13.51 32.14
N GLN C 192 7.78 -13.97 33.34
CA GLN C 192 9.15 -14.47 33.49
C GLN C 192 9.32 -15.80 32.75
N LEU C 193 8.32 -16.68 32.76
CA LEU C 193 8.47 -17.95 32.07
C LEU C 193 8.60 -17.75 30.58
N ALA C 194 7.73 -16.92 29.99
CA ALA C 194 7.82 -16.65 28.58
C ALA C 194 9.16 -16.01 28.23
N LYS C 195 9.61 -15.05 29.04
CA LYS C 195 10.87 -14.39 28.75
C LYS C 195 12.05 -15.35 28.84
N GLN C 196 12.07 -16.21 29.85
CA GLN C 196 13.22 -17.11 29.99
C GLN C 196 13.24 -18.16 28.88
N ALA C 197 12.08 -18.70 28.52
CA ALA C 197 12.03 -19.63 27.39
C ALA C 197 12.42 -18.93 26.10
N PHE C 198 11.98 -17.67 25.94
CA PHE C 198 12.31 -16.93 24.74
C PHE C 198 13.80 -16.67 24.66
N ASP C 199 14.44 -16.38 25.80
CA ASP C 199 15.89 -16.20 25.82
C ASP C 199 16.61 -17.50 25.51
N ASP C 200 16.11 -18.62 26.01
CA ASP C 200 16.66 -19.92 25.64
C ASP C 200 16.57 -20.12 24.13
N ALA C 201 15.45 -19.71 23.54
CA ALA C 201 15.32 -19.76 22.08
C ALA C 201 16.31 -18.82 21.40
N ILE C 202 16.55 -17.65 22.00
CA ILE C 202 17.50 -16.69 21.43
C ILE C 202 18.89 -17.30 21.37
N ALA C 203 19.30 -17.95 22.45
CA ALA C 203 20.69 -18.40 22.57
C ALA C 203 21.06 -19.34 21.43
N GLU C 204 20.21 -20.31 21.13
CA GLU C 204 20.50 -21.34 20.13
C GLU C 204 19.71 -21.10 18.85
N LEU C 205 19.50 -19.84 18.47
CA LEU C 205 18.72 -19.54 17.29
C LEU C 205 19.38 -20.08 16.03
N ASP C 206 20.70 -19.91 15.91
CA ASP C 206 21.42 -20.28 14.70
C ASP C 206 21.97 -21.69 14.75
N THR C 207 21.70 -22.44 15.82
CA THR C 207 22.16 -23.83 15.88
C THR C 207 21.47 -24.70 14.84
N LEU C 208 20.20 -24.41 14.54
CA LEU C 208 19.42 -25.22 13.62
C LEU C 208 19.41 -24.60 12.22
N ASN C 209 18.82 -25.33 11.29
CA ASN C 209 18.77 -24.95 9.89
C ASN C 209 17.71 -23.88 9.66
N GLU C 210 17.70 -23.35 8.42
CA GLU C 210 16.77 -22.28 8.08
C GLU C 210 15.33 -22.76 8.08
N ASP C 211 15.09 -24.03 7.73
CA ASP C 211 13.73 -24.55 7.63
C ASP C 211 13.01 -24.50 8.97
N SER C 212 13.71 -24.87 10.05
CA SER C 212 13.18 -24.65 11.39
C SER C 212 13.32 -23.19 11.82
N TYR C 213 14.33 -22.49 11.29
CA TYR C 213 14.62 -21.13 11.72
C TYR C 213 13.46 -20.20 11.42
N LYS C 214 12.83 -20.34 10.24
CA LYS C 214 11.77 -19.41 9.85
C LYS C 214 10.55 -19.53 10.77
N ASP C 215 10.08 -20.75 10.99
CA ASP C 215 8.93 -20.93 11.88
C ASP C 215 9.29 -20.54 13.30
N SER C 216 10.51 -20.85 13.74
CA SER C 216 10.92 -20.43 15.06
C SER C 216 10.90 -18.91 15.19
N THR C 217 11.36 -18.20 14.17
CA THR C 217 11.32 -16.74 14.18
C THR C 217 9.89 -16.24 14.26
N LEU C 218 8.98 -16.84 13.48
CA LEU C 218 7.59 -16.43 13.55
C LEU C 218 7.05 -16.55 14.97
N ILE C 219 7.27 -17.70 15.59
CA ILE C 219 6.65 -17.92 16.89
C ILE C 219 7.35 -17.13 17.99
N MET C 220 8.65 -16.85 17.87
CA MET C 220 9.26 -16.00 18.89
C MET C 220 8.90 -14.53 18.66
N GLN C 221 8.57 -14.14 17.43
CA GLN C 221 7.94 -12.84 17.22
C GLN C 221 6.61 -12.77 17.93
N LEU C 222 5.84 -13.86 17.87
CA LEU C 222 4.60 -13.90 18.63
C LEU C 222 4.87 -13.76 20.12
N LEU C 223 5.93 -14.42 20.61
CA LEU C 223 6.30 -14.31 22.02
C LEU C 223 6.66 -12.88 22.38
N ARG C 224 7.47 -12.22 21.55
CA ARG C 224 7.78 -10.82 21.78
C ARG C 224 6.51 -9.99 21.84
N ASP C 225 5.60 -10.20 20.89
CA ASP C 225 4.37 -9.45 20.86
C ASP C 225 3.58 -9.60 22.16
N ASN C 226 3.35 -10.84 22.58
CA ASN C 226 2.45 -11.03 23.71
C ASN C 226 3.14 -10.70 25.03
N LEU C 227 4.46 -10.82 25.11
CA LEU C 227 5.15 -10.36 26.31
C LEU C 227 5.09 -8.84 26.41
N THR C 228 5.22 -8.14 25.27
CA THR C 228 5.01 -6.70 25.29
C THR C 228 3.59 -6.35 25.67
N LEU C 229 2.63 -7.15 25.21
CA LEU C 229 1.24 -6.97 25.65
C LEU C 229 1.15 -7.05 27.16
N TRP C 230 1.80 -8.04 27.77
CA TRP C 230 1.64 -8.22 29.21
C TRP C 230 2.38 -7.14 29.98
N THR C 231 3.55 -6.72 29.50
CA THR C 231 4.32 -5.70 30.21
C THR C 231 3.77 -4.31 29.93
N SER C 232 2.85 -4.19 28.99
CA SER C 232 2.23 -2.90 28.67
C SER C 232 1.27 -2.47 29.78
N ASP C 233 1.01 -3.35 30.73
CA ASP C 233 0.02 -3.08 31.75
C ASP C 233 0.65 -2.88 33.12
N VAL D 3 -44.14 -13.65 20.85
CA VAL D 3 -42.93 -13.80 21.65
C VAL D 3 -41.93 -14.69 20.93
N ASP D 4 -42.45 -15.76 20.31
CA ASP D 4 -41.59 -16.71 19.62
C ASP D 4 -40.83 -16.05 18.47
N LYS D 5 -41.53 -15.25 17.66
CA LYS D 5 -40.92 -14.74 16.44
C LYS D 5 -39.78 -13.76 16.74
N GLU D 6 -40.04 -12.76 17.59
CA GLU D 6 -39.00 -11.78 17.89
C GLU D 6 -37.83 -12.41 18.65
N GLU D 7 -38.14 -13.35 19.55
CA GLU D 7 -37.07 -14.04 20.27
C GLU D 7 -36.18 -14.81 19.30
N LEU D 8 -36.80 -15.57 18.39
CA LEU D 8 -36.01 -16.29 17.41
C LEU D 8 -35.22 -15.35 16.52
N VAL D 9 -35.79 -14.20 16.18
CA VAL D 9 -35.08 -13.23 15.33
C VAL D 9 -33.86 -12.69 16.07
N GLN D 10 -34.00 -12.37 17.35
CA GLN D 10 -32.86 -11.93 18.12
C GLN D 10 -31.82 -13.02 18.21
N ARG D 11 -32.27 -14.28 18.34
CA ARG D 11 -31.34 -15.40 18.30
C ARG D 11 -30.60 -15.47 16.97
N ALA D 12 -31.31 -15.20 15.87
CA ALA D 12 -30.69 -15.20 14.56
C ALA D 12 -29.63 -14.12 14.46
N LYS D 13 -29.91 -12.94 15.00
CA LYS D 13 -28.92 -11.86 14.99
C LYS D 13 -27.71 -12.23 15.85
N LEU D 14 -27.97 -12.83 17.00
CA LEU D 14 -26.88 -13.31 17.86
C LEU D 14 -26.04 -14.36 17.14
N ALA D 15 -26.68 -15.18 16.31
CA ALA D 15 -25.97 -16.23 15.59
C ALA D 15 -25.17 -15.65 14.43
N GLU D 16 -25.71 -14.64 13.74
CA GLU D 16 -24.94 -14.03 12.65
C GLU D 16 -23.75 -13.25 13.20
N GLN D 17 -23.87 -12.72 14.40
CA GLN D 17 -22.69 -12.19 15.07
C GLN D 17 -21.78 -13.29 15.58
N ALA D 18 -22.22 -14.55 15.52
CA ALA D 18 -21.45 -15.67 16.01
C ALA D 18 -20.98 -16.61 14.90
N GLU D 19 -21.42 -16.38 13.66
CA GLU D 19 -20.94 -17.10 12.48
C GLU D 19 -21.39 -18.57 12.49
N ARG D 20 -21.94 -19.04 13.61
CA ARG D 20 -22.51 -20.38 13.65
C ARG D 20 -23.84 -20.31 12.91
N TYR D 21 -24.07 -21.24 12.00
CA TYR D 21 -25.15 -21.09 11.02
C TYR D 21 -26.28 -22.09 11.16
N ASP D 22 -26.00 -23.33 11.55
CA ASP D 22 -27.07 -24.30 11.70
C ASP D 22 -28.14 -23.78 12.65
N ASP D 23 -27.72 -23.00 13.65
CA ASP D 23 -28.66 -22.53 14.67
C ASP D 23 -29.72 -21.61 14.07
N MET D 24 -29.31 -20.56 13.35
CA MET D 24 -30.41 -19.74 12.83
C MET D 24 -31.03 -20.41 11.61
N ALA D 25 -30.35 -21.38 11.00
CA ALA D 25 -31.02 -22.15 9.97
C ALA D 25 -32.27 -22.80 10.54
N ALA D 26 -32.12 -23.53 11.65
CA ALA D 26 -33.27 -24.13 12.30
C ALA D 26 -34.23 -23.05 12.83
N ALA D 27 -33.69 -21.97 13.39
CA ALA D 27 -34.54 -20.93 13.97
C ALA D 27 -35.43 -20.30 12.90
N MET D 28 -34.88 -19.99 11.74
CA MET D 28 -35.67 -19.39 10.68
C MET D 28 -36.59 -20.41 10.02
N LYS D 29 -36.21 -21.69 10.02
CA LYS D 29 -37.16 -22.72 9.63
C LYS D 29 -38.40 -22.66 10.51
N GLU D 30 -38.20 -22.60 11.83
CA GLU D 30 -39.33 -22.50 12.75
C GLU D 30 -40.06 -21.17 12.58
N VAL D 31 -39.33 -20.12 12.22
CA VAL D 31 -39.95 -18.82 11.98
C VAL D 31 -40.93 -18.90 10.81
N THR D 32 -40.46 -19.47 9.71
CA THR D 32 -41.32 -19.59 8.53
C THR D 32 -42.50 -20.52 8.78
N GLU D 33 -42.26 -21.65 9.46
CA GLU D 33 -43.38 -22.57 9.67
C GLU D 33 -44.46 -21.98 10.56
N THR D 34 -44.15 -20.93 11.33
CA THR D 34 -45.14 -20.33 12.20
C THR D 34 -46.32 -19.76 11.41
N GLY D 35 -46.02 -19.10 10.28
CA GLY D 35 -47.05 -18.56 9.43
C GLY D 35 -47.22 -17.05 9.47
N VAL D 36 -46.29 -16.33 10.07
CA VAL D 36 -46.37 -14.87 10.16
C VAL D 36 -45.73 -14.26 8.92
N GLU D 37 -46.32 -13.16 8.44
CA GLU D 37 -45.84 -12.51 7.24
C GLU D 37 -44.50 -11.83 7.51
N LEU D 38 -43.44 -12.36 6.92
CA LEU D 38 -42.08 -11.87 7.17
C LEU D 38 -41.90 -10.46 6.63
N SER D 39 -41.18 -9.64 7.37
CA SER D 39 -40.90 -8.27 6.99
C SER D 39 -39.58 -8.23 6.22
N ASN D 40 -39.05 -7.02 6.02
CA ASN D 40 -37.82 -6.85 5.25
C ASN D 40 -36.62 -7.41 5.99
N GLU D 41 -36.48 -7.05 7.27
CA GLU D 41 -35.33 -7.48 8.05
C GLU D 41 -35.29 -8.99 8.20
N GLU D 42 -36.44 -9.60 8.48
CA GLU D 42 -36.49 -11.04 8.71
C GLU D 42 -36.17 -11.81 7.44
N ARG D 43 -36.72 -11.38 6.31
CA ARG D 43 -36.42 -12.05 5.05
C ARG D 43 -34.98 -11.81 4.62
N ASN D 44 -34.43 -10.62 4.90
CA ASN D 44 -33.03 -10.37 4.58
C ASN D 44 -32.12 -11.28 5.39
N LEU D 45 -32.43 -11.47 6.68
CA LEU D 45 -31.66 -12.37 7.51
C LEU D 45 -31.79 -13.81 7.02
N LEU D 46 -33.00 -14.20 6.61
CA LEU D 46 -33.20 -15.50 5.98
C LEU D 46 -32.25 -15.66 4.79
N SER D 47 -32.23 -14.65 3.93
CA SER D 47 -31.38 -14.70 2.76
C SER D 47 -29.92 -14.89 3.13
N VAL D 48 -29.42 -14.05 4.04
CA VAL D 48 -28.00 -14.10 4.38
C VAL D 48 -27.65 -15.45 4.98
N ALA D 49 -28.47 -15.91 5.92
CA ALA D 49 -28.19 -17.16 6.61
C ALA D 49 -28.17 -18.33 5.64
N TYR D 50 -29.23 -18.49 4.86
CA TYR D 50 -29.29 -19.62 3.96
C TYR D 50 -28.21 -19.56 2.89
N LYS D 51 -27.96 -18.35 2.37
CA LYS D 51 -26.95 -18.20 1.34
C LYS D 51 -25.57 -18.63 1.85
N ASN D 52 -25.22 -18.23 3.08
CA ASN D 52 -23.90 -18.59 3.58
C ASN D 52 -23.83 -20.08 3.97
N VAL D 53 -24.89 -20.60 4.57
CA VAL D 53 -24.88 -22.01 4.97
C VAL D 53 -24.79 -22.91 3.75
N VAL D 54 -25.29 -22.46 2.61
CA VAL D 54 -25.11 -23.25 1.41
C VAL D 54 -23.80 -22.91 0.71
N GLY D 55 -23.30 -21.68 0.86
CA GLY D 55 -22.07 -21.30 0.19
C GLY D 55 -20.86 -22.03 0.72
N ALA D 56 -20.83 -22.30 2.02
CA ALA D 56 -19.70 -23.06 2.57
C ALA D 56 -19.59 -24.42 1.89
N ARG D 57 -20.70 -25.15 1.85
CA ARG D 57 -20.69 -26.46 1.20
C ARG D 57 -20.47 -26.33 -0.29
N ARG D 58 -20.94 -25.25 -0.91
CA ARG D 58 -20.72 -25.05 -2.33
C ARG D 58 -19.23 -24.91 -2.63
N SER D 59 -18.53 -24.12 -1.81
CA SER D 59 -17.09 -23.99 -1.96
C SER D 59 -16.40 -25.32 -1.75
N SER D 60 -16.86 -26.09 -0.76
CA SER D 60 -16.28 -27.41 -0.53
C SER D 60 -16.42 -28.28 -1.77
N TRP D 61 -17.61 -28.30 -2.37
CA TRP D 61 -17.80 -29.11 -3.56
C TRP D 61 -16.94 -28.60 -4.71
N ARG D 62 -16.82 -27.29 -4.85
CA ARG D 62 -16.01 -26.74 -5.94
C ARG D 62 -14.56 -27.19 -5.80
N VAL D 63 -14.01 -27.10 -4.59
CA VAL D 63 -12.60 -27.45 -4.42
C VAL D 63 -12.39 -28.95 -4.58
N ILE D 64 -13.32 -29.76 -4.09
CA ILE D 64 -13.13 -31.20 -4.26
C ILE D 64 -13.29 -31.61 -5.71
N SER D 65 -14.15 -30.91 -6.46
CA SER D 65 -14.28 -31.20 -7.89
C SER D 65 -13.02 -30.79 -8.64
N SER D 66 -12.39 -29.68 -8.23
CA SER D 66 -11.11 -29.31 -8.83
C SER D 66 -10.05 -30.36 -8.54
N ILE D 67 -10.05 -30.90 -7.32
CA ILE D 67 -9.12 -31.98 -7.00
C ILE D 67 -9.42 -33.22 -7.83
N GLU D 68 -10.69 -33.56 -7.98
CA GLU D 68 -11.07 -34.70 -8.80
C GLU D 68 -10.59 -34.53 -10.24
N GLN D 69 -10.75 -33.33 -10.80
CA GLN D 69 -10.20 -33.05 -12.11
C GLN D 69 -8.68 -33.18 -12.09
N LYS D 70 -8.04 -32.86 -10.98
CA LYS D 70 -6.61 -33.12 -10.82
C LYS D 70 -6.33 -34.60 -10.62
N THR D 71 -7.35 -35.42 -10.39
CA THR D 71 -7.21 -36.87 -10.23
C THR D 71 -6.19 -37.25 -9.17
N GLU D 75 -5.38 -43.70 -7.99
CA GLU D 75 -6.71 -44.17 -8.40
C GLU D 75 -7.66 -44.22 -7.20
N ARG D 76 -7.13 -44.67 -6.07
CA ARG D 76 -7.97 -44.78 -4.83
C ARG D 76 -8.41 -43.37 -4.43
N LYS D 77 -7.49 -42.39 -4.53
CA LYS D 77 -7.84 -41.02 -4.20
C LYS D 77 -9.03 -40.54 -5.01
N GLN D 78 -9.12 -40.95 -6.28
CA GLN D 78 -10.27 -40.58 -7.08
C GLN D 78 -11.55 -41.16 -6.50
N GLN D 79 -11.50 -42.42 -6.05
CA GLN D 79 -12.68 -43.03 -5.44
C GLN D 79 -13.08 -42.31 -4.17
N MET D 80 -12.11 -41.94 -3.33
CA MET D 80 -12.48 -41.28 -2.08
C MET D 80 -12.97 -39.86 -2.33
N ALA D 81 -12.41 -39.17 -3.32
CA ALA D 81 -12.95 -37.88 -3.70
C ALA D 81 -14.37 -38.03 -4.22
N LYS D 82 -14.64 -39.10 -4.97
CA LYS D 82 -15.99 -39.34 -5.48
C LYS D 82 -16.98 -39.58 -4.34
N GLU D 83 -16.60 -40.40 -3.37
CA GLU D 83 -17.51 -40.68 -2.26
C GLU D 83 -17.73 -39.44 -1.40
N TYR D 84 -16.67 -38.63 -1.22
CA TYR D 84 -16.85 -37.41 -0.46
C TYR D 84 -17.73 -36.41 -1.22
N ARG D 85 -17.62 -36.42 -2.56
CA ARG D 85 -18.53 -35.64 -3.39
C ARG D 85 -19.96 -36.10 -3.20
N VAL D 86 -20.16 -37.42 -3.11
CA VAL D 86 -21.49 -37.94 -2.81
C VAL D 86 -22.00 -37.37 -1.49
N LYS D 87 -21.13 -37.37 -0.47
CA LYS D 87 -21.53 -36.84 0.82
C LYS D 87 -21.95 -35.38 0.71
N VAL D 88 -21.11 -34.56 0.09
CA VAL D 88 -21.40 -33.13 0.05
C VAL D 88 -22.63 -32.84 -0.81
N GLU D 89 -22.82 -33.61 -1.88
CA GLU D 89 -24.03 -33.47 -2.68
C GLU D 89 -25.26 -33.83 -1.87
N LYS D 90 -25.16 -34.88 -1.06
CA LYS D 90 -26.30 -35.23 -0.19
C LYS D 90 -26.60 -34.10 0.77
N GLU D 91 -25.56 -33.48 1.33
CA GLU D 91 -25.76 -32.36 2.25
C GLU D 91 -26.45 -31.19 1.55
N LEU D 92 -25.93 -30.80 0.39
CA LEU D 92 -26.53 -29.69 -0.35
C LEU D 92 -27.96 -30.00 -0.72
N ARG D 93 -28.23 -31.22 -1.18
CA ARG D 93 -29.58 -31.59 -1.56
C ARG D 93 -30.51 -31.49 -0.37
N GLU D 94 -30.09 -32.02 0.78
CA GLU D 94 -30.94 -31.97 1.96
C GLU D 94 -31.26 -30.52 2.33
N ILE D 95 -30.23 -29.69 2.45
CA ILE D 95 -30.45 -28.33 2.95
C ILE D 95 -31.26 -27.52 1.95
N CYS D 96 -30.94 -27.62 0.66
CA CYS D 96 -31.66 -26.85 -0.35
C CYS D 96 -33.10 -27.31 -0.50
N TYR D 97 -33.34 -28.62 -0.40
CA TYR D 97 -34.69 -29.13 -0.45
C TYR D 97 -35.50 -28.62 0.73
N ASP D 98 -34.88 -28.57 1.91
CA ASP D 98 -35.56 -27.94 3.04
C ASP D 98 -35.90 -26.49 2.74
N VAL D 99 -34.94 -25.76 2.17
CA VAL D 99 -35.16 -24.34 1.88
C VAL D 99 -36.34 -24.17 0.94
N LEU D 100 -36.36 -24.92 -0.16
CA LEU D 100 -37.40 -24.75 -1.17
C LEU D 100 -38.75 -25.21 -0.64
N GLY D 101 -38.77 -26.29 0.17
CA GLY D 101 -40.01 -26.71 0.77
C GLY D 101 -40.59 -25.64 1.68
N LEU D 102 -39.74 -25.02 2.50
CA LEU D 102 -40.20 -23.92 3.33
C LEU D 102 -40.74 -22.77 2.47
N LEU D 103 -40.01 -22.42 1.42
CA LEU D 103 -40.42 -21.33 0.53
C LEU D 103 -41.80 -21.59 -0.05
N ASP D 104 -42.00 -22.76 -0.66
CA ASP D 104 -43.26 -23.05 -1.31
C ASP D 104 -44.34 -23.52 -0.34
N LYS D 105 -44.00 -23.64 0.95
CA LYS D 105 -45.00 -23.98 1.96
C LYS D 105 -45.57 -22.73 2.63
N HIS D 106 -44.70 -21.89 3.22
CA HIS D 106 -45.17 -20.77 4.02
C HIS D 106 -44.86 -19.41 3.43
N LEU D 107 -43.83 -19.29 2.61
CA LEU D 107 -43.40 -17.98 2.13
C LEU D 107 -44.08 -17.60 0.82
N ILE D 108 -43.89 -18.40 -0.22
CA ILE D 108 -44.45 -18.07 -1.53
C ILE D 108 -45.97 -17.98 -1.49
N PRO D 109 -46.70 -19.00 -1.03
CA PRO D 109 -48.17 -18.92 -1.10
C PRO D 109 -48.77 -17.77 -0.31
N LYS D 110 -48.17 -17.41 0.82
CA LYS D 110 -48.69 -16.34 1.66
C LYS D 110 -48.06 -14.98 1.37
N ALA D 111 -47.15 -14.91 0.40
CA ALA D 111 -46.50 -13.65 0.06
C ALA D 111 -47.49 -12.74 -0.64
N SER D 112 -47.94 -11.68 0.03
CA SER D 112 -48.92 -10.77 -0.53
C SER D 112 -48.26 -9.62 -1.29
N ASN D 113 -47.34 -8.91 -0.64
CA ASN D 113 -46.69 -7.79 -1.29
C ASN D 113 -45.82 -8.29 -2.45
N PRO D 114 -45.77 -7.56 -3.56
CA PRO D 114 -45.02 -8.06 -4.72
C PRO D 114 -43.54 -8.26 -4.44
N GLU D 115 -42.92 -7.39 -3.65
CA GLU D 115 -41.48 -7.44 -3.46
C GLU D 115 -41.06 -8.74 -2.79
N SER D 116 -41.81 -9.19 -1.78
CA SER D 116 -41.49 -10.45 -1.13
C SER D 116 -41.68 -11.62 -2.09
N LYS D 117 -42.70 -11.55 -2.96
CA LYS D 117 -42.87 -12.57 -3.97
C LYS D 117 -41.65 -12.65 -4.88
N VAL D 118 -41.18 -11.49 -5.33
CA VAL D 118 -39.99 -11.43 -6.18
C VAL D 118 -38.80 -12.03 -5.44
N PHE D 119 -38.64 -11.67 -4.17
CA PHE D 119 -37.54 -12.18 -3.36
C PHE D 119 -37.57 -13.68 -3.27
N TYR D 120 -38.75 -14.25 -2.99
CA TYR D 120 -38.87 -15.69 -2.85
C TYR D 120 -38.61 -16.41 -4.17
N LEU D 121 -39.12 -15.85 -5.27
CA LEU D 121 -38.85 -16.45 -6.58
C LEU D 121 -37.36 -16.42 -6.88
N LYS D 122 -36.69 -15.33 -6.51
CA LYS D 122 -35.25 -15.25 -6.70
C LYS D 122 -34.53 -16.34 -5.92
N MET D 123 -34.90 -16.51 -4.64
CA MET D 123 -34.26 -17.55 -3.83
C MET D 123 -34.52 -18.93 -4.42
N LYS D 124 -35.76 -19.17 -4.85
CA LYS D 124 -36.10 -20.47 -5.43
C LYS D 124 -35.27 -20.75 -6.66
N GLY D 125 -35.14 -19.76 -7.53
CA GLY D 125 -34.30 -19.93 -8.70
C GLY D 125 -32.86 -20.20 -8.32
N ASP D 126 -32.39 -19.51 -7.28
CA ASP D 126 -31.01 -19.70 -6.84
C ASP D 126 -30.76 -21.13 -6.42
N TYR D 127 -31.68 -21.69 -5.64
CA TYR D 127 -31.44 -23.04 -5.13
C TYR D 127 -31.69 -24.09 -6.21
N TYR D 128 -32.61 -23.85 -7.12
CA TYR D 128 -32.74 -24.71 -8.27
C TYR D 128 -31.45 -24.69 -9.10
N ARG D 129 -30.83 -23.52 -9.22
CA ARG D 129 -29.53 -23.43 -9.89
C ARG D 129 -28.47 -24.22 -9.15
N TYR D 130 -28.46 -24.13 -7.83
CA TYR D 130 -27.47 -24.86 -7.06
C TYR D 130 -27.62 -26.36 -7.24
N LEU D 131 -28.87 -26.84 -7.30
CA LEU D 131 -29.08 -28.24 -7.67
C LEU D 131 -28.61 -28.53 -9.08
N ALA D 132 -28.93 -27.67 -10.03
CA ALA D 132 -28.49 -27.89 -11.40
C ALA D 132 -26.97 -27.98 -11.49
N GLU D 133 -26.28 -27.32 -10.56
CA GLU D 133 -24.82 -27.41 -10.50
C GLU D 133 -24.38 -28.87 -10.40
N VAL D 134 -25.16 -29.70 -9.71
CA VAL D 134 -24.82 -31.11 -9.55
C VAL D 134 -25.78 -32.05 -10.28
N ALA D 135 -26.98 -31.58 -10.64
CA ALA D 135 -27.98 -32.46 -11.21
C ALA D 135 -27.59 -32.89 -12.63
N THR D 136 -27.89 -34.14 -12.96
CA THR D 136 -27.60 -34.69 -14.27
C THR D 136 -28.77 -35.55 -14.70
N GLY D 137 -28.85 -35.79 -16.02
CA GLY D 137 -29.92 -36.62 -16.54
C GLY D 137 -31.27 -35.95 -16.38
N GLU D 138 -32.28 -36.78 -16.09
CA GLU D 138 -33.62 -36.25 -15.91
C GLU D 138 -33.68 -35.30 -14.71
N THR D 139 -32.83 -35.53 -13.71
CA THR D 139 -32.72 -34.58 -12.61
C THR D 139 -32.32 -33.21 -13.13
N ARG D 140 -31.28 -33.14 -13.95
CA ARG D 140 -30.85 -31.87 -14.50
C ARG D 140 -31.94 -31.25 -15.36
N ASN D 141 -32.60 -32.07 -16.19
CA ASN D 141 -33.66 -31.55 -17.04
C ASN D 141 -34.76 -30.88 -16.21
N SER D 142 -35.27 -31.61 -15.20
CA SER D 142 -36.37 -31.09 -14.41
C SER D 142 -35.95 -29.85 -13.62
N VAL D 143 -34.77 -29.88 -12.98
CA VAL D 143 -34.37 -28.75 -12.18
C VAL D 143 -34.11 -27.53 -13.06
N VAL D 144 -33.54 -27.74 -14.25
CA VAL D 144 -33.28 -26.63 -15.15
C VAL D 144 -34.58 -26.01 -15.62
N GLU D 145 -35.55 -26.85 -16.01
CA GLU D 145 -36.83 -26.31 -16.45
C GLU D 145 -37.52 -25.53 -15.33
N ASP D 146 -37.53 -26.09 -14.12
CA ASP D 146 -38.18 -25.40 -13.01
C ASP D 146 -37.47 -24.10 -12.69
N SER D 147 -36.13 -24.11 -12.70
CA SER D 147 -35.37 -22.90 -12.44
C SER D 147 -35.69 -21.83 -13.46
N GLN D 148 -35.74 -22.20 -14.74
CA GLN D 148 -36.05 -21.22 -15.78
C GLN D 148 -37.47 -20.69 -15.62
N LYS D 149 -38.42 -21.55 -15.27
CA LYS D 149 -39.80 -21.10 -15.09
C LYS D 149 -39.88 -20.08 -13.96
N ALA D 150 -39.28 -20.41 -12.81
CA ALA D 150 -39.28 -19.47 -11.69
C ALA D 150 -38.55 -18.18 -12.06
N TYR D 151 -37.46 -18.30 -12.82
CA TYR D 151 -36.68 -17.13 -13.21
C TYR D 151 -37.50 -16.20 -14.10
N GLN D 152 -38.10 -16.74 -15.14
CA GLN D 152 -38.90 -15.90 -16.03
C GLN D 152 -40.11 -15.32 -15.29
N ASP D 153 -40.67 -16.08 -14.34
CA ASP D 153 -41.75 -15.55 -13.52
C ASP D 153 -41.29 -14.33 -12.73
N ALA D 154 -40.13 -14.46 -12.07
CA ALA D 154 -39.62 -13.36 -11.26
C ALA D 154 -39.32 -12.15 -12.13
N PHE D 155 -38.70 -12.37 -13.28
CA PHE D 155 -38.37 -11.23 -14.13
C PHE D 155 -39.63 -10.56 -14.65
N GLU D 156 -40.66 -11.35 -15.00
CA GLU D 156 -41.90 -10.76 -15.47
C GLU D 156 -42.57 -9.93 -14.38
N ILE D 157 -42.64 -10.47 -13.17
CA ILE D 157 -43.29 -9.72 -12.10
C ILE D 157 -42.49 -8.46 -11.76
N SER D 158 -41.17 -8.54 -11.85
CA SER D 158 -40.34 -7.36 -11.61
C SER D 158 -40.60 -6.29 -12.66
N LYS D 159 -40.52 -6.66 -13.94
CA LYS D 159 -40.75 -5.70 -15.01
C LYS D 159 -42.18 -5.20 -15.04
N ALA D 160 -43.11 -5.93 -14.44
CA ALA D 160 -44.50 -5.50 -14.42
C ALA D 160 -44.74 -4.49 -13.30
N LYS D 161 -44.33 -4.82 -12.07
CA LYS D 161 -44.69 -4.00 -10.93
C LYS D 161 -43.52 -3.81 -9.96
N MET D 162 -42.32 -3.56 -10.48
CA MET D 162 -41.23 -3.37 -9.53
C MET D 162 -40.24 -2.38 -10.11
N GLN D 163 -39.47 -1.74 -9.23
CA GLN D 163 -38.49 -0.73 -9.64
C GLN D 163 -37.35 -1.36 -10.45
N PRO D 164 -37.04 -0.82 -11.62
CA PRO D 164 -35.89 -1.35 -12.39
C PRO D 164 -34.55 -1.20 -11.69
N THR D 165 -34.31 -0.09 -10.99
CA THR D 165 -33.01 0.17 -10.39
C THR D 165 -32.96 -0.18 -8.91
N HIS D 166 -33.99 -0.85 -8.40
CA HIS D 166 -33.94 -1.34 -7.05
C HIS D 166 -32.88 -2.44 -6.91
N PRO D 167 -32.25 -2.56 -5.75
CA PRO D 167 -31.26 -3.63 -5.55
C PRO D 167 -31.77 -5.01 -5.89
N ILE D 168 -33.02 -5.33 -5.54
CA ILE D 168 -33.51 -6.69 -5.74
C ILE D 168 -33.57 -7.03 -7.22
N ARG D 169 -34.04 -6.09 -8.05
CA ARG D 169 -34.16 -6.38 -9.48
C ARG D 169 -32.79 -6.51 -10.13
N LEU D 170 -31.84 -5.66 -9.71
CA LEU D 170 -30.50 -5.77 -10.27
C LEU D 170 -29.84 -7.09 -9.89
N GLY D 171 -29.82 -7.43 -8.60
CA GLY D 171 -29.22 -8.68 -8.19
C GLY D 171 -29.93 -9.87 -8.78
N LEU D 172 -31.25 -9.79 -8.90
CA LEU D 172 -32.02 -10.64 -9.77
C LEU D 172 -31.32 -10.84 -11.11
N ALA D 173 -31.09 -9.75 -11.83
CA ALA D 173 -30.46 -9.85 -13.14
C ALA D 173 -29.08 -10.51 -13.07
N LEU D 174 -28.31 -10.17 -12.04
CA LEU D 174 -27.01 -10.81 -11.83
C LEU D 174 -27.16 -12.31 -11.81
N ASN D 175 -28.13 -12.80 -11.05
CA ASN D 175 -28.29 -14.23 -10.88
C ASN D 175 -28.85 -14.88 -12.14
N PHE D 176 -29.72 -14.17 -12.85
CA PHE D 176 -30.11 -14.61 -14.21
C PHE D 176 -28.90 -14.83 -15.09
N SER D 177 -28.01 -13.84 -15.15
CA SER D 177 -26.86 -13.93 -16.03
C SER D 177 -25.96 -15.11 -15.64
N VAL D 178 -25.70 -15.26 -14.34
CA VAL D 178 -24.83 -16.36 -13.92
C VAL D 178 -25.53 -17.69 -14.19
N PHE D 179 -26.85 -17.73 -14.06
CA PHE D 179 -27.59 -18.95 -14.38
C PHE D 179 -27.43 -19.31 -15.84
N TYR D 180 -27.57 -18.32 -16.72
CA TYR D 180 -27.45 -18.58 -18.15
C TYR D 180 -26.06 -19.08 -18.50
N TYR D 181 -25.03 -18.51 -17.85
CA TYR D 181 -23.68 -18.97 -18.19
C TYR D 181 -23.38 -20.35 -17.61
N GLU D 182 -23.52 -20.50 -16.29
CA GLU D 182 -23.02 -21.69 -15.64
C GLU D 182 -23.85 -22.92 -16.00
N ILE D 183 -25.16 -22.74 -16.12
CA ILE D 183 -26.07 -23.88 -16.25
C ILE D 183 -26.55 -24.05 -17.68
N LEU D 184 -27.17 -23.01 -18.23
CA LEU D 184 -27.71 -23.09 -19.58
C LEU D 184 -26.60 -23.16 -20.62
N ASN D 185 -25.38 -22.84 -20.21
CA ASN D 185 -24.20 -22.91 -21.07
C ASN D 185 -24.37 -22.08 -22.34
N SER D 186 -25.25 -21.08 -22.30
CA SER D 186 -25.48 -20.20 -23.43
C SER D 186 -24.92 -18.82 -23.08
N PRO D 187 -23.62 -18.60 -23.23
CA PRO D 187 -23.03 -17.34 -22.78
C PRO D 187 -23.61 -16.12 -23.48
N ASP D 188 -24.04 -16.27 -24.73
CA ASP D 188 -24.56 -15.13 -25.49
C ASP D 188 -25.82 -14.57 -24.84
N LYS D 189 -26.78 -15.47 -24.53
CA LYS D 189 -28.03 -15.02 -23.93
C LYS D 189 -27.78 -14.32 -22.61
N ALA D 190 -26.90 -14.89 -21.78
CA ALA D 190 -26.48 -14.21 -20.57
C ALA D 190 -25.93 -12.83 -20.89
N CYS D 191 -25.09 -12.73 -21.93
CA CYS D 191 -24.48 -11.46 -22.25
C CYS D 191 -25.55 -10.40 -22.53
N GLN D 192 -26.50 -10.71 -23.42
CA GLN D 192 -27.45 -9.67 -23.78
C GLN D 192 -28.41 -9.37 -22.63
N LEU D 193 -28.83 -10.40 -21.88
CA LEU D 193 -29.77 -10.13 -20.79
C LEU D 193 -29.11 -9.29 -19.70
N ALA D 194 -27.89 -9.66 -19.31
CA ALA D 194 -27.18 -8.88 -18.31
C ALA D 194 -26.95 -7.46 -18.79
N LYS D 195 -26.56 -7.29 -20.06
CA LYS D 195 -26.29 -5.95 -20.58
C LYS D 195 -27.56 -5.11 -20.61
N GLN D 196 -28.68 -5.68 -21.04
CA GLN D 196 -29.90 -4.89 -21.15
C GLN D 196 -30.43 -4.52 -19.77
N ALA D 197 -30.38 -5.45 -18.81
CA ALA D 197 -30.78 -5.11 -17.45
C ALA D 197 -29.85 -4.07 -16.85
N PHE D 198 -28.56 -4.18 -17.15
CA PHE D 198 -27.59 -3.22 -16.63
C PHE D 198 -27.85 -1.85 -17.22
N ASP D 199 -28.20 -1.78 -18.50
CA ASP D 199 -28.54 -0.50 -19.11
C ASP D 199 -29.81 0.09 -18.50
N ASP D 200 -30.80 -0.77 -18.21
CA ASP D 200 -31.99 -0.29 -17.51
C ASP D 200 -31.61 0.29 -16.16
N ALA D 201 -30.67 -0.35 -15.47
CA ALA D 201 -30.15 0.20 -14.22
C ALA D 201 -29.44 1.53 -14.44
N ILE D 202 -28.71 1.63 -15.56
CA ILE D 202 -27.98 2.86 -15.88
C ILE D 202 -28.96 4.02 -16.03
N ALA D 203 -30.05 3.78 -16.75
CA ALA D 203 -30.95 4.86 -17.13
C ALA D 203 -31.49 5.58 -15.89
N GLU D 204 -31.96 4.82 -14.91
CA GLU D 204 -32.59 5.39 -13.72
C GLU D 204 -31.67 5.32 -12.50
N LEU D 205 -30.37 5.51 -12.72
CA LEU D 205 -29.43 5.41 -11.60
C LEU D 205 -29.67 6.50 -10.57
N ASP D 206 -29.93 7.73 -11.01
CA ASP D 206 -30.08 8.86 -10.11
C ASP D 206 -31.52 9.10 -9.69
N THR D 207 -32.45 8.26 -10.12
CA THR D 207 -33.84 8.42 -9.68
C THR D 207 -34.00 8.16 -8.19
N LEU D 208 -33.22 7.24 -7.64
CA LEU D 208 -33.33 6.86 -6.24
C LEU D 208 -32.30 7.59 -5.38
N ASN D 209 -32.41 7.40 -4.07
CA ASN D 209 -31.57 8.06 -3.10
C ASN D 209 -30.19 7.41 -3.03
N GLU D 210 -29.30 8.04 -2.27
CA GLU D 210 -27.92 7.56 -2.16
C GLU D 210 -27.86 6.22 -1.43
N ASP D 211 -28.76 5.99 -0.48
CA ASP D 211 -28.74 4.77 0.32
C ASP D 211 -28.91 3.54 -0.55
N SER D 212 -29.84 3.58 -1.49
CA SER D 212 -29.94 2.54 -2.50
C SER D 212 -28.87 2.68 -3.57
N TYR D 213 -28.42 3.91 -3.82
CA TYR D 213 -27.47 4.17 -4.90
C TYR D 213 -26.16 3.44 -4.67
N LYS D 214 -25.66 3.41 -3.44
CA LYS D 214 -24.35 2.81 -3.18
C LYS D 214 -24.36 1.30 -3.45
N ASP D 215 -25.35 0.60 -2.89
CA ASP D 215 -25.44 -0.84 -3.13
C ASP D 215 -25.71 -1.14 -4.60
N SER D 216 -26.54 -0.31 -5.24
CA SER D 216 -26.79 -0.49 -6.65
C SER D 216 -25.50 -0.35 -7.46
N THR D 217 -24.67 0.65 -7.10
CA THR D 217 -23.39 0.81 -7.79
C THR D 217 -22.49 -0.39 -7.57
N LEU D 218 -22.44 -0.91 -6.35
CA LEU D 218 -21.64 -2.10 -6.09
C LEU D 218 -22.06 -3.24 -7.02
N ILE D 219 -23.36 -3.52 -7.06
CA ILE D 219 -23.79 -4.70 -7.80
C ILE D 219 -23.72 -4.48 -9.32
N MET D 220 -23.88 -3.24 -9.79
CA MET D 220 -23.70 -3.05 -11.23
C MET D 220 -22.21 -3.03 -11.60
N GLN D 221 -21.33 -2.69 -10.66
CA GLN D 221 -19.91 -2.94 -10.87
C GLN D 221 -19.65 -4.43 -11.02
N LEU D 222 -20.32 -5.23 -10.20
CA LEU D 222 -20.20 -6.68 -10.36
C LEU D 222 -20.70 -7.11 -11.74
N LEU D 223 -21.79 -6.51 -12.19
CA LEU D 223 -22.32 -6.82 -13.52
C LEU D 223 -21.33 -6.45 -14.61
N ARG D 224 -20.73 -5.26 -14.52
CA ARG D 224 -19.69 -4.89 -15.47
C ARG D 224 -18.56 -5.90 -15.46
N ASP D 225 -18.10 -6.28 -14.26
CA ASP D 225 -17.01 -7.24 -14.16
C ASP D 225 -17.34 -8.55 -14.86
N ASN D 226 -18.49 -9.13 -14.56
CA ASN D 226 -18.75 -10.47 -15.07
C ASN D 226 -19.15 -10.43 -16.55
N LEU D 227 -19.74 -9.33 -17.01
CA LEU D 227 -19.98 -9.22 -18.45
C LEU D 227 -18.68 -9.07 -19.21
N THR D 228 -17.71 -8.34 -18.65
CA THR D 228 -16.39 -8.30 -19.26
C THR D 228 -15.73 -9.67 -19.22
N LEU D 229 -15.94 -10.42 -18.15
CA LEU D 229 -15.47 -11.80 -18.11
C LEU D 229 -16.04 -12.60 -19.27
N TRP D 230 -17.34 -12.46 -19.53
CA TRP D 230 -17.95 -13.29 -20.56
C TRP D 230 -17.54 -12.85 -21.96
N THR D 231 -17.39 -11.53 -22.16
CA THR D 231 -17.00 -11.03 -23.48
C THR D 231 -15.51 -11.18 -23.71
N SER D 232 -14.76 -11.53 -22.67
CA SER D 232 -13.32 -11.73 -22.80
C SER D 232 -13.00 -13.00 -23.56
N ASP D 233 -14.02 -13.81 -23.83
CA ASP D 233 -13.80 -15.11 -24.44
C ASP D 233 -14.33 -15.15 -25.87
N GLU E 62 -40.70 20.15 -5.34
CA GLU E 62 -39.35 19.70 -5.63
C GLU E 62 -38.54 20.80 -6.28
N LEU E 63 -37.28 20.91 -5.88
CA LEU E 63 -36.37 21.89 -6.46
C LEU E 63 -35.00 21.25 -6.63
N LYS E 64 -34.30 21.68 -7.68
CA LYS E 64 -33.00 21.11 -8.01
C LYS E 64 -32.17 22.18 -8.71
N ASP E 65 -30.86 21.93 -8.76
CA ASP E 65 -29.92 22.84 -9.41
C ASP E 65 -29.91 22.68 -10.92
N ASP E 66 -30.66 21.71 -11.46
CA ASP E 66 -30.71 21.51 -12.90
C ASP E 66 -31.26 22.75 -13.61
N ASP E 67 -32.40 23.26 -13.13
CA ASP E 67 -33.08 24.38 -13.79
C ASP E 67 -32.57 25.70 -13.22
N PHE E 68 -31.25 25.88 -13.31
CA PHE E 68 -30.55 27.00 -12.72
C PHE E 68 -29.66 27.64 -13.77
N GLU E 69 -29.97 28.88 -14.13
CA GLU E 69 -29.24 29.62 -15.15
C GLU E 69 -28.41 30.70 -14.47
N LYS E 70 -27.09 30.57 -14.54
CA LYS E 70 -26.22 31.55 -13.90
C LYS E 70 -26.36 32.91 -14.58
N ILE E 71 -26.35 33.96 -13.76
CA ILE E 71 -26.46 35.32 -14.29
C ILE E 71 -25.23 36.11 -13.86
N SER E 72 -25.06 36.29 -12.55
CA SER E 72 -24.00 37.11 -12.00
C SER E 72 -23.59 36.51 -10.65
N GLU E 73 -22.93 37.31 -9.82
CA GLU E 73 -22.60 36.89 -8.47
C GLU E 73 -23.20 37.86 -7.45
N VAL E 82 -21.48 31.78 -3.24
CA VAL E 82 -22.58 32.72 -3.37
C VAL E 82 -22.69 33.18 -4.81
N PHE E 83 -23.36 32.39 -5.64
CA PHE E 83 -23.56 32.74 -7.04
C PHE E 83 -25.00 33.15 -7.29
N LYS E 84 -25.16 34.17 -8.13
CA LYS E 84 -26.49 34.65 -8.51
C LYS E 84 -26.96 33.83 -9.69
N VAL E 85 -27.72 32.77 -9.41
CA VAL E 85 -28.15 31.83 -10.44
C VAL E 85 -29.67 31.75 -10.40
N SER E 86 -30.33 32.23 -11.45
CA SER E 86 -31.76 32.37 -11.52
C SER E 86 -32.46 31.04 -11.76
N HIS E 87 -33.74 30.99 -11.41
CA HIS E 87 -34.55 29.80 -11.60
C HIS E 87 -35.14 29.79 -13.01
N LYS E 88 -35.01 28.66 -13.68
CA LYS E 88 -35.42 28.52 -15.08
C LYS E 88 -36.94 28.42 -15.25
N PRO E 89 -37.61 27.44 -14.63
CA PRO E 89 -39.03 27.24 -14.99
C PRO E 89 -39.95 28.29 -14.41
N SER E 90 -39.72 28.71 -13.17
CA SER E 90 -40.63 29.66 -12.52
C SER E 90 -40.49 31.07 -13.10
N GLY E 91 -39.42 31.34 -13.84
CA GLY E 91 -39.22 32.68 -14.35
C GLY E 91 -38.77 33.69 -13.33
N LEU E 92 -38.44 33.25 -12.13
CA LEU E 92 -38.03 34.13 -11.05
C LEU E 92 -36.50 34.14 -10.96
N VAL E 93 -35.92 35.32 -10.89
CA VAL E 93 -34.47 35.41 -10.67
C VAL E 93 -34.17 34.96 -9.26
N MET E 94 -33.25 34.01 -9.14
CA MET E 94 -33.06 33.24 -7.92
C MET E 94 -31.59 33.32 -7.54
N ALA E 95 -31.28 33.08 -6.27
CA ALA E 95 -29.92 33.17 -5.76
C ALA E 95 -29.57 31.90 -5.01
N ARG E 96 -28.36 31.40 -5.27
CA ARG E 96 -27.83 30.21 -4.61
C ARG E 96 -26.62 30.59 -3.77
N LYS E 97 -26.53 30.01 -2.58
CA LYS E 97 -25.40 30.23 -1.68
C LYS E 97 -24.55 28.97 -1.70
N LEU E 98 -23.44 29.03 -2.43
CA LEU E 98 -22.56 27.86 -2.59
C LEU E 98 -21.51 27.84 -1.48
N ILE E 99 -21.98 27.88 -0.25
CA ILE E 99 -21.13 27.66 0.91
C ILE E 99 -21.03 26.15 1.11
N HIS E 100 -19.86 25.61 0.85
CA HIS E 100 -19.66 24.18 0.80
C HIS E 100 -18.46 23.78 1.63
N LEU E 101 -18.57 22.62 2.26
CA LEU E 101 -17.49 22.03 3.03
C LEU E 101 -17.88 20.58 3.28
N GLU E 102 -16.94 19.82 3.84
CA GLU E 102 -17.13 18.39 4.03
C GLU E 102 -17.81 18.16 5.38
N ILE E 103 -18.95 17.47 5.36
CA ILE E 103 -19.66 17.10 6.57
C ILE E 103 -20.08 15.64 6.41
N LYS E 104 -20.35 15.00 7.53
CA LYS E 104 -20.97 13.68 7.48
C LYS E 104 -22.36 13.80 6.86
N PRO E 105 -22.70 12.96 5.87
CA PRO E 105 -24.05 13.06 5.27
C PRO E 105 -25.18 12.85 6.27
N ALA E 106 -24.97 12.07 7.32
CA ALA E 106 -26.02 11.88 8.33
C ALA E 106 -26.38 13.20 8.98
N ILE E 107 -25.37 14.03 9.28
CA ILE E 107 -25.64 15.40 9.73
C ILE E 107 -26.32 16.19 8.62
N ARG E 108 -25.90 15.96 7.38
CA ARG E 108 -26.49 16.68 6.24
C ARG E 108 -27.98 16.39 6.08
N ASN E 109 -28.47 15.28 6.63
CA ASN E 109 -29.91 15.04 6.59
C ASN E 109 -30.70 16.15 7.26
N GLN E 110 -30.13 16.77 8.29
CA GLN E 110 -30.94 17.62 9.18
C GLN E 110 -31.28 18.96 8.55
N ILE E 111 -30.40 19.49 7.71
CA ILE E 111 -30.47 20.92 7.38
C ILE E 111 -31.74 21.27 6.60
N ILE E 112 -32.21 20.36 5.75
CA ILE E 112 -33.25 20.73 4.78
C ILE E 112 -34.58 21.01 5.48
N ARG E 113 -34.88 20.26 6.54
CA ARG E 113 -36.22 20.33 7.12
C ARG E 113 -36.49 21.70 7.74
N GLU E 114 -35.51 22.27 8.43
CA GLU E 114 -35.70 23.60 9.02
C GLU E 114 -35.71 24.68 7.95
N LEU E 115 -34.97 24.48 6.87
CA LEU E 115 -35.07 25.42 5.75
C LEU E 115 -36.46 25.39 5.14
N GLN E 116 -37.13 24.22 5.19
CA GLN E 116 -38.53 24.17 4.80
C GLN E 116 -39.38 25.06 5.71
N VAL E 117 -39.12 25.03 7.02
CA VAL E 117 -39.81 25.91 7.94
C VAL E 117 -39.55 27.38 7.61
N LEU E 118 -38.33 27.70 7.22
CA LEU E 118 -38.05 29.07 6.78
C LEU E 118 -38.83 29.42 5.51
N HIS E 119 -39.00 28.45 4.61
CA HIS E 119 -39.82 28.70 3.43
C HIS E 119 -41.28 28.97 3.79
N GLU E 120 -41.82 28.25 4.77
CA GLU E 120 -43.25 28.42 5.07
C GLU E 120 -43.54 29.70 5.87
N CYS E 121 -42.54 30.52 6.15
CA CYS E 121 -42.74 31.79 6.85
C CYS E 121 -42.31 32.94 5.95
N ASN E 122 -43.16 33.96 5.89
CA ASN E 122 -42.91 35.15 5.07
C ASN E 122 -43.26 36.40 5.86
N SER E 123 -42.39 37.41 5.78
CA SER E 123 -42.58 38.68 6.45
C SER E 123 -42.27 39.81 5.49
N PRO E 124 -42.95 40.94 5.60
CA PRO E 124 -42.71 42.06 4.68
C PRO E 124 -41.36 42.74 4.84
N TYR E 125 -40.54 42.30 5.80
CA TYR E 125 -39.21 42.84 6.00
C TYR E 125 -38.18 41.72 6.12
N ILE E 126 -38.40 40.61 5.43
CA ILE E 126 -37.52 39.46 5.50
C ILE E 126 -37.30 38.94 4.08
N VAL E 127 -36.18 38.25 3.88
CA VAL E 127 -35.84 37.77 2.55
C VAL E 127 -36.89 36.78 2.07
N GLY E 128 -36.98 36.65 0.74
CA GLY E 128 -37.77 35.58 0.16
C GLY E 128 -37.11 34.24 0.40
N PHE E 129 -37.88 33.29 0.93
CA PHE E 129 -37.38 31.97 1.28
C PHE E 129 -37.88 30.94 0.29
N TYR E 130 -36.97 30.09 -0.19
CA TYR E 130 -37.33 28.97 -1.04
C TYR E 130 -36.59 27.73 -0.56
N GLY E 131 -37.21 26.58 -0.79
CA GLY E 131 -36.67 25.32 -0.32
C GLY E 131 -35.27 25.05 -0.84
N ALA E 132 -34.36 24.72 0.06
CA ALA E 132 -32.99 24.40 -0.29
C ALA E 132 -32.83 22.88 -0.40
N PHE E 133 -31.62 22.45 -0.75
CA PHE E 133 -31.37 21.05 -1.05
C PHE E 133 -29.87 20.82 -1.09
N TYR E 134 -29.49 19.54 -1.08
CA TYR E 134 -28.10 19.13 -1.17
C TYR E 134 -27.79 18.71 -2.61
N SER E 135 -26.86 19.40 -3.23
CA SER E 135 -26.45 19.10 -4.59
C SER E 135 -25.33 18.07 -4.56
N ASP E 136 -24.61 17.92 -5.67
CA ASP E 136 -23.56 16.91 -5.77
C ASP E 136 -22.34 17.39 -4.97
N GLY E 137 -22.45 17.29 -3.65
CA GLY E 137 -21.35 17.61 -2.77
C GLY E 137 -21.38 18.98 -2.13
N GLU E 138 -22.47 19.73 -2.27
CA GLU E 138 -22.52 21.10 -1.75
C GLU E 138 -23.91 21.38 -1.18
N ILE E 139 -23.96 22.38 -0.31
CA ILE E 139 -25.19 22.85 0.29
C ILE E 139 -25.54 24.19 -0.33
N SER E 140 -26.66 24.24 -1.05
CA SER E 140 -27.12 25.46 -1.69
C SER E 140 -28.36 25.99 -0.99
N ILE E 141 -28.59 27.29 -1.12
CA ILE E 141 -29.70 27.97 -0.48
C ILE E 141 -30.47 28.72 -1.56
N CYS E 142 -31.79 28.60 -1.55
CA CYS E 142 -32.63 29.14 -2.63
C CYS E 142 -33.30 30.42 -2.15
N MET E 143 -32.59 31.54 -2.28
CA MET E 143 -33.10 32.83 -1.82
C MET E 143 -33.45 33.74 -2.99
N GLU E 144 -34.10 34.85 -2.66
CA GLU E 144 -34.65 35.71 -3.68
C GLU E 144 -33.57 36.63 -4.26
N HIS E 145 -33.94 37.30 -5.35
CA HIS E 145 -33.07 38.24 -6.04
C HIS E 145 -33.14 39.60 -5.36
N MET E 146 -32.07 40.38 -5.54
CA MET E 146 -32.02 41.73 -4.99
C MET E 146 -30.98 42.52 -5.76
N ASP E 147 -31.43 43.52 -6.54
CA ASP E 147 -30.46 44.39 -7.20
C ASP E 147 -29.65 45.21 -6.21
N GLY E 148 -30.17 45.41 -5.00
CA GLY E 148 -29.38 46.06 -3.97
C GLY E 148 -28.24 45.22 -3.45
N GLY E 149 -28.21 43.94 -3.80
CA GLY E 149 -27.14 43.06 -3.36
C GLY E 149 -27.06 42.98 -1.85
N SER E 150 -26.00 43.56 -1.29
CA SER E 150 -25.84 43.62 0.16
C SER E 150 -25.51 45.04 0.58
N LEU E 151 -25.26 45.25 1.86
CA LEU E 151 -24.99 46.59 2.37
C LEU E 151 -23.53 46.98 2.24
N ASP E 152 -22.62 46.02 2.20
CA ASP E 152 -21.20 46.34 2.24
C ASP E 152 -20.78 47.15 1.01
N GLN E 153 -21.08 46.64 -0.18
CA GLN E 153 -20.61 47.33 -1.37
C GLN E 153 -21.38 48.63 -1.58
N VAL E 154 -22.66 48.66 -1.21
CA VAL E 154 -23.44 49.87 -1.42
C VAL E 154 -22.96 50.97 -0.49
N LEU E 155 -22.53 50.61 0.73
CA LEU E 155 -21.95 51.63 1.60
C LEU E 155 -20.56 52.01 1.12
N LYS E 156 -19.82 51.06 0.54
CA LYS E 156 -18.50 51.37 0.03
C LYS E 156 -18.58 52.37 -1.13
N LYS E 157 -19.53 52.17 -2.03
CA LYS E 157 -19.69 53.08 -3.16
C LYS E 157 -20.24 54.43 -2.72
N ALA E 158 -21.29 54.41 -1.88
CA ALA E 158 -21.94 55.64 -1.46
C ALA E 158 -21.21 56.35 -0.33
N GLY E 159 -20.28 55.67 0.35
CA GLY E 159 -19.60 56.29 1.47
C GLY E 159 -20.33 56.09 2.78
N ARG E 160 -21.09 57.10 3.19
CA ARG E 160 -21.77 57.11 4.48
C ARG E 160 -23.28 57.14 4.26
N ILE E 161 -24.03 57.11 5.35
CA ILE E 161 -25.49 56.99 5.27
C ILE E 161 -26.15 57.96 6.25
N PRO E 162 -27.19 58.69 5.84
CA PRO E 162 -27.84 59.64 6.74
C PRO E 162 -28.66 58.93 7.81
N GLU E 163 -29.12 59.74 8.77
CA GLU E 163 -29.82 59.21 9.95
C GLU E 163 -31.11 58.50 9.57
N GLN E 164 -31.86 59.07 8.63
CA GLN E 164 -33.19 58.54 8.31
C GLN E 164 -33.09 57.12 7.77
N ILE E 165 -32.18 56.90 6.84
CA ILE E 165 -32.02 55.57 6.26
C ILE E 165 -31.60 54.57 7.33
N LEU E 166 -30.68 54.98 8.21
CA LEU E 166 -30.23 54.11 9.28
C LEU E 166 -31.38 53.74 10.20
N GLY E 167 -32.22 54.72 10.56
CA GLY E 167 -33.34 54.42 11.44
C GLY E 167 -34.34 53.48 10.80
N LYS E 168 -34.61 53.66 9.51
CA LYS E 168 -35.53 52.76 8.85
C LYS E 168 -34.95 51.35 8.75
N VAL E 169 -33.64 51.23 8.50
CA VAL E 169 -33.02 49.91 8.51
C VAL E 169 -33.11 49.31 9.90
N SER E 170 -32.96 50.14 10.94
CA SER E 170 -33.00 49.65 12.31
C SER E 170 -34.37 49.08 12.64
N ILE E 171 -35.42 49.80 12.27
CA ILE E 171 -36.76 49.26 12.54
C ILE E 171 -37.01 48.02 11.71
N ALA E 172 -36.50 47.99 10.48
CA ALA E 172 -36.66 46.80 9.65
C ALA E 172 -36.03 45.58 10.30
N VAL E 173 -34.77 45.71 10.72
CA VAL E 173 -34.09 44.56 11.31
C VAL E 173 -34.70 44.20 12.66
N ILE E 174 -35.13 45.19 13.42
CA ILE E 174 -35.74 44.93 14.72
C ILE E 174 -37.01 44.10 14.54
N LYS E 175 -37.90 44.56 13.66
CA LYS E 175 -39.15 43.83 13.50
C LYS E 175 -38.93 42.49 12.81
N GLY E 176 -37.91 42.37 11.95
CA GLY E 176 -37.62 41.08 11.36
C GLY E 176 -37.14 40.08 12.38
N LEU E 177 -36.25 40.50 13.27
CA LEU E 177 -35.77 39.58 14.30
C LEU E 177 -36.86 39.27 15.32
N THR E 178 -37.76 40.21 15.58
CA THR E 178 -38.91 39.88 16.44
C THR E 178 -39.84 38.90 15.74
N TYR E 179 -40.05 39.08 14.43
CA TYR E 179 -40.81 38.10 13.66
C TYR E 179 -40.20 36.72 13.78
N LEU E 180 -38.87 36.65 13.66
CA LEU E 180 -38.16 35.39 13.87
C LEU E 180 -38.42 34.85 15.28
N ARG E 181 -38.23 35.68 16.30
CA ARG E 181 -38.35 35.24 17.67
C ARG E 181 -39.77 34.80 18.02
N GLU E 182 -40.78 35.30 17.30
CA GLU E 182 -42.15 34.92 17.55
C GLU E 182 -42.65 33.79 16.67
N LYS E 183 -41.98 33.53 15.55
CA LYS E 183 -42.42 32.48 14.63
C LYS E 183 -41.55 31.23 14.73
N HIS E 184 -40.25 31.36 14.52
CA HIS E 184 -39.37 30.20 14.47
C HIS E 184 -38.75 29.88 15.82
N LYS E 185 -39.03 30.68 16.85
CA LYS E 185 -38.57 30.41 18.22
C LYS E 185 -37.06 30.24 18.28
N ILE E 186 -36.33 30.95 17.41
CA ILE E 186 -34.89 30.81 17.34
C ILE E 186 -34.26 32.19 17.19
N MET E 187 -33.07 32.35 17.77
CA MET E 187 -32.35 33.61 17.71
C MET E 187 -31.57 33.70 16.39
N HIS E 188 -31.07 34.91 16.10
CA HIS E 188 -30.34 35.12 14.87
C HIS E 188 -29.05 34.31 14.83
N ARG E 189 -28.32 34.27 15.95
CA ARG E 189 -27.08 33.51 16.11
C ARG E 189 -25.96 34.15 15.30
N ASP E 190 -26.29 35.14 14.48
CA ASP E 190 -25.33 35.95 13.76
C ASP E 190 -26.06 37.12 13.12
N VAL E 191 -25.48 38.31 13.21
CA VAL E 191 -25.99 39.50 12.53
C VAL E 191 -24.80 40.19 11.89
N LYS E 192 -24.96 40.61 10.63
CA LYS E 192 -23.83 41.21 9.96
C LYS E 192 -24.32 42.16 8.87
N PRO E 193 -23.69 43.31 8.71
CA PRO E 193 -24.15 44.27 7.71
C PRO E 193 -24.17 43.72 6.29
N SER E 194 -23.23 42.84 5.93
CA SER E 194 -23.33 42.19 4.64
C SER E 194 -24.58 41.31 4.57
N ASN E 195 -25.04 40.81 5.72
CA ASN E 195 -26.31 40.10 5.76
C ASN E 195 -27.51 41.03 5.75
N ILE E 196 -27.30 42.34 5.88
CA ILE E 196 -28.36 43.32 5.70
C ILE E 196 -28.37 43.75 4.24
N LEU E 197 -29.57 43.88 3.68
CA LEU E 197 -29.71 44.07 2.25
C LEU E 197 -31.12 44.56 1.93
N VAL E 198 -31.23 45.48 0.99
CA VAL E 198 -32.47 46.18 0.68
C VAL E 198 -32.89 45.84 -0.75
N ASN E 199 -34.18 45.57 -0.92
CA ASN E 199 -34.70 45.19 -2.23
C ASN E 199 -34.57 46.34 -3.23
N SER E 200 -34.49 45.98 -4.51
CA SER E 200 -34.40 46.99 -5.56
C SER E 200 -35.57 47.96 -5.50
N ARG E 201 -36.75 47.48 -5.15
CA ARG E 201 -37.90 48.35 -4.94
C ARG E 201 -37.93 48.96 -3.55
N GLY E 202 -36.97 48.64 -2.70
CA GLY E 202 -36.83 49.32 -1.43
C GLY E 202 -37.38 48.60 -0.22
N GLU E 203 -37.05 47.32 -0.06
CA GLU E 203 -37.48 46.54 1.09
C GLU E 203 -36.29 45.83 1.71
N ILE E 204 -36.14 45.98 3.02
CA ILE E 204 -35.04 45.33 3.75
C ILE E 204 -35.41 43.87 3.96
N LYS E 205 -34.56 42.98 3.47
CA LYS E 205 -34.85 41.56 3.34
C LYS E 205 -33.77 40.72 4.02
N LEU E 206 -33.48 41.04 5.27
CA LEU E 206 -32.44 40.34 6.03
C LEU E 206 -32.59 38.83 5.93
N CYS E 207 -31.46 38.14 5.78
CA CYS E 207 -31.46 36.72 5.42
C CYS E 207 -30.43 35.96 6.25
N ASP E 208 -30.28 34.68 5.92
CA ASP E 208 -29.24 33.78 6.45
C ASP E 208 -29.15 33.85 7.97
N PHE E 209 -30.21 33.38 8.61
CA PHE E 209 -30.25 33.34 10.06
C PHE E 209 -29.50 32.11 10.56
N GLY E 210 -29.31 32.03 11.87
CA GLY E 210 -28.74 30.84 12.47
C GLY E 210 -29.80 29.81 12.80
N VAL E 211 -30.74 29.62 11.87
CA VAL E 211 -31.89 28.75 12.13
C VAL E 211 -31.46 27.30 12.26
N SER E 212 -30.57 26.84 11.39
CA SER E 212 -30.20 25.44 11.31
C SER E 212 -28.98 25.19 12.18
N GLY E 213 -29.12 24.31 13.18
CA GLY E 213 -28.02 24.03 14.08
C GLY E 213 -26.86 23.35 13.38
N GLN E 214 -27.16 22.39 12.50
CA GLN E 214 -26.11 21.62 11.86
C GLN E 214 -25.27 22.47 10.91
N LEU E 215 -25.89 23.41 10.20
CA LEU E 215 -25.13 24.35 9.39
C LEU E 215 -24.19 25.18 10.24
N ILE E 216 -24.65 25.64 11.39
CA ILE E 216 -23.78 26.39 12.29
C ILE E 216 -22.65 25.50 12.79
N ASP E 217 -22.95 24.22 13.03
CA ASP E 217 -21.93 23.28 13.45
C ASP E 217 -20.86 23.10 12.37
N ALA E 218 -21.28 23.00 11.12
CA ALA E 218 -20.31 22.93 10.02
C ALA E 218 -19.51 24.21 9.94
N MET E 219 -20.17 25.36 10.10
CA MET E 219 -19.51 26.65 10.04
C MET E 219 -18.61 26.90 11.25
N ALA E 220 -18.69 26.06 12.28
CA ALA E 220 -17.69 26.13 13.35
C ALA E 220 -16.29 26.00 12.78
N ASN E 221 -16.09 25.02 11.90
CA ASN E 221 -14.85 24.87 11.15
C ASN E 221 -14.99 25.68 9.88
N ALA E 222 -14.48 26.90 9.88
CA ALA E 222 -14.65 27.78 8.73
C ALA E 222 -13.51 28.79 8.71
N PHE E 223 -13.67 29.82 7.88
CA PHE E 223 -12.66 30.85 7.67
C PHE E 223 -12.54 31.72 8.93
N VAL E 224 -11.70 32.74 8.86
CA VAL E 224 -11.58 33.72 9.93
C VAL E 224 -12.35 34.96 9.54
N GLY E 225 -13.12 35.49 10.49
CA GLY E 225 -13.90 36.69 10.24
C GLY E 225 -13.07 37.95 10.31
N THR E 226 -13.06 38.72 9.22
CA THR E 226 -12.25 39.93 9.17
C THR E 226 -12.68 40.93 10.23
N ARG E 227 -14.00 41.08 10.42
CA ARG E 227 -14.54 41.97 11.44
C ARG E 227 -15.76 41.28 12.04
N SER E 228 -15.56 40.58 13.15
CA SER E 228 -16.65 39.85 13.80
C SER E 228 -17.41 40.82 14.70
N TYR E 229 -18.47 41.39 14.15
CA TYR E 229 -19.34 42.29 14.91
C TYR E 229 -20.17 41.43 15.85
N MET E 230 -19.59 41.17 17.02
CA MET E 230 -20.04 40.10 17.89
C MET E 230 -20.12 40.60 19.32
N SER E 231 -21.13 40.13 20.06
CA SER E 231 -21.32 40.60 21.42
C SER E 231 -20.30 39.96 22.36
N PRO E 232 -19.52 40.75 23.10
CA PRO E 232 -18.47 40.16 23.95
C PRO E 232 -19.00 39.24 25.02
N GLU E 233 -20.24 39.44 25.49
CA GLU E 233 -20.75 38.57 26.52
C GLU E 233 -21.00 37.16 25.97
N ARG E 234 -21.49 37.07 24.74
CA ARG E 234 -21.66 35.77 24.13
C ARG E 234 -20.31 35.16 23.75
N LEU E 235 -19.27 35.99 23.65
CA LEU E 235 -17.93 35.49 23.38
C LEU E 235 -17.31 34.87 24.62
N GLN E 236 -17.14 35.65 25.69
CA GLN E 236 -16.39 35.18 26.85
C GLN E 236 -17.11 34.05 27.56
N GLY E 237 -18.40 34.24 27.84
CA GLY E 237 -19.18 33.28 28.62
C GLY E 237 -20.14 32.52 27.72
N THR E 238 -20.25 31.22 27.96
CA THR E 238 -21.17 30.37 27.21
C THR E 238 -22.63 30.64 27.57
N HIS E 239 -22.89 31.43 28.61
CA HIS E 239 -24.22 31.92 28.89
C HIS E 239 -24.54 33.03 27.90
N TYR E 240 -25.51 32.80 27.02
CA TYR E 240 -25.82 33.74 25.96
C TYR E 240 -27.33 33.97 25.91
N SER E 241 -27.72 35.13 25.36
CA SER E 241 -29.12 35.50 25.31
C SER E 241 -29.37 36.33 24.06
N VAL E 242 -30.66 36.60 23.82
CA VAL E 242 -31.06 37.38 22.64
C VAL E 242 -30.47 38.78 22.72
N GLN E 243 -30.32 39.31 23.94
CA GLN E 243 -29.73 40.63 24.10
C GLN E 243 -28.35 40.69 23.47
N SER E 244 -27.65 39.55 23.41
CA SER E 244 -26.36 39.52 22.74
C SER E 244 -26.49 39.77 21.24
N ASP E 245 -27.47 39.11 20.60
CA ASP E 245 -27.71 39.39 19.18
C ASP E 245 -28.16 40.83 18.99
N ILE E 246 -28.88 41.38 19.96
CA ILE E 246 -29.31 42.77 19.88
C ILE E 246 -28.10 43.70 19.93
N TRP E 247 -27.14 43.38 20.79
CA TRP E 247 -25.90 44.14 20.82
C TRP E 247 -25.16 44.02 19.49
N SER E 248 -25.17 42.82 18.90
CA SER E 248 -24.55 42.63 17.61
C SER E 248 -25.18 43.52 16.55
N MET E 249 -26.52 43.55 16.50
CA MET E 249 -27.19 44.37 15.51
C MET E 249 -26.99 45.86 15.77
N GLY E 250 -26.90 46.25 17.03
CA GLY E 250 -26.54 47.63 17.33
C GLY E 250 -25.18 47.98 16.78
N LEU E 251 -24.22 47.08 16.93
CA LEU E 251 -22.90 47.32 16.36
C LEU E 251 -22.97 47.42 14.84
N SER E 252 -23.78 46.56 14.23
CA SER E 252 -23.92 46.61 12.78
C SER E 252 -24.50 47.95 12.33
N LEU E 253 -25.48 48.45 13.08
CA LEU E 253 -26.05 49.75 12.77
C LEU E 253 -25.02 50.85 12.91
N VAL E 254 -24.21 50.79 13.97
CA VAL E 254 -23.16 51.80 14.14
C VAL E 254 -22.17 51.75 13.00
N GLU E 255 -21.78 50.54 12.60
CA GLU E 255 -20.81 50.39 11.51
C GLU E 255 -21.35 50.96 10.21
N MET E 256 -22.61 50.63 9.90
CA MET E 256 -23.18 51.17 8.66
C MET E 256 -23.37 52.67 8.75
N ALA E 257 -23.57 53.20 9.95
CA ALA E 257 -23.63 54.65 10.12
C ALA E 257 -22.28 55.30 9.83
N VAL E 258 -21.22 54.82 10.47
CA VAL E 258 -19.92 55.45 10.31
C VAL E 258 -19.34 55.17 8.93
N GLY E 259 -19.52 53.96 8.41
CA GLY E 259 -18.92 53.56 7.17
C GLY E 259 -17.58 52.89 7.29
N ARG E 260 -17.17 52.51 8.49
CA ARG E 260 -15.90 51.81 8.70
C ARG E 260 -16.04 50.92 9.92
N TYR E 261 -15.14 49.96 10.05
CA TYR E 261 -15.17 49.08 11.21
C TYR E 261 -14.99 49.91 12.48
N PRO E 262 -15.71 49.61 13.55
CA PRO E 262 -15.52 50.33 14.81
C PRO E 262 -14.16 50.04 15.45
N ILE E 263 -13.12 50.55 14.81
CA ILE E 263 -11.81 50.74 15.45
C ILE E 263 -12.02 51.89 16.43
N PRO E 264 -11.16 52.07 17.43
CA PRO E 264 -11.24 53.27 18.27
C PRO E 264 -11.45 54.52 17.43
N PRO E 265 -12.17 55.51 17.96
CA PRO E 265 -12.62 56.64 17.14
C PRO E 265 -11.48 57.25 16.33
N PRO E 266 -11.67 57.39 15.02
CA PRO E 266 -10.59 57.90 14.16
C PRO E 266 -10.36 59.40 14.32
N ASP E 267 -9.51 59.95 13.45
CA ASP E 267 -9.15 61.35 13.53
C ASP E 267 -10.37 62.24 13.36
N ALA E 268 -10.31 63.42 13.97
CA ALA E 268 -11.35 64.42 13.79
C ALA E 268 -11.46 64.87 12.34
N LYS E 269 -10.40 64.67 11.54
CA LYS E 269 -10.49 64.96 10.12
C LYS E 269 -11.56 64.12 9.45
N GLU E 270 -11.50 62.80 9.65
CA GLU E 270 -12.45 61.91 9.00
C GLU E 270 -13.88 62.17 9.49
N LEU E 271 -14.04 62.46 10.78
CA LEU E 271 -15.36 62.79 11.30
C LEU E 271 -15.88 64.09 10.69
N GLU E 272 -15.02 65.09 10.53
CA GLU E 272 -15.43 66.33 9.88
C GLU E 272 -15.75 66.09 8.42
N LEU E 273 -15.16 65.06 7.81
CA LEU E 273 -15.44 64.70 6.42
C LEU E 273 -16.85 64.14 6.23
N MET E 274 -17.55 63.84 7.31
CA MET E 274 -18.93 63.38 7.23
C MET E 274 -19.82 64.06 8.27
N PRO E 307 -6.28 45.60 8.39
CA PRO E 307 -4.84 45.40 8.59
C PRO E 307 -4.53 44.91 10.00
N MET E 308 -5.32 45.36 10.97
CA MET E 308 -5.18 44.92 12.34
C MET E 308 -5.69 43.50 12.50
N ALA E 309 -5.01 42.74 13.36
CA ALA E 309 -5.30 41.31 13.51
C ALA E 309 -6.64 41.09 14.20
N ILE E 310 -7.24 39.95 13.89
CA ILE E 310 -8.58 39.64 14.40
C ILE E 310 -8.58 39.51 15.91
N PHE E 311 -7.57 38.83 16.47
CA PHE E 311 -7.60 38.52 17.89
C PHE E 311 -7.52 39.77 18.75
N GLU E 312 -6.65 40.71 18.39
CA GLU E 312 -6.59 41.94 19.17
C GLU E 312 -7.84 42.79 18.99
N LEU E 313 -8.49 42.70 17.83
CA LEU E 313 -9.79 43.35 17.67
C LEU E 313 -10.80 42.76 18.63
N LEU E 314 -10.82 41.44 18.74
CA LEU E 314 -11.71 40.80 19.70
C LEU E 314 -11.39 41.22 21.12
N ASP E 315 -10.10 41.35 21.42
CA ASP E 315 -9.68 41.83 22.73
C ASP E 315 -10.18 43.24 22.98
N TYR E 316 -10.09 44.11 21.96
CA TYR E 316 -10.60 45.46 22.08
C TYR E 316 -12.09 45.45 22.36
N ILE E 317 -12.83 44.59 21.67
CA ILE E 317 -14.27 44.53 21.88
C ILE E 317 -14.58 44.08 23.31
N VAL E 318 -13.89 43.04 23.77
CA VAL E 318 -14.22 42.48 25.07
C VAL E 318 -13.80 43.41 26.19
N ASN E 319 -12.73 44.18 26.00
CA ASN E 319 -12.13 44.94 27.08
C ASN E 319 -12.55 46.41 27.03
N GLU E 320 -12.25 47.09 25.92
CA GLU E 320 -12.57 48.50 25.81
C GLU E 320 -14.07 48.72 25.64
N PRO E 321 -14.57 49.88 26.02
CA PRO E 321 -16.00 50.15 25.85
C PRO E 321 -16.36 50.20 24.39
N PRO E 322 -17.60 49.87 24.02
CA PRO E 322 -18.02 50.02 22.64
C PRO E 322 -17.91 51.47 22.20
N PRO E 323 -17.58 51.70 20.93
CA PRO E 323 -17.33 53.07 20.48
C PRO E 323 -18.58 53.93 20.60
N LYS E 324 -18.35 55.20 20.91
CA LYS E 324 -19.42 56.17 21.05
C LYS E 324 -19.73 56.81 19.70
N LEU E 325 -20.88 57.47 19.63
CA LEU E 325 -21.33 58.12 18.42
C LEU E 325 -21.24 59.63 18.58
N PRO E 326 -20.50 60.32 17.72
CA PRO E 326 -20.39 61.78 17.87
C PRO E 326 -21.73 62.46 17.67
N SER E 327 -21.92 63.57 18.39
CA SER E 327 -23.16 64.33 18.30
C SER E 327 -23.14 65.39 17.20
N GLY E 328 -21.99 65.62 16.58
CA GLY E 328 -21.90 66.59 15.50
C GLY E 328 -22.36 66.08 14.15
N VAL E 329 -22.65 64.79 14.03
CA VAL E 329 -23.08 64.21 12.77
C VAL E 329 -24.29 63.31 12.97
N PHE E 330 -24.66 63.05 14.23
CA PHE E 330 -25.78 62.20 14.55
C PHE E 330 -26.69 62.90 15.55
N SER E 331 -28.01 62.73 15.37
CA SER E 331 -28.98 63.31 16.27
C SER E 331 -28.83 62.71 17.67
N LEU E 332 -29.10 63.54 18.68
CA LEU E 332 -28.83 63.14 20.05
C LEU E 332 -29.63 61.90 20.44
N GLU E 333 -30.91 61.86 20.07
CA GLU E 333 -31.71 60.69 20.39
C GLU E 333 -31.16 59.44 19.70
N PHE E 334 -30.76 59.57 18.43
CA PHE E 334 -30.26 58.42 17.69
C PHE E 334 -29.02 57.83 18.35
N GLN E 335 -28.02 58.66 18.63
CA GLN E 335 -26.79 58.17 19.23
C GLN E 335 -27.05 57.64 20.63
N ASP E 336 -27.87 58.33 21.43
CA ASP E 336 -28.15 57.87 22.77
C ASP E 336 -28.78 56.49 22.73
N PHE E 337 -29.73 56.29 21.83
CA PHE E 337 -30.49 55.04 21.80
C PHE E 337 -29.63 53.91 21.24
N VAL E 338 -28.81 54.20 20.24
CA VAL E 338 -27.92 53.16 19.72
C VAL E 338 -26.86 52.79 20.75
N ASN E 339 -26.38 53.75 21.54
CA ASN E 339 -25.46 53.43 22.62
C ASN E 339 -26.17 52.56 23.67
N LYS E 340 -27.40 52.90 24.02
CA LYS E 340 -28.15 52.06 24.95
C LYS E 340 -28.26 50.64 24.43
N CYS E 341 -28.54 50.49 23.13
CA CYS E 341 -28.55 49.18 22.50
C CYS E 341 -27.17 48.53 22.49
N LEU E 342 -26.10 49.32 22.63
CA LEU E 342 -24.74 48.81 22.50
C LEU E 342 -24.04 48.61 23.83
N ILE E 343 -24.74 48.70 24.96
CA ILE E 343 -24.07 48.59 26.25
C ILE E 343 -23.65 47.14 26.48
N LYS E 344 -22.44 46.97 27.04
CA LYS E 344 -21.91 45.63 27.28
C LYS E 344 -22.67 44.91 28.39
N ASN E 345 -23.13 45.63 29.40
CA ASN E 345 -23.86 45.00 30.49
C ASN E 345 -25.25 44.61 30.00
N PRO E 346 -25.62 43.31 30.06
CA PRO E 346 -26.94 42.90 29.56
C PRO E 346 -28.11 43.48 30.35
N ALA E 347 -27.85 44.01 31.54
CA ALA E 347 -28.95 44.53 32.37
C ALA E 347 -29.64 45.70 31.69
N GLU E 348 -28.87 46.61 31.08
CA GLU E 348 -29.42 47.79 30.41
C GLU E 348 -29.36 47.66 28.89
N ARG E 349 -29.19 46.45 28.38
CA ARG E 349 -29.30 46.23 26.95
C ARG E 349 -30.75 46.45 26.50
N ALA E 350 -30.91 47.02 25.32
CA ALA E 350 -32.24 47.37 24.82
C ALA E 350 -32.96 46.11 24.36
N ASP E 351 -33.79 45.56 25.23
CA ASP E 351 -34.65 44.45 24.85
C ASP E 351 -35.68 44.93 23.82
N LEU E 352 -36.42 43.97 23.27
CA LEU E 352 -37.32 44.26 22.15
C LEU E 352 -38.33 45.34 22.50
N LYS E 353 -38.91 45.27 23.69
CA LYS E 353 -39.92 46.26 24.08
C LYS E 353 -39.32 47.66 24.10
N GLN E 354 -38.24 47.85 24.84
CA GLN E 354 -37.63 49.17 24.83
C GLN E 354 -36.96 49.49 23.50
N LEU E 355 -36.73 48.49 22.65
CA LEU E 355 -36.33 48.78 21.27
C LEU E 355 -37.44 49.48 20.51
N MET E 356 -38.69 49.02 20.65
CA MET E 356 -39.78 49.72 19.97
C MET E 356 -40.14 51.01 20.70
N VAL E 357 -39.80 51.11 21.99
CA VAL E 357 -40.13 52.31 22.75
C VAL E 357 -39.43 53.55 22.18
N HIS E 358 -38.27 53.37 21.56
CA HIS E 358 -37.42 54.50 21.21
C HIS E 358 -38.17 55.50 20.33
N ALA E 359 -37.98 56.78 20.62
CA ALA E 359 -38.64 57.83 19.86
C ALA E 359 -38.18 57.85 18.41
N PHE E 360 -36.88 57.65 18.17
CA PHE E 360 -36.38 57.63 16.80
C PHE E 360 -36.94 56.48 16.00
N ILE E 361 -37.34 55.39 16.67
CA ILE E 361 -38.11 54.34 16.00
C ILE E 361 -39.40 54.93 15.44
N LYS E 362 -40.09 55.72 16.26
CA LYS E 362 -41.31 56.37 15.81
C LYS E 362 -41.03 57.36 14.68
N ARG E 363 -39.90 58.06 14.74
CA ARG E 363 -39.55 58.99 13.67
C ARG E 363 -39.31 58.25 12.36
N SER E 364 -38.62 57.12 12.42
CA SER E 364 -38.40 56.31 11.22
C SER E 364 -39.71 55.77 10.67
N ASP E 365 -40.62 55.34 11.55
CA ASP E 365 -41.94 54.92 11.08
C ASP E 365 -42.69 56.08 10.43
N ALA E 366 -42.62 57.26 11.03
CA ALA E 366 -43.36 58.41 10.51
C ALA E 366 -42.69 59.02 9.29
N GLU E 367 -41.36 58.99 9.23
CA GLU E 367 -40.67 59.61 8.11
C GLU E 367 -40.90 58.83 6.83
N GLU E 368 -40.67 59.49 5.70
CA GLU E 368 -40.81 58.89 4.38
C GLU E 368 -39.43 58.83 3.75
N VAL E 369 -38.90 57.61 3.57
CA VAL E 369 -37.63 57.38 2.91
C VAL E 369 -37.83 56.21 1.95
N ASP E 370 -37.84 56.49 0.65
CA ASP E 370 -37.98 55.45 -0.37
C ASP E 370 -36.60 54.87 -0.64
N PHE E 371 -36.36 53.67 -0.14
CA PHE E 371 -35.06 53.02 -0.32
C PHE E 371 -34.69 52.89 -1.79
N ALA E 372 -35.70 52.72 -2.66
CA ALA E 372 -35.44 52.61 -4.09
C ALA E 372 -34.83 53.91 -4.64
N GLY E 373 -35.33 55.06 -4.19
CA GLY E 373 -34.80 56.32 -4.69
C GLY E 373 -33.35 56.53 -4.32
N TRP E 374 -33.01 56.29 -3.05
CA TRP E 374 -31.62 56.44 -2.62
C TRP E 374 -30.74 55.37 -3.23
N LEU E 375 -31.28 54.19 -3.50
CA LEU E 375 -30.50 53.16 -4.17
C LEU E 375 -30.17 53.56 -5.60
N CYS E 376 -31.17 54.06 -6.34
CA CYS E 376 -30.92 54.51 -7.71
C CYS E 376 -29.95 55.68 -7.72
N SER E 377 -30.07 56.58 -6.74
CA SER E 377 -29.07 57.64 -6.61
C SER E 377 -27.69 57.05 -6.35
N THR E 378 -27.63 55.96 -5.57
CA THR E 378 -26.39 55.21 -5.44
C THR E 378 -26.11 54.37 -6.68
N ILE E 379 -27.15 53.96 -7.39
CA ILE E 379 -26.99 53.17 -8.61
C ILE E 379 -27.01 54.06 -9.84
N GLU F 62 33.26 -29.98 9.28
CA GLU F 62 32.50 -28.73 9.25
C GLU F 62 33.43 -27.55 8.98
N LEU F 63 32.95 -26.61 8.17
CA LEU F 63 33.71 -25.41 7.87
C LEU F 63 32.75 -24.23 7.82
N LYS F 64 33.25 -23.07 8.24
CA LYS F 64 32.43 -21.86 8.31
C LYS F 64 33.33 -20.66 8.08
N ASP F 65 32.69 -19.52 7.79
CA ASP F 65 33.40 -18.27 7.57
C ASP F 65 33.78 -17.59 8.87
N ASP F 66 33.37 -18.14 10.01
CA ASP F 66 33.73 -17.55 11.30
C ASP F 66 35.24 -17.51 11.50
N ASP F 67 35.90 -18.64 11.27
CA ASP F 67 37.34 -18.76 11.53
C ASP F 67 38.12 -18.38 10.27
N PHE F 68 37.87 -17.16 9.81
CA PHE F 68 38.40 -16.66 8.56
C PHE F 68 39.03 -15.29 8.81
N GLU F 69 40.34 -15.21 8.63
CA GLU F 69 41.10 -13.98 8.86
C GLU F 69 41.52 -13.41 7.52
N LYS F 70 40.99 -12.23 7.17
CA LYS F 70 41.32 -11.63 5.90
C LYS F 70 42.80 -11.23 5.87
N ILE F 71 43.43 -11.45 4.72
CA ILE F 71 44.83 -11.09 4.55
C ILE F 71 44.96 -10.09 3.40
N SER F 72 44.60 -10.52 2.20
CA SER F 72 44.77 -9.73 0.99
C SER F 72 43.63 -10.09 0.03
N GLU F 73 43.81 -9.77 -1.24
CA GLU F 73 42.86 -10.17 -2.27
C GLU F 73 43.55 -11.02 -3.33
N VAL F 82 36.18 -12.40 -4.56
CA VAL F 82 37.42 -13.15 -4.50
C VAL F 82 38.37 -12.51 -3.50
N PHE F 83 38.20 -12.83 -2.22
CA PHE F 83 39.05 -12.30 -1.17
C PHE F 83 39.99 -13.38 -0.66
N LYS F 84 41.23 -12.98 -0.39
CA LYS F 84 42.23 -13.88 0.16
C LYS F 84 42.09 -13.88 1.67
N VAL F 85 41.33 -14.82 2.20
CA VAL F 85 41.00 -14.88 3.63
C VAL F 85 41.45 -16.24 4.15
N SER F 86 42.45 -16.24 5.02
CA SER F 86 43.08 -17.46 5.51
C SER F 86 42.23 -18.14 6.58
N HIS F 87 42.50 -19.43 6.76
CA HIS F 87 41.81 -20.23 7.75
C HIS F 87 42.49 -20.10 9.11
N LYS F 88 41.70 -19.85 10.14
CA LYS F 88 42.21 -19.58 11.48
C LYS F 88 42.69 -20.84 12.20
N PRO F 89 41.84 -21.86 12.40
CA PRO F 89 42.26 -22.97 13.27
C PRO F 89 43.30 -23.88 12.63
N SER F 90 43.15 -24.20 11.35
CA SER F 90 44.06 -25.13 10.70
C SER F 90 45.44 -24.54 10.47
N GLY F 91 45.58 -23.22 10.56
CA GLY F 91 46.88 -22.60 10.30
C GLY F 91 47.24 -22.53 8.84
N LEU F 92 46.31 -22.87 7.95
CA LEU F 92 46.57 -22.87 6.52
C LEU F 92 46.02 -21.58 5.91
N VAL F 93 46.84 -20.92 5.10
CA VAL F 93 46.36 -19.74 4.38
C VAL F 93 45.35 -20.20 3.33
N MET F 94 44.17 -19.60 3.35
CA MET F 94 43.01 -20.11 2.64
C MET F 94 42.46 -18.99 1.77
N ALA F 95 41.69 -19.35 0.75
CA ALA F 95 41.13 -18.38 -0.18
C ALA F 95 39.64 -18.62 -0.33
N ARG F 96 38.88 -17.52 -0.31
CA ARG F 96 37.44 -17.54 -0.49
C ARG F 96 37.07 -16.81 -1.77
N LYS F 97 36.10 -17.37 -2.50
CA LYS F 97 35.61 -16.76 -3.73
C LYS F 97 34.23 -16.21 -3.43
N LEU F 98 34.15 -14.89 -3.25
CA LEU F 98 32.90 -14.23 -2.89
C LEU F 98 32.13 -13.83 -4.15
N ILE F 99 31.89 -14.81 -5.00
CA ILE F 99 31.01 -14.63 -6.15
C ILE F 99 29.59 -14.86 -5.65
N HIS F 100 28.81 -13.80 -5.59
CA HIS F 100 27.51 -13.83 -4.96
C HIS F 100 26.47 -13.21 -5.88
N LEU F 101 25.27 -13.78 -5.82
CA LEU F 101 24.12 -13.29 -6.55
C LEU F 101 22.89 -13.96 -5.95
N GLU F 102 21.73 -13.52 -6.38
CA GLU F 102 20.47 -14.00 -5.80
C GLU F 102 20.02 -15.24 -6.55
N ILE F 103 19.82 -16.33 -5.82
CA ILE F 103 19.31 -17.58 -6.38
C ILE F 103 18.24 -18.08 -5.43
N LYS F 104 17.37 -18.93 -5.94
CA LYS F 104 16.44 -19.66 -5.08
C LYS F 104 17.24 -20.57 -4.14
N PRO F 105 16.97 -20.53 -2.84
CA PRO F 105 17.70 -21.42 -1.92
C PRO F 105 17.57 -22.89 -2.23
N ALA F 106 16.44 -23.33 -2.80
CA ALA F 106 16.29 -24.73 -3.16
C ALA F 106 17.33 -25.14 -4.19
N ILE F 107 17.61 -24.28 -5.16
CA ILE F 107 18.72 -24.51 -6.07
C ILE F 107 20.04 -24.48 -5.30
N ARG F 108 20.14 -23.57 -4.32
CA ARG F 108 21.36 -23.45 -3.53
C ARG F 108 21.67 -24.71 -2.74
N ASN F 109 20.67 -25.56 -2.51
CA ASN F 109 20.95 -26.84 -1.86
C ASN F 109 21.96 -27.67 -2.63
N GLN F 110 21.96 -27.56 -3.97
CA GLN F 110 22.65 -28.54 -4.79
C GLN F 110 24.16 -28.36 -4.78
N ILE F 111 24.63 -27.12 -4.65
CA ILE F 111 26.01 -26.80 -5.02
C ILE F 111 27.02 -27.51 -4.10
N ILE F 112 26.69 -27.65 -2.83
CA ILE F 112 27.69 -28.06 -1.84
C ILE F 112 28.15 -29.50 -2.08
N ARG F 113 27.22 -30.37 -2.47
CA ARG F 113 27.53 -31.80 -2.52
C ARG F 113 28.60 -32.11 -3.56
N GLU F 114 28.52 -31.49 -4.74
CA GLU F 114 29.54 -31.73 -5.76
C GLU F 114 30.87 -31.07 -5.39
N LEU F 115 30.83 -29.95 -4.67
CA LEU F 115 32.06 -29.38 -4.16
C LEU F 115 32.72 -30.33 -3.16
N GLN F 116 31.92 -31.10 -2.43
CA GLN F 116 32.48 -32.16 -1.60
C GLN F 116 33.23 -33.18 -2.45
N VAL F 117 32.65 -33.56 -3.60
CA VAL F 117 33.33 -34.47 -4.51
C VAL F 117 34.64 -33.87 -5.01
N LEU F 118 34.65 -32.56 -5.27
CA LEU F 118 35.90 -31.91 -5.64
C LEU F 118 36.91 -31.95 -4.50
N HIS F 119 36.45 -31.83 -3.26
CA HIS F 119 37.35 -31.96 -2.12
C HIS F 119 37.95 -33.37 -2.04
N GLU F 120 37.16 -34.41 -2.30
CA GLU F 120 37.69 -35.75 -2.14
C GLU F 120 38.63 -36.18 -3.27
N CYS F 121 38.91 -35.32 -4.23
CA CYS F 121 39.83 -35.62 -5.32
C CYS F 121 41.01 -34.67 -5.27
N ASN F 122 42.21 -35.22 -5.40
CA ASN F 122 43.44 -34.44 -5.36
C ASN F 122 44.38 -34.92 -6.46
N SER F 123 45.00 -33.98 -7.16
CA SER F 123 45.93 -34.26 -8.24
C SER F 123 47.15 -33.36 -8.09
N PRO F 124 48.34 -33.84 -8.46
CA PRO F 124 49.55 -33.03 -8.31
C PRO F 124 49.63 -31.83 -9.24
N TYR F 125 48.64 -31.62 -10.10
CA TYR F 125 48.59 -30.46 -10.98
C TYR F 125 47.23 -29.79 -10.93
N ILE F 126 46.57 -29.84 -9.76
CA ILE F 126 45.24 -29.27 -9.60
C ILE F 126 45.22 -28.51 -8.28
N VAL F 127 44.31 -27.54 -8.20
CA VAL F 127 44.23 -26.70 -7.00
C VAL F 127 43.89 -27.54 -5.78
N GLY F 128 44.28 -27.02 -4.61
CA GLY F 128 43.82 -27.61 -3.37
C GLY F 128 42.33 -27.36 -3.17
N PHE F 129 41.58 -28.41 -2.89
CA PHE F 129 40.13 -28.34 -2.75
C PHE F 129 39.76 -28.47 -1.29
N TYR F 130 38.87 -27.59 -0.83
CA TYR F 130 38.32 -27.68 0.51
C TYR F 130 36.81 -27.44 0.44
N GLY F 131 36.10 -28.06 1.37
CA GLY F 131 34.65 -27.99 1.39
C GLY F 131 34.12 -26.57 1.44
N ALA F 132 33.21 -26.24 0.55
CA ALA F 132 32.59 -24.93 0.51
C ALA F 132 31.24 -24.98 1.23
N PHE F 133 30.59 -23.82 1.29
CA PHE F 133 29.38 -23.66 2.09
C PHE F 133 28.69 -22.38 1.71
N TYR F 134 27.44 -22.25 2.16
CA TYR F 134 26.65 -21.05 1.94
C TYR F 134 26.68 -20.19 3.19
N SER F 135 27.19 -18.98 3.05
CA SER F 135 27.27 -18.04 4.15
C SER F 135 25.97 -17.23 4.22
N ASP F 136 25.99 -16.11 4.94
CA ASP F 136 24.79 -15.30 5.11
C ASP F 136 24.51 -14.52 3.82
N GLY F 137 24.00 -15.25 2.83
CA GLY F 137 23.60 -14.65 1.58
C GLY F 137 24.58 -14.77 0.43
N GLU F 138 25.66 -15.54 0.58
CA GLU F 138 26.68 -15.62 -0.45
C GLU F 138 27.19 -17.04 -0.57
N ILE F 139 27.77 -17.34 -1.72
CA ILE F 139 28.40 -18.63 -1.99
C ILE F 139 29.91 -18.43 -1.98
N SER F 140 30.58 -19.07 -1.03
CA SER F 140 32.02 -18.99 -0.90
C SER F 140 32.66 -20.33 -1.29
N ILE F 141 33.91 -20.26 -1.70
CA ILE F 141 34.66 -21.42 -2.14
C ILE F 141 35.96 -21.48 -1.35
N CYS F 142 36.30 -22.66 -0.84
CA CYS F 142 37.43 -22.81 0.08
C CYS F 142 38.60 -23.42 -0.67
N MET F 143 39.39 -22.57 -1.33
CA MET F 143 40.53 -23.03 -2.12
C MET F 143 41.86 -22.66 -1.46
N GLU F 144 42.92 -23.22 -2.02
CA GLU F 144 44.22 -23.09 -1.40
C GLU F 144 44.86 -21.74 -1.72
N HIS F 145 45.95 -21.45 -1.01
CA HIS F 145 46.72 -20.24 -1.20
C HIS F 145 47.70 -20.40 -2.37
N MET F 146 48.08 -19.27 -2.95
CA MET F 146 49.05 -19.27 -4.04
C MET F 146 49.66 -17.88 -4.14
N ASP F 147 50.95 -17.76 -3.82
CA ASP F 147 51.62 -16.49 -4.01
C ASP F 147 51.71 -16.11 -5.48
N GLY F 148 51.63 -17.09 -6.38
CA GLY F 148 51.58 -16.78 -7.80
C GLY F 148 50.28 -16.15 -8.23
N GLY F 149 49.27 -16.16 -7.37
CA GLY F 149 47.99 -15.56 -7.69
C GLY F 149 47.37 -16.20 -8.91
N SER F 150 47.32 -15.45 -10.02
CA SER F 150 46.80 -15.96 -11.27
C SER F 150 47.79 -15.65 -12.39
N LEU F 151 47.43 -16.01 -13.62
CA LEU F 151 48.33 -15.79 -14.74
C LEU F 151 48.23 -14.40 -15.33
N ASP F 152 47.09 -13.74 -15.17
CA ASP F 152 46.87 -12.46 -15.85
C ASP F 152 47.87 -11.41 -15.37
N GLN F 153 47.95 -11.20 -14.07
CA GLN F 153 48.82 -10.14 -13.57
C GLN F 153 50.28 -10.51 -13.74
N VAL F 154 50.61 -11.79 -13.61
CA VAL F 154 52.00 -12.19 -13.72
C VAL F 154 52.48 -12.03 -15.16
N LEU F 155 51.59 -12.28 -16.13
CA LEU F 155 51.97 -12.02 -17.51
C LEU F 155 52.01 -10.53 -17.79
N LYS F 156 51.12 -9.76 -17.14
CA LYS F 156 51.14 -8.31 -17.33
C LYS F 156 52.43 -7.70 -16.82
N LYS F 157 52.91 -8.15 -15.66
CA LYS F 157 54.15 -7.62 -15.11
C LYS F 157 55.36 -8.11 -15.89
N ALA F 158 55.41 -9.41 -16.20
CA ALA F 158 56.55 -9.98 -16.89
C ALA F 158 56.53 -9.76 -18.39
N GLY F 159 55.38 -9.37 -18.96
CA GLY F 159 55.30 -9.19 -20.39
C GLY F 159 54.91 -10.48 -21.11
N ARG F 160 55.90 -11.17 -21.65
CA ARG F 160 55.69 -12.36 -22.46
C ARG F 160 56.31 -13.57 -21.77
N ILE F 161 56.14 -14.74 -22.38
CA ILE F 161 56.57 -16.00 -21.75
C ILE F 161 57.29 -16.88 -22.76
N PRO F 162 58.42 -17.49 -22.40
CA PRO F 162 59.15 -18.33 -23.34
C PRO F 162 58.44 -19.65 -23.60
N GLU F 163 58.97 -20.37 -24.60
CA GLU F 163 58.33 -21.60 -25.06
C GLU F 163 58.27 -22.66 -23.98
N GLN F 164 59.36 -22.80 -23.22
CA GLN F 164 59.46 -23.89 -22.24
C GLN F 164 58.36 -23.78 -21.18
N ILE F 165 58.19 -22.57 -20.63
CA ILE F 165 57.18 -22.37 -19.59
C ILE F 165 55.79 -22.65 -20.16
N LEU F 166 55.54 -22.18 -21.39
CA LEU F 166 54.24 -22.43 -22.01
C LEU F 166 53.99 -23.92 -22.19
N GLY F 167 55.00 -24.66 -22.64
CA GLY F 167 54.81 -26.09 -22.82
C GLY F 167 54.54 -26.82 -21.52
N LYS F 168 55.25 -26.43 -20.46
CA LYS F 168 55.01 -27.06 -19.17
C LYS F 168 53.61 -26.73 -18.65
N VAL F 169 53.16 -25.49 -18.84
CA VAL F 169 51.80 -25.14 -18.47
C VAL F 169 50.80 -25.96 -19.29
N SER F 170 51.12 -26.17 -20.56
CA SER F 170 50.22 -26.93 -21.44
C SER F 170 50.07 -28.36 -20.96
N ILE F 171 51.19 -29.00 -20.63
CA ILE F 171 51.08 -30.38 -20.13
C ILE F 171 50.37 -30.40 -18.79
N ALA F 172 50.60 -29.39 -17.95
CA ALA F 172 49.91 -29.32 -16.67
C ALA F 172 48.40 -29.27 -16.87
N VAL F 173 47.93 -28.34 -17.70
CA VAL F 173 46.50 -28.19 -17.89
C VAL F 173 45.92 -29.40 -18.60
N ILE F 174 46.67 -29.98 -19.55
CA ILE F 174 46.18 -31.16 -20.25
C ILE F 174 45.96 -32.30 -19.28
N LYS F 175 46.95 -32.61 -18.46
CA LYS F 175 46.80 -33.73 -17.55
C LYS F 175 45.80 -33.42 -16.45
N GLY F 176 45.66 -32.16 -16.05
CA GLY F 176 44.64 -31.82 -15.08
C GLY F 176 43.23 -32.02 -15.62
N LEU F 177 42.99 -31.59 -16.85
CA LEU F 177 41.67 -31.80 -17.43
C LEU F 177 41.41 -33.26 -17.73
N THR F 178 42.45 -34.04 -18.07
CA THR F 178 42.24 -35.48 -18.20
C THR F 178 41.95 -36.13 -16.86
N TYR F 179 42.63 -35.68 -15.80
CA TYR F 179 42.31 -36.13 -14.45
C TYR F 179 40.85 -35.86 -14.13
N LEU F 180 40.38 -34.65 -14.47
CA LEU F 180 38.97 -34.32 -14.31
C LEU F 180 38.08 -35.29 -15.10
N ARG F 181 38.40 -35.46 -16.39
CA ARG F 181 37.57 -36.28 -17.26
C ARG F 181 37.55 -37.73 -16.84
N GLU F 182 38.57 -38.20 -16.14
CA GLU F 182 38.62 -39.59 -15.69
C GLU F 182 38.11 -39.79 -14.27
N LYS F 183 38.05 -38.73 -13.46
CA LYS F 183 37.60 -38.83 -12.08
C LYS F 183 36.17 -38.32 -11.89
N HIS F 184 35.92 -37.06 -12.23
CA HIS F 184 34.63 -36.45 -11.97
C HIS F 184 33.66 -36.58 -13.14
N LYS F 185 34.10 -37.18 -14.25
CA LYS F 185 33.24 -37.45 -15.39
C LYS F 185 32.55 -36.18 -15.90
N ILE F 186 33.22 -35.04 -15.77
CA ILE F 186 32.64 -33.76 -16.16
C ILE F 186 33.70 -32.94 -16.89
N MET F 187 33.22 -32.15 -17.85
CA MET F 187 34.09 -31.29 -18.64
C MET F 187 34.38 -29.99 -17.89
N HIS F 188 35.37 -29.25 -18.38
CA HIS F 188 35.74 -28.00 -17.74
C HIS F 188 34.60 -26.97 -17.78
N ARG F 189 33.94 -26.87 -18.93
CA ARG F 189 32.80 -25.97 -19.14
C ARG F 189 33.26 -24.52 -19.18
N ASP F 190 34.53 -24.28 -18.85
CA ASP F 190 35.16 -22.98 -18.97
C ASP F 190 36.65 -23.14 -18.73
N VAL F 191 37.46 -22.51 -19.57
CA VAL F 191 38.91 -22.45 -19.40
C VAL F 191 39.34 -21.01 -19.60
N LYS F 192 40.21 -20.51 -18.71
CA LYS F 192 40.58 -19.11 -18.83
C LYS F 192 41.95 -18.90 -18.21
N PRO F 193 42.81 -18.09 -18.85
CA PRO F 193 44.15 -17.88 -18.30
C PRO F 193 44.17 -17.33 -16.90
N SER F 194 43.21 -16.48 -16.53
CA SER F 194 43.13 -16.07 -15.14
C SER F 194 42.82 -17.25 -14.24
N ASN F 195 42.13 -18.27 -14.77
CA ASN F 195 41.92 -19.51 -14.03
C ASN F 195 43.15 -20.41 -14.05
N ILE F 196 44.18 -20.09 -14.83
CA ILE F 196 45.45 -20.78 -14.77
C ILE F 196 46.34 -20.05 -13.77
N LEU F 197 47.05 -20.81 -12.95
CA LEU F 197 47.77 -20.25 -11.82
C LEU F 197 48.78 -21.26 -11.30
N VAL F 198 49.96 -20.78 -10.92
CA VAL F 198 51.10 -21.61 -10.56
C VAL F 198 51.44 -21.36 -9.09
N ASN F 199 51.71 -22.45 -8.36
CA ASN F 199 52.01 -22.35 -6.94
C ASN F 199 53.31 -21.61 -6.71
N SER F 200 53.43 -21.00 -5.53
CA SER F 200 54.64 -20.29 -5.17
C SER F 200 55.87 -21.18 -5.26
N ARG F 201 55.72 -22.46 -4.91
CA ARG F 201 56.80 -23.42 -5.08
C ARG F 201 56.86 -24.00 -6.49
N GLY F 202 55.95 -23.60 -7.36
CA GLY F 202 56.06 -23.97 -8.76
C GLY F 202 55.19 -25.11 -9.22
N GLU F 203 53.90 -25.09 -8.88
CA GLU F 203 52.97 -26.12 -9.30
C GLU F 203 51.72 -25.48 -9.89
N ILE F 204 51.34 -25.92 -11.08
CA ILE F 204 50.15 -25.41 -11.76
C ILE F 204 48.92 -26.04 -11.12
N LYS F 205 48.03 -25.21 -10.61
CA LYS F 205 46.93 -25.63 -9.74
C LYS F 205 45.60 -25.12 -10.28
N LEU F 206 45.34 -25.40 -11.56
CA LEU F 206 44.11 -24.95 -12.22
C LEU F 206 42.88 -25.26 -11.38
N CYS F 207 41.94 -24.32 -11.35
CA CYS F 207 40.83 -24.36 -10.39
C CYS F 207 39.53 -23.97 -11.08
N ASP F 208 38.47 -23.87 -10.28
CA ASP F 208 37.15 -23.35 -10.64
C ASP F 208 36.65 -23.96 -11.95
N PHE F 209 36.37 -25.25 -11.88
CA PHE F 209 35.83 -25.97 -13.03
C PHE F 209 34.33 -25.72 -13.13
N GLY F 210 33.75 -26.18 -14.22
CA GLY F 210 32.30 -26.14 -14.36
C GLY F 210 31.64 -27.37 -13.79
N VAL F 211 32.12 -27.79 -12.62
CA VAL F 211 31.66 -29.04 -12.03
C VAL F 211 30.20 -28.96 -11.60
N SER F 212 29.82 -27.84 -10.99
CA SER F 212 28.48 -27.70 -10.41
C SER F 212 27.54 -27.08 -11.43
N GLY F 213 26.48 -27.80 -11.78
CA GLY F 213 25.56 -27.28 -12.77
C GLY F 213 24.82 -26.05 -12.29
N GLN F 214 24.38 -26.06 -11.02
CA GLN F 214 23.57 -24.95 -10.52
C GLN F 214 24.37 -23.66 -10.43
N LEU F 215 25.66 -23.74 -10.09
CA LEU F 215 26.50 -22.55 -10.12
C LEU F 215 26.60 -21.99 -11.52
N ILE F 216 26.76 -22.86 -12.51
CA ILE F 216 26.80 -22.40 -13.89
C ILE F 216 25.47 -21.77 -14.28
N ASP F 217 24.37 -22.36 -13.79
CA ASP F 217 23.06 -21.79 -14.05
C ASP F 217 22.92 -20.39 -13.47
N ALA F 218 23.41 -20.19 -12.25
CA ALA F 218 23.40 -18.85 -11.67
C ALA F 218 24.29 -17.92 -12.47
N MET F 219 25.46 -18.40 -12.90
CA MET F 219 26.37 -17.58 -13.68
C MET F 219 25.87 -17.33 -15.10
N ALA F 220 24.79 -18.00 -15.53
CA ALA F 220 24.15 -17.61 -16.77
C ALA F 220 23.76 -16.14 -16.74
N ASN F 221 23.13 -15.71 -15.65
CA ASN F 221 22.85 -14.30 -15.40
C ASN F 221 24.06 -13.72 -14.68
N ALA F 222 24.95 -13.09 -15.43
CA ALA F 222 26.18 -12.57 -14.84
C ALA F 222 26.69 -11.41 -15.70
N PHE F 223 27.93 -11.01 -15.44
CA PHE F 223 28.56 -9.87 -16.10
C PHE F 223 28.83 -10.23 -17.56
N VAL F 224 29.47 -9.30 -18.27
CA VAL F 224 29.90 -9.55 -19.64
C VAL F 224 31.39 -9.85 -19.64
N GLY F 225 31.78 -10.88 -20.38
CA GLY F 225 33.18 -11.26 -20.45
C GLY F 225 33.97 -10.38 -21.39
N THR F 226 35.02 -9.75 -20.86
CA THR F 226 35.82 -8.83 -21.67
C THR F 226 36.47 -9.55 -22.84
N ARG F 227 36.98 -10.76 -22.60
CA ARG F 227 37.58 -11.57 -23.66
C ARG F 227 37.18 -13.02 -23.40
N SER F 228 36.12 -13.46 -24.04
CA SER F 228 35.62 -14.83 -23.85
C SER F 228 36.39 -15.77 -24.77
N TYR F 229 37.46 -16.35 -24.22
CA TYR F 229 38.28 -17.31 -24.94
C TYR F 229 37.46 -18.61 -25.03
N MET F 230 36.62 -18.68 -26.06
CA MET F 230 35.54 -19.65 -26.10
C MET F 230 35.51 -20.31 -27.47
N SER F 231 35.19 -21.59 -27.51
CA SER F 231 35.17 -22.32 -28.77
C SER F 231 33.94 -21.96 -29.59
N PRO F 232 34.11 -21.50 -30.83
CA PRO F 232 32.96 -21.06 -31.63
C PRO F 232 31.94 -22.16 -31.88
N GLU F 233 32.37 -23.43 -31.93
CA GLU F 233 31.42 -24.50 -32.17
C GLU F 233 30.47 -24.67 -31.00
N ARG F 234 30.98 -24.54 -29.78
CA ARG F 234 30.11 -24.61 -28.62
C ARG F 234 29.27 -23.34 -28.50
N LEU F 235 29.67 -22.27 -29.16
CA LEU F 235 28.88 -21.04 -29.19
C LEU F 235 27.68 -21.17 -30.12
N GLN F 236 27.95 -21.38 -31.41
CA GLN F 236 26.88 -21.34 -32.41
C GLN F 236 25.88 -22.48 -32.20
N GLY F 237 26.38 -23.70 -32.08
CA GLY F 237 25.53 -24.88 -31.99
C GLY F 237 25.51 -25.43 -30.58
N THR F 238 24.33 -25.84 -30.12
CA THR F 238 24.16 -26.42 -28.79
C THR F 238 24.76 -27.82 -28.70
N HIS F 239 25.17 -28.40 -29.82
CA HIS F 239 25.96 -29.63 -29.81
C HIS F 239 27.39 -29.27 -29.41
N TYR F 240 27.82 -29.76 -28.24
CA TYR F 240 29.12 -29.40 -27.70
C TYR F 240 29.85 -30.65 -27.25
N SER F 241 31.17 -30.56 -27.20
CA SER F 241 31.99 -31.70 -26.84
C SER F 241 33.24 -31.22 -26.11
N VAL F 242 34.00 -32.19 -25.58
CA VAL F 242 35.22 -31.88 -24.86
C VAL F 242 36.22 -31.19 -25.77
N GLN F 243 36.21 -31.54 -27.05
CA GLN F 243 37.11 -30.90 -28.01
C GLN F 243 36.91 -29.39 -28.02
N SER F 244 35.70 -28.92 -27.69
CA SER F 244 35.46 -27.49 -27.57
C SER F 244 36.26 -26.88 -26.42
N ASP F 245 36.25 -27.53 -25.25
CA ASP F 245 37.06 -27.05 -24.15
C ASP F 245 38.54 -27.13 -24.50
N ILE F 246 38.92 -28.13 -25.28
CA ILE F 246 40.31 -28.26 -25.71
C ILE F 246 40.70 -27.08 -26.61
N TRP F 247 39.80 -26.69 -27.50
CA TRP F 247 40.04 -25.49 -28.31
C TRP F 247 40.14 -24.26 -27.43
N SER F 248 39.31 -24.18 -26.40
CA SER F 248 39.38 -23.05 -25.47
C SER F 248 40.74 -22.99 -24.79
N MET F 249 41.23 -24.13 -24.31
CA MET F 249 42.53 -24.14 -23.64
C MET F 249 43.66 -23.86 -24.62
N GLY F 250 43.54 -24.31 -25.86
CA GLY F 250 44.52 -23.92 -26.86
C GLY F 250 44.56 -22.42 -27.05
N LEU F 251 43.38 -21.78 -27.10
CA LEU F 251 43.35 -20.33 -27.21
C LEU F 251 43.99 -19.68 -25.99
N SER F 252 43.73 -20.23 -24.80
CA SER F 252 44.33 -19.67 -23.59
C SER F 252 45.85 -19.76 -23.66
N LEU F 253 46.36 -20.90 -24.15
CA LEU F 253 47.81 -21.05 -24.30
C LEU F 253 48.37 -20.04 -25.29
N VAL F 254 47.67 -19.84 -26.40
CA VAL F 254 48.13 -18.86 -27.38
C VAL F 254 48.15 -17.47 -26.77
N GLU F 255 47.11 -17.12 -26.02
CA GLU F 255 47.03 -15.80 -25.41
C GLU F 255 48.16 -15.59 -24.43
N MET F 256 48.42 -16.59 -23.58
CA MET F 256 49.51 -16.43 -22.62
C MET F 256 50.86 -16.41 -23.33
N ALA F 257 50.96 -17.06 -24.48
CA ALA F 257 52.18 -16.97 -25.27
C ALA F 257 52.40 -15.56 -25.79
N VAL F 258 51.41 -15.00 -26.48
CA VAL F 258 51.58 -13.69 -27.09
C VAL F 258 51.61 -12.59 -26.04
N GLY F 259 50.80 -12.70 -24.99
CA GLY F 259 50.68 -11.65 -24.00
C GLY F 259 49.60 -10.64 -24.27
N ARG F 260 48.71 -10.89 -25.21
CA ARG F 260 47.59 -10.00 -25.49
C ARG F 260 46.44 -10.82 -26.04
N TYR F 261 45.25 -10.23 -26.02
CA TYR F 261 44.09 -10.93 -26.55
C TYR F 261 44.30 -11.24 -28.03
N PRO F 262 43.90 -12.41 -28.49
CA PRO F 262 44.03 -12.71 -29.92
C PRO F 262 43.10 -11.86 -30.79
N ILE F 263 43.41 -10.57 -30.87
CA ILE F 263 42.92 -9.70 -31.94
C ILE F 263 43.65 -10.17 -33.19
N PRO F 264 43.16 -9.86 -34.39
CA PRO F 264 43.94 -10.13 -35.61
C PRO F 264 45.40 -9.74 -35.42
N PRO F 265 46.32 -10.46 -36.06
CA PRO F 265 47.75 -10.30 -35.76
C PRO F 265 48.18 -8.84 -35.78
N PRO F 266 48.82 -8.38 -34.71
CA PRO F 266 49.20 -6.96 -34.64
C PRO F 266 50.38 -6.60 -35.53
N ASP F 267 50.87 -5.37 -35.37
CA ASP F 267 51.95 -4.88 -36.21
C ASP F 267 53.20 -5.74 -36.06
N ALA F 268 54.00 -5.78 -37.13
CA ALA F 268 55.29 -6.45 -37.08
C ALA F 268 56.22 -5.82 -36.07
N LYS F 269 55.98 -4.56 -35.69
CA LYS F 269 56.75 -3.93 -34.65
C LYS F 269 56.61 -4.67 -33.33
N GLU F 270 55.37 -4.92 -32.90
CA GLU F 270 55.14 -5.59 -31.63
C GLU F 270 55.68 -7.02 -31.65
N LEU F 271 55.54 -7.71 -32.78
CA LEU F 271 56.09 -9.06 -32.89
C LEU F 271 57.62 -9.03 -32.81
N GLU F 272 58.26 -8.05 -33.46
CA GLU F 272 59.70 -7.92 -33.35
C GLU F 272 60.12 -7.56 -31.93
N LEU F 273 59.23 -6.92 -31.17
CA LEU F 273 59.50 -6.58 -29.78
C LEU F 273 59.55 -7.80 -28.87
N MET F 274 59.15 -8.97 -29.36
CA MET F 274 59.25 -10.21 -28.59
C MET F 274 59.76 -11.35 -29.45
N PRO F 307 39.03 -2.40 -25.75
CA PRO F 307 38.30 -1.26 -26.32
C PRO F 307 37.27 -1.71 -27.35
N MET F 308 37.59 -2.78 -28.07
CA MET F 308 36.69 -3.36 -29.04
C MET F 308 35.55 -4.10 -28.34
N ALA F 309 34.36 -4.02 -28.92
CA ALA F 309 33.16 -4.56 -28.29
C ALA F 309 33.18 -6.09 -28.27
N ILE F 310 32.49 -6.64 -27.27
CA ILE F 310 32.51 -8.08 -27.08
C ILE F 310 31.85 -8.81 -28.25
N PHE F 311 30.73 -8.27 -28.74
CA PHE F 311 29.96 -9.02 -29.73
C PHE F 311 30.73 -9.16 -31.05
N GLU F 312 31.37 -8.09 -31.50
CA GLU F 312 32.15 -8.21 -32.73
C GLU F 312 33.39 -9.08 -32.53
N LEU F 313 33.93 -9.13 -31.32
CA LEU F 313 35.00 -10.09 -31.03
C LEU F 313 34.49 -11.51 -31.18
N LEU F 314 33.30 -11.78 -30.66
CA LEU F 314 32.71 -13.10 -30.82
C LEU F 314 32.47 -13.40 -32.29
N ASP F 315 32.04 -12.41 -33.05
CA ASP F 315 31.86 -12.57 -34.49
C ASP F 315 33.17 -12.91 -35.16
N TYR F 316 34.24 -12.22 -34.77
CA TYR F 316 35.57 -12.52 -35.31
C TYR F 316 35.97 -13.96 -35.01
N ILE F 317 35.71 -14.41 -33.80
CA ILE F 317 36.06 -15.78 -33.44
C ILE F 317 35.27 -16.77 -34.28
N VAL F 318 33.97 -16.55 -34.41
CA VAL F 318 33.14 -17.53 -35.10
C VAL F 318 33.41 -17.53 -36.60
N ASN F 319 33.79 -16.38 -37.17
CA ASN F 319 33.88 -16.25 -38.61
C ASN F 319 35.32 -16.37 -39.10
N GLU F 320 36.20 -15.50 -38.62
CA GLU F 320 37.58 -15.50 -39.07
C GLU F 320 38.33 -16.70 -38.50
N PRO F 321 39.39 -17.14 -39.18
CA PRO F 321 40.16 -18.27 -38.66
C PRO F 321 40.85 -17.89 -37.36
N PRO F 322 41.10 -18.87 -36.48
CA PRO F 322 41.86 -18.58 -35.27
C PRO F 322 43.24 -18.04 -35.63
N PRO F 323 43.78 -17.14 -34.82
CA PRO F 323 45.05 -16.50 -35.17
C PRO F 323 46.18 -17.51 -35.23
N LYS F 324 47.11 -17.27 -36.16
CA LYS F 324 48.26 -18.12 -36.34
C LYS F 324 49.40 -17.67 -35.43
N LEU F 325 50.39 -18.55 -35.28
CA LEU F 325 51.53 -18.27 -34.42
C LEU F 325 52.76 -18.05 -35.29
N PRO F 326 53.42 -16.89 -35.17
CA PRO F 326 54.60 -16.64 -36.00
C PRO F 326 55.72 -17.61 -35.68
N SER F 327 56.50 -17.95 -36.72
CA SER F 327 57.61 -18.88 -36.57
C SER F 327 58.92 -18.19 -36.18
N GLY F 328 58.95 -16.86 -36.17
CA GLY F 328 60.14 -16.14 -35.76
C GLY F 328 60.33 -15.98 -34.28
N VAL F 329 59.34 -16.38 -33.48
CA VAL F 329 59.43 -16.26 -32.03
C VAL F 329 58.98 -17.55 -31.35
N PHE F 330 58.44 -18.48 -32.14
CA PHE F 330 57.96 -19.76 -31.61
C PHE F 330 58.52 -20.90 -32.42
N SER F 331 58.89 -21.98 -31.73
CA SER F 331 59.41 -23.17 -32.41
C SER F 331 58.35 -23.77 -33.31
N LEU F 332 58.80 -24.35 -34.43
CA LEU F 332 57.87 -24.82 -35.46
C LEU F 332 56.93 -25.88 -34.91
N GLU F 333 57.45 -26.83 -34.16
CA GLU F 333 56.58 -27.86 -33.58
C GLU F 333 55.56 -27.26 -32.64
N PHE F 334 55.98 -26.29 -31.81
CA PHE F 334 55.07 -25.69 -30.85
C PHE F 334 53.90 -25.01 -31.55
N GLN F 335 54.20 -24.13 -32.51
CA GLN F 335 53.14 -23.42 -33.19
C GLN F 335 52.27 -24.37 -34.01
N ASP F 336 52.88 -25.34 -34.68
CA ASP F 336 52.09 -26.29 -35.46
C ASP F 336 51.11 -27.03 -34.57
N PHE F 337 51.58 -27.47 -33.41
CA PHE F 337 50.76 -28.31 -32.55
C PHE F 337 49.67 -27.47 -31.87
N VAL F 338 49.99 -26.24 -31.48
CA VAL F 338 48.97 -25.39 -30.88
C VAL F 338 47.92 -25.00 -31.92
N ASN F 339 48.33 -24.80 -33.18
CA ASN F 339 47.36 -24.55 -34.23
C ASN F 339 46.47 -25.76 -34.43
N LYS F 340 47.06 -26.97 -34.45
CA LYS F 340 46.26 -28.18 -34.55
C LYS F 340 45.24 -28.24 -33.42
N CYS F 341 45.65 -27.91 -32.21
CA CYS F 341 44.73 -27.83 -31.09
C CYS F 341 43.71 -26.72 -31.26
N LEU F 342 43.98 -25.73 -32.11
CA LEU F 342 43.13 -24.56 -32.25
C LEU F 342 42.25 -24.58 -33.49
N ILE F 343 42.17 -25.71 -34.20
CA ILE F 343 41.39 -25.74 -35.44
C ILE F 343 39.90 -25.70 -35.10
N LYS F 344 39.15 -24.93 -35.89
CA LYS F 344 37.72 -24.78 -35.67
C LYS F 344 36.95 -26.06 -35.96
N ASN F 345 37.39 -26.82 -36.96
CA ASN F 345 36.70 -28.07 -37.29
C ASN F 345 36.99 -29.11 -36.22
N PRO F 346 35.97 -29.65 -35.55
CA PRO F 346 36.22 -30.64 -34.49
C PRO F 346 36.86 -31.93 -34.99
N ALA F 347 36.81 -32.19 -36.30
CA ALA F 347 37.35 -33.44 -36.83
C ALA F 347 38.84 -33.57 -36.57
N GLU F 348 39.59 -32.47 -36.76
CA GLU F 348 41.03 -32.46 -36.57
C GLU F 348 41.44 -31.73 -35.29
N ARG F 349 40.50 -31.52 -34.38
CA ARG F 349 40.86 -30.99 -33.07
C ARG F 349 41.68 -32.02 -32.30
N ALA F 350 42.65 -31.52 -31.54
CA ALA F 350 43.60 -32.39 -30.84
C ALA F 350 42.90 -33.01 -29.62
N ASP F 351 42.38 -34.21 -29.79
CA ASP F 351 41.85 -34.96 -28.67
C ASP F 351 42.97 -35.32 -27.69
N LEU F 352 42.58 -35.86 -26.54
CA LEU F 352 43.52 -36.07 -25.45
C LEU F 352 44.69 -36.96 -25.87
N LYS F 353 44.41 -38.03 -26.61
CA LYS F 353 45.47 -38.93 -27.02
C LYS F 353 46.49 -38.21 -27.90
N GLN F 354 46.03 -37.57 -28.97
CA GLN F 354 46.98 -36.84 -29.79
C GLN F 354 47.49 -35.59 -29.09
N LEU F 355 46.84 -35.15 -28.01
CA LEU F 355 47.44 -34.12 -27.17
C LEU F 355 48.71 -34.62 -26.48
N MET F 356 48.67 -35.84 -25.95
CA MET F 356 49.88 -36.38 -25.34
C MET F 356 50.88 -36.84 -26.40
N VAL F 357 50.40 -37.12 -27.61
CA VAL F 357 51.30 -37.58 -28.68
C VAL F 357 52.34 -36.52 -29.02
N HIS F 358 52.01 -35.24 -28.85
CA HIS F 358 52.84 -34.17 -29.38
C HIS F 358 54.26 -34.27 -28.87
N ALA F 359 55.22 -34.04 -29.77
CA ALA F 359 56.63 -34.10 -29.40
C ALA F 359 56.99 -33.02 -28.38
N PHE F 360 56.46 -31.81 -28.56
CA PHE F 360 56.77 -30.73 -27.61
C PHE F 360 56.22 -31.05 -26.22
N ILE F 361 55.18 -31.86 -26.12
CA ILE F 361 54.76 -32.38 -24.83
C ILE F 361 55.89 -33.17 -24.19
N LYS F 362 56.54 -34.02 -24.98
CA LYS F 362 57.68 -34.78 -24.49
C LYS F 362 58.83 -33.87 -24.13
N ARG F 363 59.04 -32.80 -24.90
CA ARG F 363 60.12 -31.86 -24.57
C ARG F 363 59.85 -31.15 -23.25
N SER F 364 58.60 -30.75 -23.02
CA SER F 364 58.25 -30.13 -21.75
C SER F 364 58.41 -31.10 -20.59
N ASP F 365 58.03 -32.36 -20.79
CA ASP F 365 58.27 -33.36 -19.75
C ASP F 365 59.76 -33.54 -19.49
N ALA F 366 60.57 -33.58 -20.55
CA ALA F 366 62.00 -33.80 -20.41
C ALA F 366 62.74 -32.56 -19.93
N GLU F 367 62.29 -31.38 -20.33
CA GLU F 367 62.99 -30.16 -19.94
C GLU F 367 62.83 -29.90 -18.45
N GLU F 368 63.73 -29.07 -17.93
CA GLU F 368 63.72 -28.67 -16.53
C GLU F 368 63.41 -27.18 -16.47
N VAL F 369 62.24 -26.84 -15.95
CA VAL F 369 61.84 -25.45 -15.75
C VAL F 369 61.21 -25.35 -14.36
N ASP F 370 61.93 -24.72 -13.43
CA ASP F 370 61.43 -24.53 -12.07
C ASP F 370 60.55 -23.28 -12.06
N PHE F 371 59.23 -23.49 -11.99
CA PHE F 371 58.29 -22.37 -11.99
C PHE F 371 58.59 -21.40 -10.87
N ALA F 372 59.07 -21.89 -9.73
CA ALA F 372 59.39 -21.02 -8.62
C ALA F 372 60.51 -20.04 -8.98
N GLY F 373 61.53 -20.50 -9.70
CA GLY F 373 62.62 -19.62 -10.05
C GLY F 373 62.19 -18.49 -10.97
N TRP F 374 61.42 -18.82 -12.01
CA TRP F 374 60.93 -17.79 -12.91
C TRP F 374 59.91 -16.89 -12.24
N LEU F 375 59.16 -17.42 -11.28
CA LEU F 375 58.23 -16.59 -10.53
C LEU F 375 58.97 -15.58 -9.67
N CYS F 376 60.00 -16.03 -8.95
CA CYS F 376 60.79 -15.11 -8.13
C CYS F 376 61.49 -14.08 -9.00
N SER F 377 61.97 -14.50 -10.17
CA SER F 377 62.51 -13.53 -11.13
C SER F 377 61.44 -12.54 -11.54
N THR F 378 60.20 -13.00 -11.68
CA THR F 378 59.08 -12.10 -11.88
C THR F 378 58.68 -11.41 -10.59
N ILE F 379 58.93 -12.05 -9.45
CA ILE F 379 58.60 -11.47 -8.15
C ILE F 379 59.82 -10.77 -7.56
C1 29L G . -4.46 19.21 -1.68
C2 29L G . -3.28 19.91 -1.86
C3 29L G . -2.62 19.80 -3.08
C4 29L G . -3.14 19.00 -4.10
C5 29L G . -4.33 18.31 -3.89
C6 29L G . -4.97 18.38 -2.67
C7 29L G . -6.24 17.68 -2.45
C8 29L G . -7.32 18.31 -1.89
N9 29L G . -8.33 17.43 -1.81
N10 29L G . -7.94 16.21 -2.28
C11 29L G . -6.67 16.36 -2.67
C12 29L G . -5.96 15.20 -3.23
C13 29L G . -4.63 15.25 -3.61
C14 29L G . -4.02 14.13 -4.14
N15 29L G . -4.64 12.96 -4.30
C16 29L G . -5.91 12.91 -3.93
C17 29L G . -6.60 13.97 -3.40
C18 29L G . -9.68 17.64 -1.30
C19 29L G . -9.83 18.99 -0.66
O20 29L G . -11.19 19.27 -0.40
C21 29L G . -2.27 19.04 -5.32
C22 29L G . -1.17 20.05 -4.97
C23 29L G . -1.38 20.43 -3.54
N24 29L G . -0.59 21.20 -2.89
O25 29L G . 0.50 21.61 -3.68
C1 29L H . 18.92 -0.25 -6.05
C2 29L H . 19.18 1.00 -6.59
C3 29L H . 19.27 2.09 -5.74
C4 29L H . 19.11 1.93 -4.37
C5 29L H . 18.84 0.67 -3.83
C6 29L H . 18.72 -0.42 -4.68
C7 29L H . 18.48 -1.77 -4.13
C8 29L H . 19.21 -2.85 -4.56
N9 29L H . 18.78 -3.92 -3.89
N10 29L H . 17.77 -3.59 -3.03
C11 29L H . 17.59 -2.28 -3.18
C12 29L H . 16.54 -1.61 -2.38
C13 29L H . 16.23 -0.26 -2.52
C14 29L H . 15.25 0.29 -1.74
N15 29L H . 14.53 -0.38 -0.85
C16 29L H . 14.82 -1.68 -0.73
C17 29L H . 15.79 -2.33 -1.46
C18 29L H . 19.25 -5.30 -3.97
C19 29L H . 20.72 -5.37 -4.29
O20 29L H . 21.18 -6.71 -4.25
C21 29L H . 19.25 3.24 -3.64
C22 29L H . 19.59 4.26 -4.74
C23 29L H . 19.53 3.51 -6.03
N24 29L H . 19.71 4.06 -7.18
O25 29L H . 19.96 5.44 -7.04
#